data_3A9C
#
_entry.id   3A9C
#
_cell.length_a   117.313
_cell.length_b   130.615
_cell.length_c   132.672
_cell.angle_alpha   90.00
_cell.angle_beta   90.00
_cell.angle_gamma   90.00
#
_symmetry.space_group_name_H-M   'P 21 21 21'
#
loop_
_entity.id
_entity.type
_entity.pdbx_description
1 polymer 'Translation initiation factor eIF-2B, delta subunit'
2 non-polymer RIBULOSE-1,5-DIPHOSPHATE
3 non-polymer DI(HYDROXYETHYL)ETHER
4 non-polymer 'MAGNESIUM ION'
5 water water
#
_entity_poly.entity_id   1
_entity_poly.type   'polypeptide(L)'
_entity_poly.pdbx_seq_one_letter_code
;MNHKVHHHHHHIEGRHMAVVKEVLEIAEKIKNMEIRGAGKIARSAAYALQLQAEKSKATNVDEFWKEMKQAAKILFETRP
TAVSLPNALRYVMHRGKIAYSSGADLEQLRFVIINAAKEFIHNSEKALERIGEFGAKRIEDGDVIMTH(CSD)HSKAAIS
VMKTAWEQGKDIKVIVTETRPKWQGKITAKELASYGIPVIYVVDSAARHYMKMTDKVVMGADSITVNGAVINKIGTALIA
LTAKEHRVWTMIAAETYKFHPETMLGQLVEIEMRDPTEVIPEDELKTWPKNIEVWNPAFDVTPPEYVDVIITERGIIPPY
AAIDILREEFGWALKYTEPWED
;
_entity_poly.pdbx_strand_id   A,B,C,D,E,F
#
# COMPACT_ATOMS: atom_id res chain seq x y z
N VAL A 19 13.63 51.83 -24.20
CA VAL A 19 12.21 51.63 -23.74
C VAL A 19 11.65 52.93 -23.17
N VAL A 20 10.33 52.96 -23.01
CA VAL A 20 9.66 54.12 -22.47
C VAL A 20 10.19 54.44 -21.07
N LYS A 21 9.73 55.56 -20.52
CA LYS A 21 10.13 56.03 -19.21
C LYS A 21 9.42 55.23 -18.11
N GLU A 22 8.11 55.12 -18.23
CA GLU A 22 7.27 54.42 -17.27
C GLU A 22 7.73 52.99 -16.98
N VAL A 23 8.04 52.23 -18.03
CA VAL A 23 8.50 50.85 -17.87
C VAL A 23 9.58 50.76 -16.81
N LEU A 24 10.63 51.55 -17.00
CA LEU A 24 11.78 51.60 -16.11
C LEU A 24 11.47 51.89 -14.64
N GLU A 25 10.52 52.79 -14.38
CA GLU A 25 10.18 53.13 -13.00
C GLU A 25 9.31 52.09 -12.30
N ILE A 26 8.87 51.08 -13.05
CA ILE A 26 8.06 50.00 -12.49
C ILE A 26 8.98 48.80 -12.35
N ALA A 27 9.87 48.63 -13.32
CA ALA A 27 10.81 47.52 -13.33
C ALA A 27 11.72 47.61 -12.11
N GLU A 28 12.05 48.84 -11.69
CA GLU A 28 12.91 49.01 -10.53
C GLU A 28 12.09 48.86 -9.25
N LYS A 29 10.79 49.13 -9.35
CA LYS A 29 9.91 48.97 -8.20
C LYS A 29 9.66 47.48 -7.99
N ILE A 30 10.26 46.66 -8.85
CA ILE A 30 10.14 45.21 -8.77
C ILE A 30 11.47 44.62 -8.33
N LYS A 31 12.56 45.18 -8.85
CA LYS A 31 13.90 44.72 -8.48
C LYS A 31 14.16 45.14 -7.03
N ASN A 32 13.54 46.24 -6.64
CA ASN A 32 13.67 46.76 -5.28
C ASN A 32 12.55 46.23 -4.41
N MET A 33 11.84 45.23 -4.91
CA MET A 33 10.73 44.64 -4.17
C MET A 33 9.80 45.69 -3.59
N GLU A 34 9.80 46.89 -4.18
CA GLU A 34 8.94 47.97 -3.72
C GLU A 34 7.52 47.48 -3.97
N ILE A 35 7.41 46.53 -4.89
CA ILE A 35 6.14 45.93 -5.28
C ILE A 35 6.18 44.44 -4.94
N ARG A 36 5.39 44.04 -3.95
CA ARG A 36 5.34 42.64 -3.53
C ARG A 36 3.95 42.04 -3.69
N GLY A 37 3.92 40.75 -4.01
CA GLY A 37 2.66 40.06 -4.19
C GLY A 37 2.63 39.38 -5.54
N ALA A 38 2.02 38.20 -5.61
CA ALA A 38 1.93 37.47 -6.87
C ALA A 38 1.13 38.30 -7.86
N GLY A 39 -0.08 38.69 -7.45
CA GLY A 39 -0.94 39.48 -8.32
C GLY A 39 -0.40 40.85 -8.62
N LYS A 40 -0.07 41.61 -7.57
CA LYS A 40 0.44 42.96 -7.72
C LYS A 40 1.58 43.03 -8.71
N ILE A 41 2.61 42.20 -8.50
CA ILE A 41 3.76 42.19 -9.39
C ILE A 41 3.30 41.98 -10.84
N ALA A 42 2.64 40.84 -11.09
CA ALA A 42 2.15 40.51 -12.42
C ALA A 42 1.43 41.67 -13.09
N ARG A 43 0.34 42.13 -12.48
CA ARG A 43 -0.42 43.24 -13.05
C ARG A 43 0.49 44.42 -13.40
N SER A 44 1.46 44.70 -12.53
CA SER A 44 2.39 45.80 -12.77
C SER A 44 3.25 45.53 -14.00
N ALA A 45 3.77 44.31 -14.12
CA ALA A 45 4.58 43.95 -15.28
C ALA A 45 3.74 44.03 -16.55
N ALA A 46 2.48 43.64 -16.45
CA ALA A 46 1.56 43.69 -17.59
C ALA A 46 1.26 45.15 -17.93
N TYR A 47 1.12 45.96 -16.88
CA TYR A 47 0.83 47.37 -17.03
C TYR A 47 1.96 48.08 -17.76
N ALA A 48 3.18 47.84 -17.29
CA ALA A 48 4.37 48.44 -17.88
C ALA A 48 4.36 48.20 -19.39
N LEU A 49 4.09 46.96 -19.79
CA LEU A 49 4.05 46.60 -21.19
C LEU A 49 2.94 47.40 -21.89
N GLN A 50 1.85 47.66 -21.17
CA GLN A 50 0.71 48.40 -21.72
C GLN A 50 1.10 49.84 -22.02
N LEU A 51 1.91 50.42 -21.14
CA LEU A 51 2.35 51.80 -21.32
C LEU A 51 3.38 51.94 -22.43
N GLN A 52 4.18 50.90 -22.64
CA GLN A 52 5.20 50.94 -23.69
C GLN A 52 4.51 51.04 -25.05
N ALA A 53 3.49 50.23 -25.25
CA ALA A 53 2.74 50.23 -26.49
C ALA A 53 1.91 51.50 -26.56
N GLU A 54 1.46 51.96 -25.40
CA GLU A 54 0.63 53.14 -25.30
C GLU A 54 1.39 54.45 -25.43
N LYS A 55 2.71 54.42 -25.32
CA LYS A 55 3.49 55.64 -25.42
C LYS A 55 4.72 55.55 -26.31
N SER A 56 4.80 54.47 -27.09
CA SER A 56 5.92 54.29 -28.00
C SER A 56 5.75 55.22 -29.20
N LYS A 57 6.86 55.81 -29.64
CA LYS A 57 6.82 56.72 -30.78
C LYS A 57 7.29 55.97 -32.02
N ALA A 58 7.36 54.65 -31.93
CA ALA A 58 7.78 53.81 -33.05
C ALA A 58 6.95 54.13 -34.29
N THR A 59 7.62 54.24 -35.42
CA THR A 59 6.95 54.54 -36.69
C THR A 59 6.89 53.28 -37.53
N ASN A 60 7.69 52.30 -37.14
CA ASN A 60 7.79 51.03 -37.85
C ASN A 60 7.26 49.90 -36.95
N VAL A 61 6.56 48.93 -37.54
CA VAL A 61 6.03 47.82 -36.73
C VAL A 61 7.18 46.97 -36.20
N ASP A 62 8.19 46.74 -37.04
CA ASP A 62 9.36 45.97 -36.65
C ASP A 62 10.14 46.71 -35.57
N GLU A 63 10.15 48.04 -35.68
CA GLU A 63 10.85 48.85 -34.69
C GLU A 63 10.05 48.81 -33.40
N PHE A 64 8.74 48.76 -33.52
CA PHE A 64 7.83 48.72 -32.37
C PHE A 64 8.01 47.43 -31.59
N TRP A 65 8.12 46.32 -32.32
CA TRP A 65 8.28 45.01 -31.71
C TRP A 65 9.57 44.98 -30.87
N LYS A 66 10.61 45.61 -31.38
CA LYS A 66 11.89 45.66 -30.68
C LYS A 66 11.74 46.35 -29.33
N GLU A 67 11.01 47.46 -29.33
CA GLU A 67 10.78 48.22 -28.10
C GLU A 67 10.03 47.38 -27.07
N MET A 68 9.15 46.50 -27.54
CA MET A 68 8.39 45.65 -26.63
C MET A 68 9.29 44.59 -26.01
N LYS A 69 10.03 43.88 -26.86
CA LYS A 69 10.93 42.82 -26.43
C LYS A 69 11.95 43.40 -25.47
N GLN A 70 12.44 44.59 -25.78
CA GLN A 70 13.42 45.25 -24.92
C GLN A 70 12.77 45.66 -23.59
N ALA A 71 11.48 45.98 -23.64
CA ALA A 71 10.75 46.35 -22.44
C ALA A 71 10.46 45.11 -21.60
N ALA A 72 10.16 44.00 -22.28
CA ALA A 72 9.87 42.73 -21.62
C ALA A 72 11.13 42.12 -21.02
N LYS A 73 12.22 42.13 -21.78
CA LYS A 73 13.49 41.58 -21.31
C LYS A 73 13.96 42.35 -20.08
N ILE A 74 13.72 43.66 -20.07
CA ILE A 74 14.12 44.49 -18.94
C ILE A 74 13.37 44.06 -17.68
N LEU A 75 12.05 43.94 -17.80
CA LEU A 75 11.22 43.54 -16.67
C LEU A 75 11.59 42.14 -16.19
N PHE A 76 11.69 41.21 -17.15
CA PHE A 76 12.03 39.83 -16.85
C PHE A 76 13.28 39.71 -15.98
N GLU A 77 14.35 40.36 -16.40
CA GLU A 77 15.62 40.30 -15.68
C GLU A 77 15.61 41.05 -14.33
N THR A 78 14.59 41.86 -14.10
CA THR A 78 14.51 42.60 -12.85
C THR A 78 14.52 41.68 -11.62
N ARG A 79 13.80 40.58 -11.69
CA ARG A 79 13.75 39.64 -10.56
C ARG A 79 13.20 38.28 -10.98
N PRO A 80 14.03 37.47 -11.67
CA PRO A 80 13.64 36.14 -12.15
C PRO A 80 12.89 35.28 -11.12
N THR A 81 13.49 35.08 -9.97
CA THR A 81 12.89 34.27 -8.90
C THR A 81 11.36 34.33 -8.84
N ALA A 82 10.79 35.53 -8.93
CA ALA A 82 9.33 35.68 -8.89
C ALA A 82 8.73 34.91 -10.07
N VAL A 83 7.65 34.17 -9.82
CA VAL A 83 7.06 33.38 -10.89
C VAL A 83 5.97 34.08 -11.69
N SER A 84 5.17 34.90 -11.03
CA SER A 84 4.10 35.61 -11.72
C SER A 84 4.67 36.57 -12.78
N LEU A 85 5.79 37.20 -12.47
CA LEU A 85 6.42 38.14 -13.39
C LEU A 85 6.53 37.58 -14.81
N PRO A 86 7.42 36.60 -15.04
CA PRO A 86 7.55 36.06 -16.39
C PRO A 86 6.22 35.61 -17.03
N ASN A 87 5.24 35.22 -16.20
CA ASN A 87 3.96 34.80 -16.75
C ASN A 87 3.14 35.97 -17.28
N ALA A 88 3.19 37.10 -16.58
CA ALA A 88 2.48 38.29 -17.02
C ALA A 88 3.09 38.70 -18.36
N LEU A 89 4.42 38.74 -18.40
CA LEU A 89 5.13 39.09 -19.61
C LEU A 89 4.81 38.09 -20.72
N ARG A 90 4.77 36.80 -20.38
CA ARG A 90 4.47 35.78 -21.38
C ARG A 90 3.08 35.96 -21.96
N TYR A 91 2.10 36.13 -21.08
CA TYR A 91 0.72 36.31 -21.51
C TYR A 91 0.65 37.37 -22.60
N VAL A 92 1.20 38.54 -22.29
CA VAL A 92 1.20 39.67 -23.20
C VAL A 92 2.08 39.42 -24.42
N MET A 93 3.36 39.13 -24.21
CA MET A 93 4.28 38.89 -25.31
C MET A 93 3.93 37.73 -26.22
N HIS A 94 3.33 36.68 -25.67
CA HIS A 94 2.96 35.55 -26.48
C HIS A 94 1.94 36.01 -27.52
N ARG A 95 0.89 36.67 -27.04
CA ARG A 95 -0.15 37.14 -27.95
C ARG A 95 0.41 38.20 -28.87
N GLY A 96 1.45 38.88 -28.41
CA GLY A 96 2.07 39.90 -29.23
C GLY A 96 2.82 39.28 -30.40
N LYS A 97 3.68 38.32 -30.10
CA LYS A 97 4.46 37.66 -31.13
C LYS A 97 3.59 36.92 -32.14
N ILE A 98 2.51 36.31 -31.67
CA ILE A 98 1.64 35.59 -32.59
C ILE A 98 1.15 36.58 -33.64
N ALA A 99 0.60 37.71 -33.20
CA ALA A 99 0.11 38.73 -34.11
C ALA A 99 1.24 39.22 -35.01
N TYR A 100 2.32 39.70 -34.39
CA TYR A 100 3.47 40.20 -35.12
C TYR A 100 3.94 39.29 -36.26
N SER A 101 3.96 37.99 -36.01
CA SER A 101 4.39 37.02 -37.01
C SER A 101 3.37 36.86 -38.14
N SER A 102 2.11 37.16 -37.88
CA SER A 102 1.07 37.04 -38.90
C SER A 102 1.02 38.27 -39.80
N GLY A 103 2.03 39.13 -39.70
CA GLY A 103 2.09 40.32 -40.51
C GLY A 103 1.13 41.40 -40.04
N ALA A 104 1.13 41.66 -38.74
CA ALA A 104 0.26 42.67 -38.16
C ALA A 104 0.97 43.99 -38.33
N ASP A 105 0.18 45.06 -38.48
CA ASP A 105 0.72 46.40 -38.65
C ASP A 105 1.06 47.01 -37.30
N LEU A 106 1.69 48.18 -37.32
CA LEU A 106 2.06 48.86 -36.08
C LEU A 106 0.87 49.02 -35.15
N GLU A 107 -0.23 49.55 -35.68
CA GLU A 107 -1.41 49.78 -34.87
C GLU A 107 -2.15 48.50 -34.48
N GLN A 108 -2.13 47.50 -35.35
CA GLN A 108 -2.79 46.24 -35.06
C GLN A 108 -2.11 45.56 -33.88
N LEU A 109 -0.79 45.49 -33.93
CA LEU A 109 0.01 44.86 -32.88
C LEU A 109 -0.11 45.64 -31.57
N ARG A 110 0.04 46.96 -31.65
CA ARG A 110 -0.08 47.82 -30.47
C ARG A 110 -1.44 47.60 -29.81
N PHE A 111 -2.47 47.43 -30.65
CA PHE A 111 -3.83 47.18 -30.18
C PHE A 111 -3.87 45.81 -29.48
N VAL A 112 -3.30 44.80 -30.12
CA VAL A 112 -3.26 43.45 -29.59
C VAL A 112 -2.59 43.40 -28.21
N ILE A 113 -1.46 44.10 -28.08
CA ILE A 113 -0.71 44.13 -26.84
C ILE A 113 -1.45 44.82 -25.72
N ILE A 114 -1.82 46.08 -25.94
CA ILE A 114 -2.56 46.84 -24.94
C ILE A 114 -3.74 46.01 -24.46
N ASN A 115 -4.44 45.44 -25.43
CA ASN A 115 -5.59 44.60 -25.15
C ASN A 115 -5.25 43.42 -24.25
N ALA A 116 -4.16 42.73 -24.56
CA ALA A 116 -3.76 41.58 -23.75
C ALA A 116 -3.37 42.01 -22.34
N ALA A 117 -2.67 43.13 -22.22
CA ALA A 117 -2.25 43.64 -20.92
C ALA A 117 -3.45 43.97 -20.04
N LYS A 118 -4.45 44.64 -20.61
CA LYS A 118 -5.65 45.00 -19.85
C LYS A 118 -6.43 43.75 -19.43
N GLU A 119 -6.46 42.78 -20.33
CA GLU A 119 -7.16 41.53 -20.11
C GLU A 119 -6.52 40.69 -19.00
N PHE A 120 -5.19 40.76 -18.91
CA PHE A 120 -4.49 39.99 -17.89
C PHE A 120 -4.72 40.67 -16.56
N ILE A 121 -4.54 41.98 -16.57
CA ILE A 121 -4.71 42.80 -15.39
C ILE A 121 -6.09 42.63 -14.79
N HIS A 122 -7.12 42.75 -15.61
CA HIS A 122 -8.48 42.60 -15.11
C HIS A 122 -8.72 41.21 -14.53
N ASN A 123 -8.20 40.18 -15.19
CA ASN A 123 -8.38 38.82 -14.70
C ASN A 123 -7.65 38.60 -13.40
N SER A 124 -6.46 39.17 -13.30
CA SER A 124 -5.69 39.05 -12.08
C SER A 124 -6.40 39.74 -10.90
N GLU A 125 -7.17 40.78 -11.21
CA GLU A 125 -7.90 41.52 -10.18
C GLU A 125 -9.07 40.74 -9.62
N LYS A 126 -9.63 39.84 -10.44
CA LYS A 126 -10.76 39.02 -10.03
C LYS A 126 -10.35 37.60 -9.63
N ALA A 127 -9.05 37.34 -9.64
CA ALA A 127 -8.50 36.00 -9.33
C ALA A 127 -8.86 35.41 -7.96
N LEU A 128 -8.57 36.12 -6.89
CA LEU A 128 -8.89 35.59 -5.56
C LEU A 128 -10.38 35.31 -5.38
N GLU A 129 -11.22 36.20 -5.90
CA GLU A 129 -12.67 36.09 -5.81
C GLU A 129 -13.13 34.84 -6.53
N ARG A 130 -12.71 34.69 -7.77
CA ARG A 130 -13.11 33.54 -8.56
C ARG A 130 -12.59 32.23 -7.99
N ILE A 131 -11.35 32.21 -7.51
CA ILE A 131 -10.80 31.01 -6.91
C ILE A 131 -11.70 30.68 -5.71
N GLY A 132 -12.03 31.70 -4.92
CA GLY A 132 -12.89 31.49 -3.77
C GLY A 132 -14.18 30.76 -4.14
N GLU A 133 -14.74 31.12 -5.28
CA GLU A 133 -16.00 30.56 -5.78
C GLU A 133 -15.91 29.14 -6.35
N PHE A 134 -14.92 28.89 -7.20
CA PHE A 134 -14.76 27.55 -7.77
C PHE A 134 -14.45 26.60 -6.63
N GLY A 135 -13.70 27.09 -5.65
CA GLY A 135 -13.37 26.26 -4.51
C GLY A 135 -14.54 26.01 -3.57
N ALA A 136 -15.30 27.07 -3.27
CA ALA A 136 -16.43 26.91 -2.37
C ALA A 136 -17.41 25.86 -2.87
N LYS A 137 -17.50 25.69 -4.19
CA LYS A 137 -18.41 24.70 -4.76
C LYS A 137 -18.02 23.26 -4.42
N ARG A 138 -16.79 23.07 -3.95
CA ARG A 138 -16.31 21.73 -3.61
C ARG A 138 -16.25 21.53 -2.10
N ILE A 139 -16.86 22.45 -1.36
CA ILE A 139 -16.94 22.39 0.10
C ILE A 139 -18.40 22.12 0.46
N GLU A 140 -18.63 21.18 1.37
CA GLU A 140 -19.98 20.83 1.79
C GLU A 140 -20.26 21.31 3.19
N ASP A 141 -21.55 21.43 3.52
CA ASP A 141 -21.98 21.88 4.84
C ASP A 141 -21.54 20.87 5.87
N GLY A 142 -20.88 21.36 6.92
CA GLY A 142 -20.41 20.48 7.97
C GLY A 142 -18.94 20.08 7.79
N ASP A 143 -18.35 20.43 6.66
CA ASP A 143 -16.96 20.11 6.38
C ASP A 143 -15.97 20.71 7.37
N VAL A 144 -15.04 19.87 7.82
CA VAL A 144 -13.96 20.29 8.69
C VAL A 144 -12.85 20.46 7.66
N ILE A 145 -12.20 21.62 7.68
CA ILE A 145 -11.15 21.93 6.73
C ILE A 145 -9.83 22.21 7.39
N MET A 146 -8.76 21.57 6.92
CA MET A 146 -7.46 21.85 7.49
C MET A 146 -6.72 22.69 6.46
N THR A 147 -6.01 23.71 6.94
CA THR A 147 -5.25 24.58 6.07
C THR A 147 -3.85 24.72 6.65
N HIS A 148 -3.00 25.53 6.03
CA HIS A 148 -1.63 25.74 6.48
C HIS A 148 -1.19 27.12 6.00
N CYS A 149 -0.30 27.75 6.75
CA CYS A 149 0.21 29.09 6.43
C CYS A 149 -0.93 30.11 6.37
N HIS A 150 -0.75 31.18 5.60
CA HIS A 150 -1.78 32.21 5.49
C HIS A 150 -1.99 32.54 4.04
N SER A 151 -2.72 31.68 3.35
CA SER A 151 -2.96 31.83 1.93
C SER A 151 -4.23 32.63 1.62
N LYS A 152 -4.05 33.73 0.88
CA LYS A 152 -5.18 34.56 0.50
C LYS A 152 -6.15 33.72 -0.35
N ALA A 153 -5.62 32.90 -1.24
CA ALA A 153 -6.46 32.07 -2.10
C ALA A 153 -7.23 31.03 -1.32
N ALA A 154 -6.52 30.33 -0.45
CA ALA A 154 -7.11 29.30 0.37
C ALA A 154 -8.22 29.88 1.24
N ILE A 155 -7.93 31.01 1.85
CA ILE A 155 -8.88 31.68 2.72
C ILE A 155 -10.09 32.16 1.93
N SER A 156 -9.88 32.58 0.70
CA SER A 156 -10.97 33.05 -0.14
C SER A 156 -11.99 31.92 -0.34
N VAL A 157 -11.49 30.71 -0.51
CA VAL A 157 -12.34 29.54 -0.68
C VAL A 157 -13.17 29.32 0.58
N MET A 158 -12.53 29.48 1.74
CA MET A 158 -13.19 29.27 3.02
C MET A 158 -14.23 30.32 3.39
N LYS A 159 -13.92 31.59 3.17
CA LYS A 159 -14.88 32.66 3.47
C LYS A 159 -16.07 32.54 2.54
N THR A 160 -15.78 32.27 1.28
CA THR A 160 -16.84 32.15 0.29
C THR A 160 -17.84 31.03 0.63
N ALA A 161 -17.34 29.89 1.09
CA ALA A 161 -18.21 28.78 1.45
C ALA A 161 -19.03 29.15 2.68
N TRP A 162 -18.38 29.79 3.63
CA TRP A 162 -19.02 30.21 4.86
C TRP A 162 -20.19 31.14 4.53
N GLU A 163 -19.93 32.12 3.66
CA GLU A 163 -20.94 33.09 3.27
C GLU A 163 -22.06 32.50 2.42
N GLN A 164 -21.88 31.29 1.92
CA GLN A 164 -22.92 30.64 1.12
C GLN A 164 -23.85 29.94 2.09
N GLY A 165 -23.54 30.09 3.39
CA GLY A 165 -24.36 29.47 4.42
C GLY A 165 -23.82 28.13 4.88
N LYS A 166 -22.69 27.71 4.30
CA LYS A 166 -22.10 26.44 4.68
C LYS A 166 -21.51 26.54 6.06
N ASP A 167 -21.82 25.54 6.88
CA ASP A 167 -21.35 25.47 8.25
C ASP A 167 -20.03 24.70 8.25
N ILE A 168 -18.92 25.44 8.31
CA ILE A 168 -17.59 24.84 8.29
C ILE A 168 -16.76 25.12 9.54
N LYS A 169 -15.81 24.23 9.79
CA LYS A 169 -14.91 24.37 10.94
C LYS A 169 -13.49 24.19 10.40
N VAL A 170 -12.61 25.15 10.64
CA VAL A 170 -11.24 25.07 10.14
C VAL A 170 -10.15 24.76 11.17
N ILE A 171 -9.39 23.69 10.92
CA ILE A 171 -8.26 23.34 11.77
C ILE A 171 -7.13 24.16 11.15
N VAL A 172 -6.60 25.10 11.92
CA VAL A 172 -5.52 25.94 11.42
C VAL A 172 -4.21 25.49 12.02
N THR A 173 -3.28 25.07 11.16
CA THR A 173 -1.98 24.65 11.62
C THR A 173 -1.15 25.89 11.92
N GLU A 174 -0.47 25.85 13.06
CA GLU A 174 0.37 26.94 13.54
C GLU A 174 1.30 27.56 12.48
N THR A 175 1.95 26.71 11.69
CA THR A 175 2.88 27.13 10.65
C THR A 175 4.15 27.85 11.12
N ARG A 176 4.94 27.19 11.94
CA ARG A 176 6.20 27.79 12.37
C ARG A 176 7.07 27.91 11.10
N PRO A 177 8.14 28.72 11.17
CA PRO A 177 8.58 29.50 12.33
C PRO A 177 7.87 30.85 12.54
N LYS A 178 7.37 31.45 11.46
CA LYS A 178 6.71 32.76 11.51
C LYS A 178 5.28 32.83 12.05
N TRP A 179 4.74 31.71 12.54
CA TRP A 179 3.39 31.69 13.11
C TRP A 179 2.23 32.22 12.27
N GLN A 180 2.21 31.96 10.98
CA GLN A 180 1.09 32.47 10.16
C GLN A 180 -0.26 31.92 10.59
N GLY A 181 -0.26 30.74 11.20
CA GLY A 181 -1.51 30.15 11.65
C GLY A 181 -2.27 31.10 12.56
N LYS A 182 -1.53 31.93 13.28
CA LYS A 182 -2.10 32.91 14.21
C LYS A 182 -2.92 33.94 13.45
N ILE A 183 -2.42 34.32 12.28
CA ILE A 183 -3.10 35.29 11.43
C ILE A 183 -4.37 34.66 10.84
N THR A 184 -4.22 33.44 10.32
CA THR A 184 -5.33 32.73 9.71
C THR A 184 -6.41 32.40 10.74
N ALA A 185 -6.02 31.97 11.93
CA ALA A 185 -6.99 31.65 12.97
C ALA A 185 -7.83 32.88 13.30
N LYS A 186 -7.16 33.99 13.60
CA LYS A 186 -7.84 35.23 13.93
C LYS A 186 -8.74 35.74 12.81
N GLU A 187 -8.21 35.76 11.59
CA GLU A 187 -8.98 36.24 10.45
C GLU A 187 -10.23 35.41 10.16
N LEU A 188 -10.12 34.08 10.15
CA LEU A 188 -11.28 33.23 9.92
C LEU A 188 -12.27 33.29 11.08
N ALA A 189 -11.76 33.34 12.30
CA ALA A 189 -12.63 33.37 13.46
C ALA A 189 -13.44 34.67 13.51
N SER A 190 -12.79 35.79 13.22
CA SER A 190 -13.48 37.07 13.25
C SER A 190 -14.68 37.11 12.29
N TYR A 191 -14.65 36.31 11.22
CA TYR A 191 -15.77 36.28 10.29
C TYR A 191 -16.86 35.40 10.91
N GLY A 192 -16.52 34.74 12.01
CA GLY A 192 -17.49 33.89 12.68
C GLY A 192 -17.26 32.41 12.45
N ILE A 193 -16.24 32.06 11.68
CA ILE A 193 -15.93 30.67 11.41
C ILE A 193 -15.24 30.02 12.60
N PRO A 194 -15.82 28.93 13.14
CA PRO A 194 -15.23 28.25 14.28
C PRO A 194 -13.86 27.71 13.89
N VAL A 195 -12.87 27.96 14.75
CA VAL A 195 -11.50 27.57 14.49
C VAL A 195 -10.84 26.72 15.57
N ILE A 196 -10.07 25.73 15.11
CA ILE A 196 -9.31 24.85 16.00
C ILE A 196 -7.88 25.13 15.59
N TYR A 197 -7.06 25.58 16.53
CA TYR A 197 -5.67 25.90 16.28
C TYR A 197 -4.80 24.79 16.87
N VAL A 198 -3.88 24.29 16.07
CA VAL A 198 -2.99 23.22 16.52
C VAL A 198 -1.56 23.44 16.06
N VAL A 199 -0.66 22.78 16.76
CA VAL A 199 0.76 22.84 16.45
C VAL A 199 0.93 22.00 15.18
N ASP A 200 1.89 22.37 14.32
CA ASP A 200 2.12 21.64 13.08
C ASP A 200 2.22 20.13 13.23
N SER A 201 2.86 19.69 14.31
CA SER A 201 3.04 18.26 14.59
C SER A 201 1.74 17.48 14.75
N ALA A 202 0.61 18.17 14.93
CA ALA A 202 -0.66 17.49 15.15
C ALA A 202 -1.47 17.24 13.88
N ALA A 203 -0.93 17.65 12.73
CA ALA A 203 -1.59 17.48 11.44
C ALA A 203 -2.07 16.05 11.18
N ARG A 204 -1.23 15.06 11.50
CA ARG A 204 -1.65 13.68 11.27
C ARG A 204 -2.77 13.30 12.23
N HIS A 205 -2.54 13.60 13.51
CA HIS A 205 -3.48 13.30 14.58
C HIS A 205 -4.91 13.79 14.27
N TYR A 206 -5.04 14.95 13.66
CA TYR A 206 -6.36 15.49 13.37
C TYR A 206 -6.82 15.28 11.94
N MET A 207 -6.01 14.61 11.13
CA MET A 207 -6.40 14.36 9.76
C MET A 207 -7.57 13.38 9.78
N LYS A 208 -7.64 12.61 10.86
CA LYS A 208 -8.69 11.60 11.07
C LYS A 208 -10.05 12.24 11.20
N MET A 209 -10.10 13.52 11.54
CA MET A 209 -11.37 14.20 11.67
C MET A 209 -11.51 15.31 10.64
N THR A 210 -10.68 15.27 9.61
CA THR A 210 -10.71 16.27 8.58
C THR A 210 -11.43 15.78 7.32
N ASP A 211 -12.25 16.65 6.74
CA ASP A 211 -12.99 16.28 5.54
C ASP A 211 -12.28 16.78 4.29
N LYS A 212 -11.65 17.93 4.43
CA LYS A 212 -10.95 18.56 3.33
C LYS A 212 -9.71 19.30 3.78
N VAL A 213 -8.79 19.46 2.85
CA VAL A 213 -7.54 20.16 3.09
C VAL A 213 -7.44 21.23 2.02
N VAL A 214 -7.38 22.48 2.45
CA VAL A 214 -7.28 23.55 1.50
C VAL A 214 -6.07 24.38 1.85
N MET A 215 -5.09 24.39 0.93
CA MET A 215 -3.87 25.15 1.12
C MET A 215 -3.56 25.96 -0.15
N GLY A 216 -2.60 26.87 -0.05
CA GLY A 216 -2.22 27.68 -1.19
C GLY A 216 -0.98 27.12 -1.88
N ALA A 217 -0.32 27.97 -2.65
CA ALA A 217 0.88 27.59 -3.35
C ALA A 217 1.67 28.84 -3.66
N ASP A 218 2.99 28.74 -3.60
CA ASP A 218 3.85 29.86 -3.91
C ASP A 218 4.06 29.73 -5.42
N SER A 219 4.11 28.48 -5.89
CA SER A 219 4.27 28.17 -7.29
C SER A 219 3.86 26.71 -7.55
N ILE A 220 3.49 26.42 -8.80
CA ILE A 220 3.07 25.09 -9.23
C ILE A 220 4.01 24.71 -10.37
N THR A 221 4.61 23.52 -10.33
CA THR A 221 5.54 23.13 -11.39
C THR A 221 4.84 22.61 -12.63
N VAL A 222 5.60 22.44 -13.70
CA VAL A 222 5.06 21.95 -14.97
C VAL A 222 4.27 20.65 -14.83
N ASN A 223 4.56 19.86 -13.79
CA ASN A 223 3.87 18.59 -13.57
C ASN A 223 2.79 18.60 -12.50
N GLY A 224 2.56 19.74 -11.86
CA GLY A 224 1.53 19.79 -10.84
C GLY A 224 2.09 19.63 -9.43
N ALA A 225 3.42 19.63 -9.32
CA ALA A 225 4.06 19.52 -8.02
C ALA A 225 3.81 20.89 -7.41
N VAL A 226 3.56 20.93 -6.11
CA VAL A 226 3.25 22.17 -5.41
C VAL A 226 4.32 22.69 -4.46
N ILE A 227 4.81 23.89 -4.74
CA ILE A 227 5.82 24.50 -3.88
C ILE A 227 5.10 25.46 -2.95
N ASN A 228 5.19 25.21 -1.66
CA ASN A 228 4.50 26.02 -0.68
C ASN A 228 5.19 25.97 0.68
N LYS A 229 4.78 26.85 1.58
CA LYS A 229 5.33 26.95 2.93
C LYS A 229 5.61 25.60 3.57
N ILE A 230 6.83 25.47 4.08
CA ILE A 230 7.32 24.26 4.73
C ILE A 230 6.24 23.65 5.61
N GLY A 231 6.07 22.34 5.49
CA GLY A 231 5.05 21.63 6.25
C GLY A 231 3.90 21.17 5.38
N THR A 232 3.68 21.86 4.26
CA THR A 232 2.61 21.56 3.31
C THR A 232 2.66 20.11 2.81
N ALA A 233 3.83 19.68 2.36
CA ALA A 233 4.00 18.34 1.84
C ALA A 233 3.63 17.31 2.92
N LEU A 234 4.04 17.58 4.15
CA LEU A 234 3.73 16.67 5.25
C LEU A 234 2.22 16.50 5.38
N ILE A 235 1.52 17.62 5.35
CA ILE A 235 0.06 17.58 5.49
C ILE A 235 -0.57 16.84 4.33
N ALA A 236 -0.15 17.14 3.11
CA ALA A 236 -0.72 16.45 1.96
C ALA A 236 -0.40 14.95 2.07
N LEU A 237 0.76 14.62 2.61
CA LEU A 237 1.15 13.23 2.76
C LEU A 237 0.13 12.49 3.62
N THR A 238 -0.15 13.03 4.80
CA THR A 238 -1.10 12.37 5.70
C THR A 238 -2.55 12.42 5.20
N ALA A 239 -2.85 13.43 4.39
CA ALA A 239 -4.19 13.54 3.81
C ALA A 239 -4.35 12.37 2.82
N LYS A 240 -3.30 12.10 2.05
CA LYS A 240 -3.31 10.99 1.11
C LYS A 240 -3.54 9.70 1.89
N GLU A 241 -2.77 9.54 2.97
CA GLU A 241 -2.87 8.36 3.83
C GLU A 241 -4.30 8.16 4.33
N HIS A 242 -5.00 9.25 4.63
CA HIS A 242 -6.37 9.17 5.13
C HIS A 242 -7.46 9.32 4.09
N ARG A 243 -7.07 9.50 2.83
CA ARG A 243 -8.00 9.68 1.72
C ARG A 243 -8.83 10.94 1.96
N VAL A 244 -8.14 12.04 2.24
CA VAL A 244 -8.82 13.30 2.48
C VAL A 244 -8.60 14.23 1.29
N TRP A 245 -9.71 14.59 0.65
CA TRP A 245 -9.71 15.47 -0.53
C TRP A 245 -8.81 16.66 -0.27
N THR A 246 -7.73 16.74 -1.04
CA THR A 246 -6.74 17.80 -0.92
C THR A 246 -6.83 18.78 -2.09
N MET A 247 -6.97 20.07 -1.80
CA MET A 247 -7.09 21.06 -2.86
C MET A 247 -6.07 22.18 -2.74
N ILE A 248 -5.50 22.58 -3.86
CA ILE A 248 -4.54 23.67 -3.83
C ILE A 248 -5.15 24.87 -4.55
N ALA A 249 -5.24 25.98 -3.84
CA ALA A 249 -5.81 27.19 -4.43
C ALA A 249 -4.67 28.03 -4.97
N ALA A 250 -4.71 28.33 -6.27
CA ALA A 250 -3.63 29.09 -6.85
C ALA A 250 -3.96 29.63 -8.23
N GLU A 251 -3.55 30.87 -8.47
CA GLU A 251 -3.75 31.57 -9.73
C GLU A 251 -2.91 30.93 -10.82
N THR A 252 -3.37 31.06 -12.06
CA THR A 252 -2.68 30.50 -13.20
C THR A 252 -1.26 31.03 -13.40
N TYR A 253 -1.02 32.29 -13.03
CA TYR A 253 0.32 32.87 -13.21
C TYR A 253 1.36 32.40 -12.18
N LYS A 254 0.98 31.40 -11.38
CA LYS A 254 1.88 30.81 -10.40
C LYS A 254 2.39 29.48 -10.96
N PHE A 255 1.88 29.08 -12.13
CA PHE A 255 2.31 27.86 -12.79
C PHE A 255 3.64 28.15 -13.46
N HIS A 256 4.63 27.33 -13.13
CA HIS A 256 6.00 27.46 -13.60
C HIS A 256 6.35 26.35 -14.60
N PRO A 257 7.21 26.65 -15.59
CA PRO A 257 7.61 25.66 -16.62
C PRO A 257 8.61 24.60 -16.11
N GLU A 258 9.45 24.99 -15.15
CA GLU A 258 10.45 24.08 -14.57
C GLU A 258 9.91 22.77 -14.03
N THR A 259 10.77 21.76 -14.01
CA THR A 259 10.40 20.45 -13.50
C THR A 259 11.03 20.23 -12.13
N MET A 260 10.62 19.15 -11.47
CA MET A 260 11.13 18.80 -10.16
C MET A 260 11.64 17.35 -10.23
N LEU A 261 11.51 16.75 -11.41
CA LEU A 261 11.94 15.38 -11.63
C LEU A 261 13.38 15.33 -12.14
N GLY A 262 13.95 16.49 -12.40
CA GLY A 262 15.32 16.55 -12.87
C GLY A 262 16.25 16.79 -11.71
N GLN A 263 17.09 17.82 -11.82
CA GLN A 263 18.02 18.15 -10.75
C GLN A 263 17.24 18.44 -9.46
N LEU A 264 17.84 18.09 -8.32
CA LEU A 264 17.20 18.34 -7.04
C LEU A 264 17.37 19.83 -6.77
N VAL A 265 16.29 20.59 -6.86
CA VAL A 265 16.36 22.03 -6.64
C VAL A 265 15.80 22.48 -5.30
N GLU A 266 16.71 22.76 -4.36
CA GLU A 266 16.34 23.26 -3.03
C GLU A 266 15.86 24.69 -3.22
N ILE A 267 14.77 25.07 -2.55
CA ILE A 267 14.29 26.42 -2.69
C ILE A 267 15.00 27.29 -1.68
N GLU A 268 14.61 28.54 -1.59
CA GLU A 268 15.27 29.47 -0.69
C GLU A 268 15.36 29.07 0.79
N MET A 269 16.48 29.45 1.39
CA MET A 269 16.75 29.20 2.80
C MET A 269 16.58 30.56 3.45
N ARG A 270 15.85 30.62 4.56
CA ARG A 270 15.65 31.90 5.20
C ARG A 270 16.46 32.08 6.46
N ASP A 271 16.54 33.33 6.90
CA ASP A 271 17.29 33.68 8.10
C ASP A 271 16.91 32.82 9.31
N PRO A 272 17.92 32.19 9.93
CA PRO A 272 17.76 31.31 11.10
C PRO A 272 17.06 31.98 12.27
N THR A 273 17.31 33.28 12.48
CA THR A 273 16.69 33.96 13.61
C THR A 273 15.17 33.97 13.51
N GLU A 274 14.66 33.46 12.39
CA GLU A 274 13.20 33.38 12.24
C GLU A 274 12.77 32.19 13.10
N VAL A 275 13.68 31.24 13.29
CA VAL A 275 13.41 30.05 14.09
C VAL A 275 13.79 30.31 15.54
N ILE A 276 15.06 30.67 15.75
CA ILE A 276 15.55 30.96 17.09
C ILE A 276 16.10 32.39 17.06
N PRO A 277 15.50 33.31 17.83
CA PRO A 277 15.95 34.70 17.87
C PRO A 277 17.45 34.88 18.14
N GLU A 278 18.00 35.99 17.65
CA GLU A 278 19.42 36.32 17.83
C GLU A 278 19.88 36.13 19.29
N ASP A 279 19.11 36.72 20.21
CA ASP A 279 19.39 36.64 21.64
C ASP A 279 19.58 35.22 22.11
N GLU A 280 18.54 34.42 21.90
CA GLU A 280 18.54 33.02 22.30
C GLU A 280 19.63 32.28 21.54
N LEU A 281 19.78 32.58 20.26
CA LEU A 281 20.77 31.91 19.45
C LEU A 281 22.19 32.08 19.96
N LYS A 282 22.46 33.16 20.69
CA LYS A 282 23.80 33.40 21.23
C LYS A 282 24.01 32.70 22.57
N THR A 283 23.08 31.84 22.93
CA THR A 283 23.13 31.07 24.16
C THR A 283 23.34 29.61 23.76
N TRP A 284 23.57 29.38 22.47
CA TRP A 284 23.73 28.02 21.96
C TRP A 284 25.14 27.64 21.53
N PRO A 285 25.45 26.35 21.63
CA PRO A 285 26.77 25.84 21.24
C PRO A 285 27.04 26.15 19.77
N LYS A 286 28.28 26.45 19.44
CA LYS A 286 28.65 26.80 18.08
C LYS A 286 28.40 25.65 17.08
N ASN A 287 28.35 24.41 17.55
CA ASN A 287 28.13 23.29 16.65
C ASN A 287 26.68 22.89 16.36
N ILE A 288 25.75 23.82 16.58
CA ILE A 288 24.35 23.57 16.27
C ILE A 288 23.99 24.55 15.16
N GLU A 289 23.56 24.00 14.02
CA GLU A 289 23.15 24.85 12.91
C GLU A 289 21.63 24.81 12.80
N VAL A 290 21.05 25.98 12.64
CA VAL A 290 19.62 26.11 12.50
C VAL A 290 19.29 26.23 11.03
N TRP A 291 18.57 25.24 10.49
CA TRP A 291 18.18 25.28 9.09
C TRP A 291 16.77 25.80 9.01
N ASN A 292 16.50 26.65 8.03
CA ASN A 292 15.17 27.22 7.89
C ASN A 292 14.69 27.31 6.47
N PRO A 293 14.31 26.16 5.88
CA PRO A 293 13.81 26.15 4.50
C PRO A 293 12.46 26.86 4.48
N ALA A 294 12.20 27.61 3.40
CA ALA A 294 10.95 28.35 3.26
C ALA A 294 9.82 27.45 2.84
N PHE A 295 10.09 26.67 1.81
CA PHE A 295 9.12 25.76 1.22
C PHE A 295 9.59 24.31 1.16
N ASP A 296 8.66 23.43 0.81
CA ASP A 296 8.94 22.02 0.57
C ASP A 296 8.15 21.73 -0.69
N VAL A 297 8.35 20.57 -1.28
CA VAL A 297 7.65 20.25 -2.50
C VAL A 297 6.64 19.15 -2.29
N THR A 298 5.40 19.36 -2.73
CA THR A 298 4.36 18.35 -2.59
C THR A 298 4.19 17.64 -3.93
N PRO A 299 4.39 16.30 -3.94
CA PRO A 299 4.24 15.52 -5.16
C PRO A 299 2.83 15.75 -5.71
N PRO A 300 2.66 15.75 -7.04
CA PRO A 300 1.32 15.96 -7.59
C PRO A 300 0.35 14.79 -7.28
N GLU A 301 0.87 13.65 -6.81
CA GLU A 301 -0.01 12.54 -6.47
C GLU A 301 -0.66 12.71 -5.09
N TYR A 302 -0.32 13.80 -4.41
CA TYR A 302 -0.90 14.08 -3.10
C TYR A 302 -1.82 15.30 -3.21
N VAL A 303 -2.17 15.68 -4.43
CA VAL A 303 -3.05 16.82 -4.67
C VAL A 303 -4.18 16.36 -5.57
N ASP A 304 -5.42 16.47 -5.12
CA ASP A 304 -6.56 16.05 -5.93
C ASP A 304 -6.91 17.04 -7.04
N VAL A 305 -6.95 18.33 -6.70
CA VAL A 305 -7.26 19.33 -7.69
C VAL A 305 -6.60 20.65 -7.33
N ILE A 306 -6.39 21.49 -8.33
CA ILE A 306 -5.84 22.81 -8.09
C ILE A 306 -6.98 23.72 -8.48
N ILE A 307 -7.31 24.66 -7.61
CA ILE A 307 -8.38 25.61 -7.85
C ILE A 307 -7.81 26.90 -8.42
N THR A 308 -8.00 27.11 -9.72
CA THR A 308 -7.50 28.33 -10.37
C THR A 308 -8.67 29.29 -10.57
N GLU A 309 -8.34 30.55 -10.81
CA GLU A 309 -9.35 31.56 -11.04
C GLU A 309 -10.16 31.18 -12.30
N ARG A 310 -9.55 30.38 -13.18
CA ARG A 310 -10.23 29.96 -14.41
C ARG A 310 -10.95 28.63 -14.28
N GLY A 311 -10.91 28.05 -13.07
CA GLY A 311 -11.58 26.78 -12.86
C GLY A 311 -10.72 25.73 -12.17
N ILE A 312 -11.32 24.57 -11.97
CA ILE A 312 -10.67 23.46 -11.29
C ILE A 312 -10.01 22.47 -12.27
N ILE A 313 -8.80 22.05 -11.95
CA ILE A 313 -8.09 21.12 -12.79
C ILE A 313 -7.23 20.13 -12.03
N PRO A 314 -7.04 18.94 -12.59
CA PRO A 314 -6.20 17.95 -11.91
C PRO A 314 -4.76 18.44 -12.10
N PRO A 315 -3.84 18.15 -11.17
CA PRO A 315 -2.43 18.58 -11.23
C PRO A 315 -1.70 18.35 -12.55
N TYR A 316 -1.96 17.21 -13.20
CA TYR A 316 -1.28 16.93 -14.45
C TYR A 316 -1.73 17.79 -15.61
N ALA A 317 -2.71 18.65 -15.38
CA ALA A 317 -3.20 19.53 -16.43
C ALA A 317 -2.49 20.88 -16.32
N ALA A 318 -1.53 20.95 -15.41
CA ALA A 318 -0.77 22.18 -15.21
C ALA A 318 -0.08 22.60 -16.50
N ILE A 319 0.47 21.65 -17.24
CA ILE A 319 1.18 22.01 -18.47
C ILE A 319 0.22 22.55 -19.54
N ASP A 320 -1.06 22.18 -19.43
CA ASP A 320 -2.02 22.67 -20.40
C ASP A 320 -2.30 24.13 -20.11
N ILE A 321 -2.16 24.52 -18.85
CA ILE A 321 -2.37 25.90 -18.48
C ILE A 321 -1.20 26.74 -19.00
N LEU A 322 0.02 26.22 -18.87
CA LEU A 322 1.19 26.96 -19.36
C LEU A 322 1.11 27.17 -20.85
N ARG A 323 0.54 26.20 -21.56
CA ARG A 323 0.40 26.28 -23.02
C ARG A 323 -0.67 27.25 -23.49
N GLU A 324 -1.93 26.96 -23.18
CA GLU A 324 -3.04 27.81 -23.60
C GLU A 324 -3.00 29.20 -22.98
N GLU A 325 -2.60 29.29 -21.72
CA GLU A 325 -2.55 30.58 -21.05
C GLU A 325 -1.37 31.45 -21.43
N PHE A 326 -0.17 30.95 -21.21
CA PHE A 326 1.03 31.72 -21.48
C PHE A 326 1.79 31.34 -22.74
N GLY A 327 1.17 30.50 -23.55
CA GLY A 327 1.77 30.07 -24.80
C GLY A 327 3.10 29.34 -24.66
N TRP A 328 3.52 29.05 -23.44
CA TRP A 328 4.78 28.36 -23.25
C TRP A 328 4.82 27.08 -24.06
N ALA A 329 6.03 26.68 -24.44
CA ALA A 329 6.23 25.46 -25.22
C ALA A 329 7.68 25.02 -25.11
N LEU A 330 7.88 23.74 -24.83
CA LEU A 330 9.21 23.15 -24.68
C LEU A 330 10.17 23.54 -25.80
N LYS A 331 9.80 23.15 -27.02
CA LYS A 331 10.62 23.42 -28.19
C LYS A 331 10.82 24.91 -28.53
N TYR A 332 9.92 25.77 -28.07
CA TYR A 332 10.03 27.19 -28.40
C TYR A 332 10.82 28.10 -27.46
N THR A 333 11.07 29.31 -27.96
CA THR A 333 11.82 30.34 -27.24
C THR A 333 10.87 31.20 -26.42
N GLU A 334 11.45 31.98 -25.52
CA GLU A 334 10.66 32.88 -24.70
C GLU A 334 10.12 33.90 -25.73
N PRO A 335 8.90 34.39 -25.54
CA PRO A 335 8.31 35.36 -26.49
C PRO A 335 9.07 36.66 -26.76
N TRP A 336 9.84 37.15 -25.79
CA TRP A 336 10.59 38.39 -25.98
C TRP A 336 12.05 38.19 -26.40
N GLU A 337 12.40 36.94 -26.71
CA GLU A 337 13.76 36.63 -27.14
C GLU A 337 13.83 36.61 -28.66
N ASP A 338 15.04 36.72 -29.20
CA ASP A 338 15.26 36.74 -30.64
C ASP A 338 14.81 38.09 -31.20
N HIS B 11 1.46 -10.22 75.43
CA HIS B 11 2.55 -10.05 74.43
C HIS B 11 2.27 -10.94 73.19
N ILE B 12 1.30 -10.50 72.39
CA ILE B 12 0.90 -11.22 71.20
C ILE B 12 2.08 -11.61 70.35
N GLU B 13 2.08 -12.87 69.90
CA GLU B 13 3.17 -13.36 69.09
C GLU B 13 2.76 -13.57 67.64
N GLY B 14 3.71 -13.28 66.74
CA GLY B 14 3.44 -13.40 65.33
C GLY B 14 2.79 -12.09 64.98
N ARG B 15 2.67 -11.22 65.97
CA ARG B 15 2.06 -9.91 65.76
C ARG B 15 2.95 -9.05 64.89
N HIS B 16 2.37 -8.48 63.86
CA HIS B 16 3.11 -7.65 62.93
C HIS B 16 2.14 -6.92 62.02
N MET B 17 2.65 -5.85 61.42
CA MET B 17 1.90 -5.04 60.48
C MET B 17 1.96 -5.81 59.16
N ALA B 18 0.80 -6.04 58.53
CA ALA B 18 0.74 -6.78 57.27
C ALA B 18 1.70 -6.19 56.21
N VAL B 19 1.45 -4.94 55.82
CA VAL B 19 2.29 -4.26 54.84
C VAL B 19 3.33 -3.41 55.57
N VAL B 20 4.60 -3.59 55.20
CA VAL B 20 5.69 -2.86 55.84
C VAL B 20 5.66 -1.35 55.58
N LYS B 21 6.13 -0.59 56.57
CA LYS B 21 6.16 0.87 56.48
C LYS B 21 6.87 1.42 55.25
N GLU B 22 8.01 0.83 54.90
CA GLU B 22 8.79 1.27 53.74
C GLU B 22 7.98 1.21 52.45
N VAL B 23 7.04 0.27 52.38
CA VAL B 23 6.18 0.12 51.22
C VAL B 23 5.22 1.31 51.14
N LEU B 24 4.55 1.60 52.25
CA LEU B 24 3.60 2.70 52.32
C LEU B 24 4.28 4.04 52.11
N GLU B 25 5.55 4.12 52.50
CA GLU B 25 6.34 5.32 52.37
C GLU B 25 6.69 5.57 50.91
N ILE B 26 7.14 4.50 50.24
CA ILE B 26 7.49 4.57 48.82
C ILE B 26 6.24 4.82 48.00
N ALA B 27 5.14 4.16 48.36
CA ALA B 27 3.88 4.33 47.66
C ALA B 27 3.41 5.78 47.76
N GLU B 28 3.68 6.40 48.90
CA GLU B 28 3.31 7.80 49.15
C GLU B 28 4.11 8.71 48.23
N LYS B 29 5.43 8.54 48.23
CA LYS B 29 6.30 9.34 47.38
C LYS B 29 5.96 9.21 45.90
N ILE B 30 5.40 8.07 45.52
CA ILE B 30 5.03 7.84 44.13
C ILE B 30 3.74 8.56 43.78
N LYS B 31 2.77 8.57 44.69
CA LYS B 31 1.52 9.27 44.40
C LYS B 31 1.66 10.78 44.64
N ASN B 32 2.76 11.18 45.27
CA ASN B 32 3.03 12.59 45.53
C ASN B 32 3.98 13.14 44.48
N MET B 33 4.32 12.29 43.51
CA MET B 33 5.23 12.68 42.44
C MET B 33 6.63 12.95 42.97
N GLU B 34 6.82 12.74 44.27
CA GLU B 34 8.13 12.96 44.86
C GLU B 34 9.12 12.08 44.10
N ILE B 35 8.59 11.03 43.50
CA ILE B 35 9.37 10.10 42.69
C ILE B 35 8.71 10.05 41.33
N ARG B 36 9.49 10.28 40.27
CA ARG B 36 8.95 10.23 38.92
C ARG B 36 9.96 9.80 37.87
N GLY B 37 9.43 9.22 36.80
CA GLY B 37 10.25 8.75 35.71
C GLY B 37 9.90 7.30 35.52
N ALA B 38 9.83 6.84 34.27
CA ALA B 38 9.49 5.45 34.01
C ALA B 38 10.42 4.50 34.77
N GLY B 39 11.72 4.81 34.77
CA GLY B 39 12.70 3.97 35.44
C GLY B 39 12.71 4.05 36.96
N LYS B 40 12.74 5.26 37.51
CA LYS B 40 12.75 5.44 38.96
C LYS B 40 11.50 4.89 39.64
N ILE B 41 10.35 5.09 39.04
CA ILE B 41 9.12 4.60 39.62
C ILE B 41 9.10 3.07 39.63
N ALA B 42 9.37 2.48 38.48
CA ALA B 42 9.37 1.04 38.36
C ALA B 42 10.38 0.45 39.33
N ARG B 43 11.52 1.10 39.41
CA ARG B 43 12.60 0.68 40.29
C ARG B 43 12.16 0.79 41.75
N SER B 44 11.48 1.88 42.09
CA SER B 44 10.99 2.09 43.45
C SER B 44 9.89 1.12 43.86
N ALA B 45 8.99 0.79 42.92
CA ALA B 45 7.91 -0.14 43.21
C ALA B 45 8.46 -1.55 43.44
N ALA B 46 9.41 -1.97 42.61
CA ALA B 46 10.02 -3.28 42.75
C ALA B 46 10.79 -3.33 44.06
N TYR B 47 11.47 -2.24 44.38
CA TYR B 47 12.24 -2.17 45.61
C TYR B 47 11.32 -2.32 46.81
N ALA B 48 10.16 -1.67 46.72
CA ALA B 48 9.18 -1.76 47.79
C ALA B 48 8.84 -3.23 48.04
N LEU B 49 8.54 -3.97 46.98
CA LEU B 49 8.21 -5.39 47.12
C LEU B 49 9.40 -6.18 47.66
N GLN B 50 10.60 -5.75 47.32
CA GLN B 50 11.81 -6.41 47.81
C GLN B 50 11.87 -6.28 49.32
N LEU B 51 11.60 -5.07 49.80
CA LEU B 51 11.59 -4.77 51.23
C LEU B 51 10.48 -5.55 51.92
N GLN B 52 9.28 -5.54 51.33
CA GLN B 52 8.16 -6.27 51.90
C GLN B 52 8.60 -7.72 52.11
N ALA B 53 9.15 -8.33 51.08
CA ALA B 53 9.62 -9.70 51.15
C ALA B 53 10.78 -9.87 52.14
N GLU B 54 11.59 -8.82 52.28
CA GLU B 54 12.73 -8.85 53.19
C GLU B 54 12.40 -8.62 54.67
N LYS B 55 11.30 -7.92 54.95
CA LYS B 55 10.95 -7.62 56.33
C LYS B 55 9.61 -8.18 56.84
N SER B 56 8.92 -8.97 56.02
CA SER B 56 7.66 -9.54 56.45
C SER B 56 7.84 -10.34 57.73
N LYS B 57 6.95 -10.12 58.69
CA LYS B 57 7.04 -10.84 59.95
C LYS B 57 6.08 -12.02 59.92
N ALA B 58 5.74 -12.47 58.72
CA ALA B 58 4.83 -13.60 58.56
C ALA B 58 5.51 -14.89 59.00
N THR B 59 4.73 -15.90 59.36
CA THR B 59 5.30 -17.17 59.80
C THR B 59 4.86 -18.37 58.96
N ASN B 60 4.02 -18.14 57.95
CA ASN B 60 3.58 -19.21 57.06
C ASN B 60 3.38 -18.65 55.65
N VAL B 61 3.88 -19.38 54.65
CA VAL B 61 3.80 -18.98 53.24
C VAL B 61 2.46 -18.35 52.82
N ASP B 62 1.34 -18.90 53.28
CA ASP B 62 0.03 -18.36 52.92
C ASP B 62 -0.21 -16.91 53.37
N GLU B 63 0.26 -16.59 54.57
CA GLU B 63 0.10 -15.23 55.11
C GLU B 63 1.05 -14.26 54.42
N PHE B 64 2.24 -14.75 54.11
CA PHE B 64 3.25 -13.94 53.44
C PHE B 64 2.74 -13.53 52.07
N TRP B 65 2.19 -14.51 51.33
CA TRP B 65 1.68 -14.27 49.99
C TRP B 65 0.54 -13.26 50.05
N LYS B 66 -0.34 -13.43 51.03
CA LYS B 66 -1.46 -12.52 51.20
C LYS B 66 -0.93 -11.11 51.44
N GLU B 67 -0.01 -10.98 52.39
CA GLU B 67 0.57 -9.67 52.68
C GLU B 67 1.20 -9.08 51.42
N MET B 68 1.95 -9.92 50.70
CA MET B 68 2.61 -9.54 49.46
C MET B 68 1.60 -8.94 48.47
N LYS B 69 0.48 -9.63 48.28
CA LYS B 69 -0.56 -9.14 47.39
C LYS B 69 -1.13 -7.82 47.88
N GLN B 70 -1.19 -7.63 49.19
CA GLN B 70 -1.72 -6.40 49.75
C GLN B 70 -0.75 -5.27 49.46
N ALA B 71 0.53 -5.54 49.65
CA ALA B 71 1.56 -4.54 49.40
C ALA B 71 1.51 -4.13 47.92
N ALA B 72 1.36 -5.13 47.06
CA ALA B 72 1.29 -4.87 45.63
C ALA B 72 0.10 -3.99 45.30
N LYS B 73 -1.09 -4.42 45.71
CA LYS B 73 -2.32 -3.67 45.45
C LYS B 73 -2.17 -2.19 45.85
N ILE B 74 -1.60 -1.94 47.02
CA ILE B 74 -1.41 -0.56 47.47
C ILE B 74 -0.52 0.22 46.49
N LEU B 75 0.53 -0.42 46.00
CA LEU B 75 1.44 0.22 45.06
C LEU B 75 0.74 0.47 43.74
N PHE B 76 0.00 -0.53 43.28
CA PHE B 76 -0.72 -0.41 42.01
C PHE B 76 -1.67 0.78 42.00
N GLU B 77 -2.32 1.03 43.13
CA GLU B 77 -3.28 2.10 43.22
C GLU B 77 -2.72 3.50 43.42
N THR B 78 -1.39 3.63 43.53
CA THR B 78 -0.81 4.95 43.70
C THR B 78 -0.96 5.80 42.44
N ARG B 79 -0.75 5.20 41.28
CA ARG B 79 -0.87 5.90 40.00
C ARG B 79 -1.26 4.92 38.88
N PRO B 80 -2.56 4.80 38.61
CA PRO B 80 -3.01 3.87 37.55
C PRO B 80 -2.74 4.36 36.13
N THR B 81 -2.15 5.55 35.99
CA THR B 81 -1.86 6.10 34.67
C THR B 81 -0.37 5.98 34.31
N ALA B 82 0.45 5.59 35.27
CA ALA B 82 1.88 5.41 35.04
C ALA B 82 1.97 4.00 34.44
N VAL B 83 2.71 3.82 33.35
CA VAL B 83 2.74 2.48 32.76
C VAL B 83 3.78 1.54 33.34
N SER B 84 4.95 2.07 33.70
CA SER B 84 6.01 1.22 34.25
C SER B 84 5.72 0.66 35.64
N LEU B 85 4.89 1.36 36.41
CA LEU B 85 4.54 0.93 37.76
C LEU B 85 3.90 -0.47 37.81
N PRO B 86 2.80 -0.69 37.06
CA PRO B 86 2.25 -2.04 37.15
C PRO B 86 3.19 -3.11 36.58
N ASN B 87 4.01 -2.73 35.61
CA ASN B 87 4.93 -3.71 35.04
C ASN B 87 5.97 -4.15 36.05
N ALA B 88 6.40 -3.24 36.91
CA ALA B 88 7.37 -3.65 37.90
C ALA B 88 6.62 -4.62 38.83
N LEU B 89 5.39 -4.29 39.16
CA LEU B 89 4.61 -5.17 40.04
C LEU B 89 4.39 -6.52 39.38
N ARG B 90 4.00 -6.53 38.11
CA ARG B 90 3.80 -7.79 37.39
C ARG B 90 5.09 -8.61 37.35
N TYR B 91 6.20 -7.97 37.04
CA TYR B 91 7.46 -8.69 36.98
C TYR B 91 7.72 -9.49 38.27
N VAL B 92 7.74 -8.80 39.40
CA VAL B 92 8.00 -9.46 40.67
C VAL B 92 6.90 -10.43 41.08
N MET B 93 5.65 -9.99 41.04
CA MET B 93 4.54 -10.83 41.45
C MET B 93 4.29 -12.07 40.62
N HIS B 94 4.38 -11.94 39.30
CA HIS B 94 4.16 -13.08 38.42
C HIS B 94 5.08 -14.21 38.83
N ARG B 95 6.32 -13.86 39.13
CA ARG B 95 7.30 -14.83 39.53
C ARG B 95 7.07 -15.33 40.93
N GLY B 96 6.38 -14.52 41.73
CA GLY B 96 6.07 -14.93 43.09
C GLY B 96 4.96 -15.96 43.00
N LYS B 97 3.95 -15.64 42.19
CA LYS B 97 2.80 -16.52 41.96
C LYS B 97 3.24 -17.93 41.54
N ILE B 98 4.18 -18.00 40.62
CA ILE B 98 4.67 -19.28 40.15
C ILE B 98 5.24 -20.10 41.31
N ALA B 99 6.20 -19.54 42.03
CA ALA B 99 6.80 -20.25 43.15
C ALA B 99 5.73 -20.64 44.19
N TYR B 100 4.82 -19.71 44.47
CA TYR B 100 3.77 -19.97 45.45
C TYR B 100 2.80 -21.08 45.07
N SER B 101 2.30 -21.03 43.84
CA SER B 101 1.38 -22.05 43.36
C SER B 101 2.08 -23.40 43.24
N SER B 102 3.38 -23.38 42.96
CA SER B 102 4.16 -24.61 42.84
C SER B 102 4.48 -25.18 44.23
N GLY B 103 3.75 -24.69 45.23
CA GLY B 103 3.93 -25.14 46.60
C GLY B 103 5.26 -24.90 47.29
N ALA B 104 5.83 -23.71 47.12
CA ALA B 104 7.11 -23.40 47.77
C ALA B 104 6.84 -22.98 49.22
N ASP B 105 7.83 -23.09 50.09
CA ASP B 105 7.65 -22.70 51.50
C ASP B 105 8.08 -21.26 51.74
N LEU B 106 7.80 -20.74 52.93
CA LEU B 106 8.14 -19.36 53.24
C LEU B 106 9.54 -18.98 52.75
N GLU B 107 10.54 -19.78 53.08
CA GLU B 107 11.91 -19.51 52.67
C GLU B 107 11.99 -19.33 51.14
N GLN B 108 11.72 -20.42 50.42
CA GLN B 108 11.75 -20.41 48.96
C GLN B 108 11.06 -19.20 48.34
N LEU B 109 9.81 -18.98 48.73
CA LEU B 109 9.02 -17.87 48.20
C LEU B 109 9.65 -16.49 48.45
N ARG B 110 10.07 -16.21 49.67
CA ARG B 110 10.69 -14.91 49.96
C ARG B 110 11.91 -14.70 49.06
N PHE B 111 12.66 -15.77 48.85
CA PHE B 111 13.85 -15.72 48.02
C PHE B 111 13.47 -15.43 46.56
N VAL B 112 12.48 -16.14 46.05
CA VAL B 112 12.04 -15.93 44.66
C VAL B 112 11.69 -14.46 44.45
N ILE B 113 10.95 -13.88 45.39
CA ILE B 113 10.54 -12.49 45.30
C ILE B 113 11.70 -11.52 45.44
N ILE B 114 12.43 -11.59 46.54
CA ILE B 114 13.56 -10.70 46.74
C ILE B 114 14.46 -10.79 45.53
N ASN B 115 14.58 -12.00 44.99
CA ASN B 115 15.44 -12.19 43.84
C ASN B 115 14.89 -11.59 42.55
N ALA B 116 13.57 -11.62 42.39
CA ALA B 116 12.96 -11.05 41.20
C ALA B 116 13.10 -9.51 41.22
N ALA B 117 12.85 -8.90 42.38
CA ALA B 117 12.97 -7.45 42.51
C ALA B 117 14.39 -6.97 42.25
N LYS B 118 15.36 -7.71 42.77
CA LYS B 118 16.77 -7.33 42.58
C LYS B 118 17.10 -7.38 41.09
N GLU B 119 16.66 -8.46 40.45
CA GLU B 119 16.87 -8.68 39.04
C GLU B 119 16.25 -7.58 38.19
N PHE B 120 14.98 -7.27 38.49
CA PHE B 120 14.25 -6.23 37.77
C PHE B 120 14.91 -4.88 37.92
N ILE B 121 15.35 -4.58 39.13
CA ILE B 121 15.97 -3.30 39.43
C ILE B 121 17.33 -3.13 38.75
N HIS B 122 18.11 -4.20 38.72
CA HIS B 122 19.43 -4.16 38.10
C HIS B 122 19.25 -3.91 36.62
N ASN B 123 18.28 -4.61 36.02
CA ASN B 123 18.00 -4.50 34.60
C ASN B 123 17.55 -3.09 34.25
N SER B 124 16.80 -2.46 35.16
CA SER B 124 16.32 -1.11 34.91
C SER B 124 17.47 -0.14 34.98
N GLU B 125 18.34 -0.33 35.96
CA GLU B 125 19.51 0.53 36.11
C GLU B 125 20.41 0.47 34.90
N LYS B 126 20.45 -0.68 34.24
CA LYS B 126 21.27 -0.90 33.05
C LYS B 126 20.51 -0.69 31.73
N ALA B 127 19.21 -0.46 31.82
CA ALA B 127 18.37 -0.32 30.63
C ALA B 127 18.78 0.69 29.56
N LEU B 128 19.08 1.92 29.95
CA LEU B 128 19.45 2.93 28.96
C LEU B 128 20.74 2.57 28.26
N GLU B 129 21.72 2.13 29.03
CA GLU B 129 23.00 1.74 28.44
C GLU B 129 22.80 0.59 27.47
N ARG B 130 22.03 -0.42 27.87
CA ARG B 130 21.79 -1.58 27.00
C ARG B 130 21.05 -1.15 25.74
N ILE B 131 20.04 -0.29 25.89
CA ILE B 131 19.29 0.17 24.73
C ILE B 131 20.25 0.93 23.81
N GLY B 132 21.15 1.68 24.42
CA GLY B 132 22.13 2.44 23.67
C GLY B 132 22.97 1.54 22.80
N GLU B 133 23.32 0.37 23.32
CA GLU B 133 24.13 -0.60 22.58
C GLU B 133 23.38 -1.28 21.46
N PHE B 134 22.21 -1.82 21.77
CA PHE B 134 21.40 -2.51 20.77
C PHE B 134 21.03 -1.59 19.61
N GLY B 135 20.79 -0.33 19.95
CA GLY B 135 20.41 0.64 18.94
C GLY B 135 21.57 1.01 18.04
N ALA B 136 22.78 1.07 18.61
CA ALA B 136 23.96 1.41 17.83
C ALA B 136 24.34 0.32 16.81
N LYS B 137 24.02 -0.94 17.09
CA LYS B 137 24.34 -2.01 16.14
C LYS B 137 23.84 -1.64 14.75
N ARG B 138 22.76 -0.86 14.73
CA ARG B 138 22.13 -0.44 13.50
C ARG B 138 22.51 0.93 12.94
N ILE B 139 23.45 1.60 13.61
CA ILE B 139 23.89 2.92 13.15
C ILE B 139 25.24 2.75 12.44
N GLU B 140 25.39 3.43 11.31
CA GLU B 140 26.63 3.34 10.54
C GLU B 140 27.35 4.66 10.54
N ASP B 141 28.69 4.60 10.46
CA ASP B 141 29.50 5.81 10.44
C ASP B 141 29.00 6.69 9.30
N GLY B 142 28.86 7.98 9.58
CA GLY B 142 28.39 8.93 8.58
C GLY B 142 26.87 9.05 8.47
N ASP B 143 26.15 8.42 9.40
CA ASP B 143 24.69 8.44 9.40
C ASP B 143 24.06 9.76 9.82
N VAL B 144 22.97 10.10 9.14
CA VAL B 144 22.22 11.30 9.47
C VAL B 144 21.01 10.72 10.21
N ILE B 145 20.86 11.13 11.47
CA ILE B 145 19.77 10.63 12.29
C ILE B 145 18.80 11.73 12.64
N MET B 146 17.52 11.51 12.36
CA MET B 146 16.52 12.52 12.70
C MET B 146 15.83 12.04 13.97
N THR B 147 15.54 12.96 14.89
CA THR B 147 14.86 12.56 16.11
C THR B 147 13.73 13.50 16.47
N HIS B 148 13.02 13.18 17.56
CA HIS B 148 11.90 14.00 18.02
C HIS B 148 11.82 14.02 19.55
N CYS B 149 11.38 15.15 20.09
CA CYS B 149 11.26 15.34 21.52
C CYS B 149 12.61 15.19 22.21
N HIS B 150 12.61 14.77 23.47
CA HIS B 150 13.87 14.62 24.20
C HIS B 150 13.85 13.32 24.98
N SER B 151 14.15 12.23 24.27
CA SER B 151 14.15 10.91 24.86
C SER B 151 15.52 10.42 25.30
N LYS B 152 15.65 10.11 26.58
CA LYS B 152 16.92 9.63 27.12
C LYS B 152 17.33 8.34 26.40
N ALA B 153 16.35 7.48 26.15
CA ALA B 153 16.59 6.22 25.47
C ALA B 153 17.10 6.45 24.06
N ALA B 154 16.41 7.30 23.30
CA ALA B 154 16.82 7.61 21.94
C ALA B 154 18.18 8.30 21.94
N ILE B 155 18.39 9.21 22.89
CA ILE B 155 19.67 9.91 22.98
C ILE B 155 20.78 8.94 23.35
N SER B 156 20.46 7.89 24.10
CA SER B 156 21.48 6.92 24.48
C SER B 156 21.99 6.15 23.28
N VAL B 157 21.11 5.90 22.31
CA VAL B 157 21.50 5.19 21.11
C VAL B 157 22.43 6.08 20.29
N MET B 158 22.13 7.37 20.26
CA MET B 158 22.94 8.32 19.51
C MET B 158 24.29 8.55 20.19
N LYS B 159 24.25 8.78 21.51
CA LYS B 159 25.45 9.01 22.28
C LYS B 159 26.35 7.80 22.14
N THR B 160 25.78 6.62 22.33
CA THR B 160 26.54 5.39 22.23
C THR B 160 27.19 5.24 20.86
N ALA B 161 26.42 5.38 19.79
CA ALA B 161 26.97 5.26 18.44
C ALA B 161 28.18 6.18 18.26
N TRP B 162 28.04 7.43 18.70
CA TRP B 162 29.11 8.41 18.60
C TRP B 162 30.36 7.93 19.33
N GLU B 163 30.16 7.37 20.53
CA GLU B 163 31.25 6.87 21.36
C GLU B 163 31.90 5.60 20.83
N GLN B 164 31.34 4.98 19.80
CA GLN B 164 31.93 3.77 19.22
C GLN B 164 32.81 4.17 18.04
N GLY B 165 32.93 5.47 17.80
CA GLY B 165 33.73 5.95 16.70
C GLY B 165 32.94 6.19 15.43
N LYS B 166 31.61 6.10 15.51
CA LYS B 166 30.77 6.33 14.34
C LYS B 166 30.42 7.81 14.29
N ASP B 167 30.79 8.48 13.21
CA ASP B 167 30.48 9.89 13.05
C ASP B 167 29.04 10.03 12.58
N ILE B 168 28.24 10.77 13.32
CA ILE B 168 26.84 10.94 12.96
C ILE B 168 26.43 12.39 13.07
N LYS B 169 25.38 12.77 12.36
CA LYS B 169 24.86 14.13 12.42
C LYS B 169 23.40 13.90 12.78
N VAL B 170 22.90 14.65 13.76
CA VAL B 170 21.53 14.51 14.21
C VAL B 170 20.66 15.69 13.79
N ILE B 171 19.58 15.39 13.06
CA ILE B 171 18.63 16.43 12.69
C ILE B 171 17.63 16.41 13.85
N VAL B 172 17.60 17.48 14.62
CA VAL B 172 16.72 17.58 15.78
C VAL B 172 15.44 18.37 15.46
N THR B 173 14.28 17.73 15.59
CA THR B 173 13.05 18.46 15.32
C THR B 173 12.68 19.25 16.56
N GLU B 174 12.30 20.50 16.34
CA GLU B 174 11.91 21.46 17.36
C GLU B 174 11.01 20.90 18.46
N THR B 175 9.99 20.14 18.05
CA THR B 175 9.05 19.52 18.97
C THR B 175 8.15 20.48 19.77
N ARG B 176 7.31 21.23 19.05
CA ARG B 176 6.38 22.14 19.70
C ARG B 176 5.33 21.27 20.45
N PRO B 177 4.62 21.86 21.43
CA PRO B 177 4.72 23.25 21.88
C PRO B 177 5.79 23.56 22.93
N LYS B 178 6.17 22.59 23.78
CA LYS B 178 7.17 22.87 24.80
C LYS B 178 8.63 22.98 24.39
N TRP B 179 8.91 22.84 23.10
CA TRP B 179 10.28 22.98 22.59
C TRP B 179 11.34 21.99 23.09
N GLN B 180 11.00 20.72 23.29
CA GLN B 180 11.99 19.76 23.75
C GLN B 180 13.21 19.60 22.83
N GLY B 181 13.10 20.03 21.59
CA GLY B 181 14.23 19.94 20.68
C GLY B 181 15.40 20.79 21.16
N LYS B 182 15.11 21.96 21.72
CA LYS B 182 16.18 22.83 22.23
C LYS B 182 16.99 22.07 23.26
N ILE B 183 16.31 21.30 24.11
CA ILE B 183 16.99 20.51 25.13
C ILE B 183 17.84 19.44 24.48
N THR B 184 17.26 18.76 23.49
CA THR B 184 17.97 17.69 22.78
C THR B 184 19.17 18.24 21.98
N ALA B 185 18.98 19.37 21.29
CA ALA B 185 20.06 19.97 20.51
C ALA B 185 21.26 20.37 21.37
N LYS B 186 21.00 21.10 22.45
CA LYS B 186 22.08 21.51 23.33
C LYS B 186 22.81 20.29 23.88
N GLU B 187 22.06 19.36 24.46
CA GLU B 187 22.65 18.15 25.01
C GLU B 187 23.52 17.37 24.02
N LEU B 188 23.00 17.11 22.81
CA LEU B 188 23.80 16.37 21.83
C LEU B 188 25.01 17.19 21.42
N ALA B 189 24.82 18.49 21.18
CA ALA B 189 25.94 19.35 20.79
C ALA B 189 27.06 19.28 21.83
N SER B 190 26.66 19.31 23.11
CA SER B 190 27.62 19.25 24.20
C SER B 190 28.45 17.97 24.19
N TYR B 191 27.88 16.85 23.75
CA TYR B 191 28.64 15.60 23.70
C TYR B 191 29.58 15.65 22.50
N GLY B 192 29.50 16.73 21.72
CA GLY B 192 30.34 16.84 20.54
C GLY B 192 29.65 16.38 19.27
N ILE B 193 28.36 16.08 19.38
CA ILE B 193 27.63 15.63 18.20
C ILE B 193 27.12 16.81 17.38
N PRO B 194 27.43 16.82 16.07
CA PRO B 194 26.96 17.94 15.25
C PRO B 194 25.44 17.90 15.11
N VAL B 195 24.81 19.05 15.25
CA VAL B 195 23.36 19.13 15.22
C VAL B 195 22.76 20.14 14.24
N ILE B 196 21.68 19.72 13.59
CA ILE B 196 20.92 20.57 12.67
C ILE B 196 19.55 20.74 13.32
N TYR B 197 19.25 21.94 13.79
CA TYR B 197 17.96 22.20 14.42
C TYR B 197 17.01 22.60 13.32
N VAL B 198 15.81 22.03 13.36
CA VAL B 198 14.83 22.28 12.32
C VAL B 198 13.44 22.45 12.92
N VAL B 199 12.52 23.05 12.18
CA VAL B 199 11.16 23.21 12.66
C VAL B 199 10.42 21.88 12.39
N ASP B 200 9.47 21.49 13.24
CA ASP B 200 8.74 20.21 13.04
C ASP B 200 8.24 19.97 11.61
N SER B 201 7.77 21.04 10.98
CA SER B 201 7.28 21.00 9.62
C SER B 201 8.28 20.57 8.56
N ALA B 202 9.56 20.71 8.85
CA ALA B 202 10.59 20.35 7.88
C ALA B 202 10.96 18.88 7.86
N ALA B 203 10.22 18.05 8.59
CA ALA B 203 10.52 16.63 8.64
C ALA B 203 10.52 15.90 7.32
N ARG B 204 9.51 16.10 6.48
CA ARG B 204 9.48 15.39 5.21
C ARG B 204 10.57 15.93 4.29
N HIS B 205 10.68 17.25 4.24
CA HIS B 205 11.67 17.90 3.41
C HIS B 205 13.07 17.32 3.63
N TYR B 206 13.45 17.11 4.89
CA TYR B 206 14.78 16.57 5.20
C TYR B 206 14.87 15.06 5.40
N MET B 207 13.76 14.36 5.16
CA MET B 207 13.77 12.90 5.32
C MET B 207 14.57 12.28 4.18
N LYS B 208 14.71 13.01 3.07
CA LYS B 208 15.45 12.49 1.92
C LYS B 208 16.96 12.38 2.18
N MET B 209 17.46 13.14 3.15
CA MET B 209 18.88 13.08 3.46
C MET B 209 19.08 12.44 4.83
N THR B 210 18.06 11.75 5.33
CA THR B 210 18.14 11.10 6.62
C THR B 210 18.39 9.62 6.40
N ASP B 211 19.22 9.04 7.25
CA ASP B 211 19.57 7.62 7.14
C ASP B 211 18.78 6.75 8.09
N LYS B 212 18.60 7.27 9.30
CA LYS B 212 17.90 6.57 10.35
C LYS B 212 17.05 7.55 11.15
N VAL B 213 15.90 7.07 11.62
CA VAL B 213 15.04 7.88 12.45
C VAL B 213 15.06 7.17 13.79
N VAL B 214 15.49 7.85 14.83
CA VAL B 214 15.48 7.24 16.16
C VAL B 214 14.70 8.14 17.11
N MET B 215 13.65 7.59 17.72
CA MET B 215 12.82 8.34 18.64
C MET B 215 12.50 7.47 19.86
N GLY B 216 12.00 8.09 20.93
CA GLY B 216 11.66 7.34 22.11
C GLY B 216 10.18 6.97 22.15
N ALA B 217 9.69 6.62 23.34
CA ALA B 217 8.30 6.24 23.53
C ALA B 217 7.79 6.43 24.95
N ASP B 218 6.53 6.85 25.07
CA ASP B 218 5.93 7.02 26.38
C ASP B 218 5.37 5.63 26.78
N SER B 219 4.85 4.90 25.79
CA SER B 219 4.36 3.54 26.02
C SER B 219 4.14 2.79 24.69
N ILE B 220 4.14 1.48 24.76
CA ILE B 220 3.95 0.65 23.59
C ILE B 220 2.68 -0.17 23.86
N THR B 221 1.79 -0.26 22.88
CA THR B 221 0.53 -1.02 23.04
C THR B 221 0.75 -2.50 22.70
N VAL B 222 -0.23 -3.33 22.98
CA VAL B 222 -0.14 -4.77 22.69
C VAL B 222 0.07 -5.05 21.22
N ASN B 223 -0.33 -4.10 20.36
CA ASN B 223 -0.18 -4.25 18.92
C ASN B 223 1.17 -3.79 18.43
N GLY B 224 1.92 -3.12 19.30
CA GLY B 224 3.21 -2.60 18.92
C GLY B 224 3.06 -1.14 18.52
N ALA B 225 1.88 -0.54 18.74
CA ALA B 225 1.68 0.85 18.38
C ALA B 225 2.49 1.69 19.37
N VAL B 226 3.02 2.82 18.90
CA VAL B 226 3.85 3.67 19.73
C VAL B 226 3.24 5.00 20.13
N ILE B 227 3.13 5.20 21.45
CA ILE B 227 2.59 6.43 21.98
C ILE B 227 3.75 7.31 22.38
N ASN B 228 3.88 8.43 21.70
CA ASN B 228 4.96 9.35 21.94
C ASN B 228 4.50 10.79 21.72
N LYS B 229 5.38 11.76 21.99
CA LYS B 229 5.06 13.17 21.83
C LYS B 229 4.43 13.47 20.47
N ILE B 230 3.42 14.35 20.47
CA ILE B 230 2.73 14.72 19.24
C ILE B 230 3.71 15.00 18.10
N GLY B 231 3.41 14.46 16.92
CA GLY B 231 4.29 14.66 15.77
C GLY B 231 5.13 13.44 15.42
N THR B 232 5.32 12.55 16.38
CA THR B 232 6.09 11.35 16.18
C THR B 232 5.52 10.50 15.05
N ALA B 233 4.20 10.34 15.04
CA ALA B 233 3.54 9.54 14.00
C ALA B 233 3.75 10.16 12.64
N LEU B 234 3.71 11.49 12.58
CA LEU B 234 3.89 12.19 11.31
C LEU B 234 5.29 11.95 10.78
N ILE B 235 6.29 12.04 11.66
CA ILE B 235 7.66 11.82 11.22
C ILE B 235 7.80 10.38 10.74
N ALA B 236 7.31 9.42 11.51
CA ALA B 236 7.40 8.01 11.15
C ALA B 236 6.72 7.73 9.82
N LEU B 237 5.55 8.34 9.61
CA LEU B 237 4.78 8.20 8.36
C LEU B 237 5.69 8.55 7.16
N THR B 238 6.37 9.70 7.24
CA THR B 238 7.25 10.15 6.16
C THR B 238 8.57 9.36 6.12
N ALA B 239 8.93 8.72 7.22
CA ALA B 239 10.13 7.89 7.23
C ALA B 239 9.80 6.67 6.36
N LYS B 240 8.63 6.08 6.61
CA LYS B 240 8.14 4.92 5.87
C LYS B 240 8.05 5.23 4.37
N GLU B 241 7.53 6.41 4.06
CA GLU B 241 7.40 6.87 2.69
C GLU B 241 8.77 6.88 1.99
N HIS B 242 9.82 7.05 2.76
CA HIS B 242 11.17 7.11 2.20
C HIS B 242 12.03 5.88 2.46
N ARG B 243 11.50 4.95 3.25
CA ARG B 243 12.23 3.73 3.59
C ARG B 243 13.42 4.02 4.45
N VAL B 244 13.34 5.08 5.25
CA VAL B 244 14.43 5.39 6.16
C VAL B 244 14.19 4.47 7.36
N TRP B 245 15.18 3.64 7.67
CA TRP B 245 15.10 2.72 8.79
C TRP B 245 14.64 3.48 10.04
N THR B 246 13.51 3.08 10.61
CA THR B 246 12.96 3.75 11.78
C THR B 246 13.00 2.93 13.05
N MET B 247 13.61 3.51 14.09
CA MET B 247 13.73 2.80 15.36
C MET B 247 13.11 3.54 16.54
N ILE B 248 12.45 2.79 17.42
CA ILE B 248 11.88 3.37 18.63
C ILE B 248 12.57 2.72 19.83
N ALA B 249 13.22 3.55 20.64
CA ALA B 249 13.94 3.08 21.82
C ALA B 249 13.04 3.13 23.05
N ALA B 250 12.79 1.98 23.65
CA ALA B 250 11.93 1.94 24.81
C ALA B 250 12.21 0.73 25.71
N GLU B 251 12.17 0.96 27.02
CA GLU B 251 12.38 -0.10 27.98
C GLU B 251 11.18 -1.06 27.94
N THR B 252 11.39 -2.31 28.34
CA THR B 252 10.34 -3.31 28.33
C THR B 252 9.16 -2.93 29.23
N TYR B 253 9.45 -2.24 30.33
CA TYR B 253 8.38 -1.84 31.23
C TYR B 253 7.51 -0.70 30.72
N LYS B 254 7.68 -0.35 29.45
CA LYS B 254 6.84 0.68 28.85
C LYS B 254 5.83 -0.01 27.96
N PHE B 255 5.93 -1.32 27.87
CA PHE B 255 5.00 -2.11 27.06
C PHE B 255 3.72 -2.26 27.87
N HIS B 256 2.60 -2.05 27.20
CA HIS B 256 1.27 -2.05 27.83
C HIS B 256 0.30 -3.08 27.25
N PRO B 257 -0.51 -3.72 28.11
CA PRO B 257 -1.48 -4.73 27.64
C PRO B 257 -2.65 -4.11 26.85
N GLU B 258 -2.86 -2.81 27.03
CA GLU B 258 -3.95 -2.09 26.39
C GLU B 258 -3.80 -1.78 24.91
N THR B 259 -4.85 -1.20 24.34
CA THR B 259 -4.92 -0.82 22.95
C THR B 259 -5.13 0.69 22.90
N MET B 260 -4.84 1.28 21.75
CA MET B 260 -5.04 2.70 21.57
C MET B 260 -5.00 2.95 20.07
N LEU B 261 -6.17 2.89 19.45
CA LEU B 261 -6.33 3.08 18.01
C LEU B 261 -5.09 3.67 17.32
N VAL B 265 -11.53 8.91 23.74
CA VAL B 265 -11.32 10.34 23.48
C VAL B 265 -9.86 10.54 23.08
N GLU B 266 -9.22 11.58 23.62
CA GLU B 266 -7.81 11.85 23.31
C GLU B 266 -6.92 11.28 24.42
N ILE B 267 -5.70 10.89 24.05
CA ILE B 267 -4.75 10.31 24.99
C ILE B 267 -4.58 11.17 26.24
N GLU B 268 -4.38 12.47 26.03
CA GLU B 268 -4.21 13.43 27.12
C GLU B 268 -4.13 14.83 26.53
N MET B 269 -5.05 15.69 26.94
CA MET B 269 -5.07 17.06 26.46
C MET B 269 -4.30 17.93 27.45
N ARG B 270 -3.36 18.71 26.96
CA ARG B 270 -2.59 19.58 27.84
C ARG B 270 -3.00 21.04 27.73
N ASP B 271 -2.66 21.78 28.78
CA ASP B 271 -2.95 23.19 28.92
C ASP B 271 -2.70 24.00 27.63
N PRO B 272 -3.76 24.63 27.09
CA PRO B 272 -3.70 25.44 25.86
C PRO B 272 -2.61 26.51 25.86
N THR B 273 -2.28 27.01 27.04
CA THR B 273 -1.28 28.06 27.18
C THR B 273 0.15 27.58 26.95
N GLU B 274 0.31 26.30 26.64
CA GLU B 274 1.62 25.75 26.31
C GLU B 274 1.89 26.17 24.86
N VAL B 275 0.81 26.29 24.10
CA VAL B 275 0.85 26.67 22.69
C VAL B 275 0.75 28.19 22.53
N ILE B 276 -0.25 28.78 23.17
CA ILE B 276 -0.45 30.23 23.10
C ILE B 276 -0.41 30.77 24.52
N PRO B 277 0.68 31.45 24.90
CA PRO B 277 0.77 31.99 26.26
C PRO B 277 -0.50 32.76 26.64
N GLU B 278 -0.91 32.62 27.89
CA GLU B 278 -2.10 33.28 28.42
C GLU B 278 -2.31 34.73 27.98
N ASP B 279 -1.30 35.58 28.20
CA ASP B 279 -1.43 36.97 27.84
C ASP B 279 -1.89 37.20 26.40
N GLU B 280 -1.38 36.42 25.47
CA GLU B 280 -1.79 36.56 24.09
C GLU B 280 -3.16 35.90 23.90
N LEU B 281 -3.31 34.71 24.47
CA LEU B 281 -4.56 33.97 24.34
C LEU B 281 -5.81 34.68 24.85
N LYS B 282 -5.69 35.46 25.93
CA LYS B 282 -6.83 36.18 26.50
C LYS B 282 -7.35 37.19 25.46
N THR B 283 -6.45 37.54 24.54
CA THR B 283 -6.67 38.49 23.45
C THR B 283 -7.44 37.89 22.27
N TRP B 284 -7.53 36.56 22.24
CA TRP B 284 -8.17 35.83 21.15
C TRP B 284 -9.67 35.58 21.28
N PRO B 285 -10.38 35.55 20.15
CA PRO B 285 -11.82 35.29 20.27
C PRO B 285 -12.04 33.87 20.80
N LYS B 286 -13.08 33.71 21.62
CA LYS B 286 -13.43 32.43 22.20
C LYS B 286 -13.81 31.49 21.07
N ASN B 287 -13.92 32.08 19.89
CA ASN B 287 -14.27 31.38 18.67
C ASN B 287 -13.15 30.41 18.24
N ILE B 288 -11.94 30.63 18.75
CA ILE B 288 -10.78 29.80 18.44
C ILE B 288 -10.48 28.85 19.60
N GLU B 289 -10.45 27.55 19.34
CA GLU B 289 -10.11 26.60 20.40
C GLU B 289 -8.67 26.11 20.18
N VAL B 290 -7.84 26.29 21.19
CA VAL B 290 -6.47 25.84 21.07
C VAL B 290 -6.44 24.41 21.59
N TRP B 291 -6.20 23.46 20.69
CA TRP B 291 -6.13 22.04 21.10
C TRP B 291 -4.66 21.64 21.19
N ASN B 292 -4.26 21.13 22.36
CA ASN B 292 -2.89 20.73 22.57
C ASN B 292 -2.74 19.26 23.00
N PRO B 293 -2.93 18.31 22.06
CA PRO B 293 -2.79 16.91 22.44
C PRO B 293 -1.34 16.61 22.82
N ALA B 294 -1.16 15.80 23.87
CA ALA B 294 0.18 15.48 24.34
C ALA B 294 0.91 14.50 23.43
N PHE B 295 0.16 13.49 22.97
CA PHE B 295 0.74 12.45 22.12
C PHE B 295 -0.07 12.11 20.89
N ASP B 296 0.55 11.36 19.98
CA ASP B 296 -0.17 10.84 18.83
C ASP B 296 0.21 9.36 18.87
N VAL B 297 -0.49 8.53 18.11
CA VAL B 297 -0.23 7.10 18.12
C VAL B 297 0.40 6.64 16.81
N THR B 298 1.63 6.15 16.89
CA THR B 298 2.31 5.68 15.68
C THR B 298 1.96 4.22 15.43
N PRO B 299 1.47 3.89 14.23
CA PRO B 299 1.10 2.52 13.85
C PRO B 299 2.35 1.65 13.72
N PRO B 300 2.28 0.40 14.18
CA PRO B 300 3.46 -0.48 14.08
C PRO B 300 4.03 -0.58 12.64
N GLU B 301 3.18 -0.36 11.64
CA GLU B 301 3.60 -0.40 10.23
C GLU B 301 4.65 0.66 9.88
N TYR B 302 4.75 1.71 10.70
CA TYR B 302 5.70 2.76 10.40
C TYR B 302 6.97 2.68 11.21
N VAL B 303 7.09 1.61 11.98
CA VAL B 303 8.27 1.37 12.81
C VAL B 303 8.93 0.04 12.45
N ASP B 304 10.22 0.07 12.11
CA ASP B 304 10.94 -1.15 11.77
C ASP B 304 11.26 -2.02 12.97
N VAL B 305 11.76 -1.40 14.04
CA VAL B 305 12.10 -2.13 15.25
C VAL B 305 11.99 -1.28 16.50
N ILE B 306 11.76 -1.94 17.64
CA ILE B 306 11.73 -1.24 18.91
C ILE B 306 13.01 -1.67 19.62
N ILE B 307 13.82 -0.73 20.10
CA ILE B 307 15.06 -1.08 20.78
C ILE B 307 14.83 -1.23 22.29
N THR B 308 14.84 -2.47 22.75
CA THR B 308 14.61 -2.86 24.14
C THR B 308 15.93 -3.13 24.90
N GLU B 309 15.88 -3.34 26.22
CA GLU B 309 17.10 -3.64 26.99
C GLU B 309 17.50 -5.08 26.68
N ARG B 310 16.51 -5.89 26.33
CA ARG B 310 16.76 -7.30 26.01
C ARG B 310 16.98 -7.50 24.51
N GLY B 311 17.00 -6.41 23.76
CA GLY B 311 17.23 -6.54 22.34
C GLY B 311 16.28 -5.88 21.37
N ILE B 312 16.60 -6.04 20.09
CA ILE B 312 15.85 -5.50 18.98
C ILE B 312 14.72 -6.48 18.64
N ILE B 313 13.53 -5.94 18.43
CA ILE B 313 12.38 -6.76 18.11
C ILE B 313 11.47 -6.03 17.14
N PRO B 314 10.64 -6.77 16.40
CA PRO B 314 9.73 -6.09 15.47
C PRO B 314 8.56 -5.59 16.32
N PRO B 315 7.91 -4.48 15.91
CA PRO B 315 6.77 -3.91 16.65
C PRO B 315 5.74 -4.93 17.14
N TYR B 316 5.37 -5.87 16.28
CA TYR B 316 4.38 -6.90 16.60
C TYR B 316 4.85 -7.95 17.62
N ALA B 317 6.09 -7.83 18.08
CA ALA B 317 6.62 -8.77 19.05
C ALA B 317 6.37 -8.24 20.44
N ALA B 318 5.68 -7.11 20.53
CA ALA B 318 5.37 -6.47 21.80
C ALA B 318 4.60 -7.41 22.74
N ILE B 319 3.72 -8.22 22.16
CA ILE B 319 2.92 -9.13 22.95
C ILE B 319 3.81 -10.22 23.57
N ASP B 320 4.93 -10.53 22.93
CA ASP B 320 5.86 -11.52 23.47
C ASP B 320 6.61 -10.95 24.68
N ILE B 321 6.96 -9.67 24.61
CA ILE B 321 7.66 -9.03 25.71
C ILE B 321 6.72 -9.01 26.91
N LEU B 322 5.46 -8.72 26.65
CA LEU B 322 4.49 -8.67 27.74
C LEU B 322 4.37 -10.01 28.46
N ARG B 323 4.40 -11.10 27.69
CA ARG B 323 4.29 -12.43 28.28
C ARG B 323 5.57 -12.90 28.95
N GLU B 324 6.68 -12.87 28.22
CA GLU B 324 7.95 -13.32 28.78
C GLU B 324 8.44 -12.49 29.97
N GLU B 325 8.27 -11.18 29.91
CA GLU B 325 8.71 -10.30 30.98
C GLU B 325 7.75 -10.17 32.16
N PHE B 326 6.46 -10.01 31.89
CA PHE B 326 5.54 -9.82 33.00
C PHE B 326 4.46 -10.88 33.15
N GLY B 327 4.75 -12.07 32.64
CA GLY B 327 3.81 -13.18 32.73
C GLY B 327 2.40 -12.81 32.38
N TRP B 328 2.26 -11.81 31.52
CA TRP B 328 0.96 -11.35 31.08
C TRP B 328 0.34 -12.38 30.13
N ALA B 329 -0.95 -12.60 30.29
CA ALA B 329 -1.66 -13.54 29.45
C ALA B 329 -3.10 -13.10 29.52
N LEU B 330 -3.88 -13.40 28.49
CA LEU B 330 -5.27 -13.00 28.49
C LEU B 330 -5.97 -13.72 29.64
N LYS B 331 -5.91 -13.08 30.81
CA LYS B 331 -6.51 -13.60 32.03
C LYS B 331 -7.41 -12.48 32.59
N TYR B 332 -8.19 -12.80 33.62
CA TYR B 332 -9.09 -11.83 34.22
C TYR B 332 -8.44 -11.09 35.39
N THR B 333 -7.47 -11.74 36.03
CA THR B 333 -6.79 -11.16 37.19
C THR B 333 -5.30 -10.90 37.02
N GLU B 334 -4.80 -9.98 37.83
CA GLU B 334 -3.39 -9.60 37.84
C GLU B 334 -2.75 -10.52 38.89
N PRO B 335 -1.42 -10.75 38.80
CA PRO B 335 -0.76 -11.63 39.78
C PRO B 335 -1.02 -11.36 41.26
N TRP B 336 -1.37 -10.13 41.63
CA TRP B 336 -1.64 -9.82 43.02
C TRP B 336 -3.14 -9.72 43.32
N GLU B 337 -3.96 -10.23 42.41
CA GLU B 337 -5.41 -10.21 42.58
C GLU B 337 -5.92 -11.61 42.87
N ASP B 338 -6.98 -11.68 43.67
CA ASP B 338 -7.54 -12.96 44.02
C ASP B 338 -8.57 -13.40 42.99
N ALA C 18 -40.15 31.73 -31.99
CA ALA C 18 -38.67 31.86 -32.18
C ALA C 18 -38.03 30.49 -32.38
N VAL C 19 -38.73 29.44 -31.96
CA VAL C 19 -38.21 28.08 -32.05
C VAL C 19 -39.16 27.13 -32.80
N VAL C 20 -38.58 26.12 -33.45
CA VAL C 20 -39.35 25.13 -34.21
C VAL C 20 -40.08 24.13 -33.32
N LYS C 21 -41.23 23.66 -33.78
CA LYS C 21 -42.03 22.69 -33.03
C LYS C 21 -41.32 21.35 -32.94
N GLU C 22 -40.55 21.03 -33.98
CA GLU C 22 -39.81 19.77 -34.03
C GLU C 22 -38.89 19.63 -32.81
N VAL C 23 -38.22 20.72 -32.47
CA VAL C 23 -37.30 20.71 -31.33
C VAL C 23 -38.08 20.47 -30.03
N LEU C 24 -39.10 21.29 -29.79
CA LEU C 24 -39.92 21.15 -28.59
C LEU C 24 -40.45 19.74 -28.50
N GLU C 25 -40.79 19.18 -29.66
CA GLU C 25 -41.32 17.83 -29.74
C GLU C 25 -40.40 16.87 -29.00
N ILE C 26 -39.10 17.04 -29.23
CA ILE C 26 -38.09 16.20 -28.60
C ILE C 26 -37.84 16.63 -27.16
N ALA C 27 -37.87 17.94 -26.91
CA ALA C 27 -37.65 18.48 -25.58
C ALA C 27 -38.71 17.99 -24.59
N GLU C 28 -39.93 17.80 -25.09
CA GLU C 28 -41.05 17.34 -24.26
C GLU C 28 -40.81 15.92 -23.77
N LYS C 29 -40.61 15.00 -24.72
CA LYS C 29 -40.36 13.59 -24.40
C LYS C 29 -39.23 13.47 -23.37
N ILE C 30 -38.10 14.07 -23.70
CA ILE C 30 -36.93 14.05 -22.84
C ILE C 30 -37.20 14.62 -21.45
N LYS C 31 -38.10 15.61 -21.39
CA LYS C 31 -38.45 16.24 -20.11
C LYS C 31 -39.47 15.42 -19.36
N ASN C 32 -40.24 14.62 -20.08
CA ASN C 32 -41.26 13.78 -19.48
C ASN C 32 -40.88 12.31 -19.43
N MET C 33 -39.57 12.07 -19.44
CA MET C 33 -39.02 10.71 -19.38
C MET C 33 -39.49 9.76 -20.48
N GLU C 34 -40.11 10.28 -21.53
CA GLU C 34 -40.56 9.41 -22.62
C GLU C 34 -39.34 8.83 -23.32
N ILE C 35 -38.44 9.71 -23.74
CA ILE C 35 -37.21 9.28 -24.39
C ILE C 35 -36.20 9.02 -23.28
N ARG C 36 -35.82 7.77 -23.10
CA ARG C 36 -34.86 7.40 -22.06
C ARG C 36 -33.70 6.59 -22.62
N GLY C 37 -32.56 6.66 -21.92
CA GLY C 37 -31.39 5.94 -22.36
C GLY C 37 -30.27 6.94 -22.62
N ALA C 38 -29.04 6.55 -22.31
CA ALA C 38 -27.90 7.42 -22.53
C ALA C 38 -27.77 7.83 -23.99
N GLY C 39 -27.90 6.86 -24.89
CA GLY C 39 -27.78 7.12 -26.30
C GLY C 39 -28.98 7.77 -26.98
N LYS C 40 -30.17 7.19 -26.78
CA LYS C 40 -31.38 7.71 -27.39
C LYS C 40 -31.67 9.16 -27.02
N ILE C 41 -31.40 9.53 -25.77
CA ILE C 41 -31.63 10.89 -25.33
C ILE C 41 -30.66 11.86 -26.00
N ALA C 42 -29.38 11.51 -26.02
CA ALA C 42 -28.36 12.37 -26.63
C ALA C 42 -28.52 12.38 -28.14
N ARG C 43 -28.94 11.24 -28.69
CA ARG C 43 -29.14 11.12 -30.12
C ARG C 43 -30.25 12.06 -30.56
N SER C 44 -31.40 11.95 -29.90
CA SER C 44 -32.55 12.78 -30.21
C SER C 44 -32.24 14.25 -29.97
N ALA C 45 -31.45 14.53 -28.95
CA ALA C 45 -31.06 15.90 -28.64
C ALA C 45 -30.31 16.46 -29.83
N ALA C 46 -29.45 15.64 -30.41
CA ALA C 46 -28.65 16.04 -31.57
C ALA C 46 -29.57 16.20 -32.78
N TYR C 47 -30.40 15.20 -33.00
CA TYR C 47 -31.34 15.23 -34.13
C TYR C 47 -32.13 16.53 -34.08
N ALA C 48 -32.47 16.96 -32.86
CA ALA C 48 -33.21 18.19 -32.66
C ALA C 48 -32.40 19.35 -33.23
N LEU C 49 -31.18 19.50 -32.72
CA LEU C 49 -30.29 20.56 -33.18
C LEU C 49 -30.01 20.50 -34.66
N GLN C 50 -30.50 19.44 -35.32
CA GLN C 50 -30.29 19.29 -36.75
C GLN C 50 -31.50 19.85 -37.50
N LEU C 51 -32.69 19.55 -36.99
CA LEU C 51 -33.92 20.03 -37.59
C LEU C 51 -33.97 21.55 -37.60
N GLN C 52 -33.74 22.17 -36.45
CA GLN C 52 -33.77 23.63 -36.36
C GLN C 52 -32.77 24.24 -37.33
N ALA C 53 -31.95 23.38 -37.94
CA ALA C 53 -30.96 23.83 -38.90
C ALA C 53 -31.37 23.42 -40.31
N GLU C 54 -32.57 22.85 -40.43
CA GLU C 54 -33.11 22.40 -41.71
C GLU C 54 -34.47 23.04 -41.99
N LYS C 55 -35.03 23.70 -40.98
CA LYS C 55 -36.33 24.35 -41.10
C LYS C 55 -36.22 25.81 -40.65
N SER C 56 -34.98 26.30 -40.59
CA SER C 56 -34.73 27.68 -40.16
C SER C 56 -35.26 28.68 -41.18
N LYS C 57 -35.51 29.90 -40.74
CA LYS C 57 -36.01 30.97 -41.60
C LYS C 57 -35.17 32.24 -41.43
N ALA C 58 -33.93 32.07 -41.00
CA ALA C 58 -33.02 33.19 -40.79
C ALA C 58 -32.42 33.69 -42.11
N THR C 59 -32.37 35.01 -42.27
CA THR C 59 -31.82 35.61 -43.47
C THR C 59 -30.30 35.69 -43.43
N ASN C 60 -29.76 36.22 -42.33
CA ASN C 60 -28.32 36.35 -42.18
C ASN C 60 -27.74 35.31 -41.22
N VAL C 61 -26.46 34.98 -41.41
CA VAL C 61 -25.78 34.00 -40.58
C VAL C 61 -25.86 34.37 -39.11
N ASP C 62 -26.23 35.62 -38.83
CA ASP C 62 -26.35 36.11 -37.47
C ASP C 62 -27.69 35.72 -36.83
N GLU C 63 -28.80 36.07 -37.47
CA GLU C 63 -30.11 35.72 -36.92
C GLU C 63 -30.24 34.21 -36.89
N PHE C 64 -29.39 33.54 -37.68
CA PHE C 64 -29.39 32.09 -37.76
C PHE C 64 -28.82 31.47 -36.49
N TRP C 65 -27.55 31.77 -36.22
CA TRP C 65 -26.88 31.23 -35.04
C TRP C 65 -27.65 31.40 -33.73
N LYS C 66 -27.97 32.64 -33.38
CA LYS C 66 -28.68 32.90 -32.15
C LYS C 66 -30.03 32.19 -32.10
N GLU C 67 -30.41 31.56 -33.21
CA GLU C 67 -31.69 30.85 -33.26
C GLU C 67 -31.53 29.45 -32.67
N MET C 68 -30.42 28.78 -33.01
CA MET C 68 -30.16 27.46 -32.48
C MET C 68 -29.54 27.61 -31.10
N LYS C 69 -28.94 28.76 -30.86
CA LYS C 69 -28.32 29.05 -29.57
C LYS C 69 -29.40 28.87 -28.51
N GLN C 70 -30.65 29.04 -28.91
CA GLN C 70 -31.79 28.88 -28.00
C GLN C 70 -32.30 27.46 -28.09
N ALA C 71 -31.95 26.77 -29.18
CA ALA C 71 -32.36 25.39 -29.38
C ALA C 71 -31.63 24.50 -28.39
N ALA C 72 -30.38 24.85 -28.11
CA ALA C 72 -29.56 24.10 -27.17
C ALA C 72 -30.02 24.40 -25.74
N LYS C 73 -30.30 25.67 -25.47
CA LYS C 73 -30.76 26.09 -24.16
C LYS C 73 -32.01 25.30 -23.79
N ILE C 74 -32.97 25.28 -24.72
CA ILE C 74 -34.22 24.56 -24.52
C ILE C 74 -33.95 23.11 -24.13
N LEU C 75 -33.28 22.39 -25.03
CA LEU C 75 -32.95 20.98 -24.83
C LEU C 75 -32.03 20.78 -23.62
N PHE C 76 -31.28 21.82 -23.28
CA PHE C 76 -30.36 21.77 -22.15
C PHE C 76 -31.12 21.75 -20.83
N GLU C 77 -32.12 22.63 -20.72
CA GLU C 77 -32.92 22.73 -19.50
C GLU C 77 -34.03 21.69 -19.40
N THR C 78 -34.13 20.81 -20.40
CA THR C 78 -35.16 19.78 -20.35
C THR C 78 -34.72 18.70 -19.36
N ARG C 79 -33.42 18.59 -19.14
CA ARG C 79 -32.87 17.60 -18.23
C ARG C 79 -31.39 17.87 -18.01
N PRO C 80 -31.07 18.81 -17.12
CA PRO C 80 -29.70 19.21 -16.78
C PRO C 80 -28.96 18.04 -16.15
N THR C 81 -29.66 17.36 -15.25
CA THR C 81 -29.12 16.21 -14.54
C THR C 81 -28.50 15.20 -15.50
N ALA C 82 -29.11 15.02 -16.68
CA ALA C 82 -28.60 14.08 -17.66
C ALA C 82 -27.14 14.41 -17.99
N VAL C 83 -26.40 13.41 -18.46
CA VAL C 83 -25.00 13.62 -18.79
C VAL C 83 -24.82 13.71 -20.30
N SER C 84 -25.38 12.75 -21.03
CA SER C 84 -25.26 12.72 -22.49
C SER C 84 -25.99 13.87 -23.16
N LEU C 85 -27.07 14.35 -22.53
CA LEU C 85 -27.85 15.45 -23.09
C LEU C 85 -27.00 16.65 -23.49
N PRO C 86 -26.27 17.24 -22.52
CA PRO C 86 -25.44 18.39 -22.85
C PRO C 86 -24.24 18.11 -23.76
N ASN C 87 -23.78 16.86 -23.80
CA ASN C 87 -22.66 16.54 -24.68
C ASN C 87 -23.10 16.56 -26.13
N ALA C 88 -24.29 16.02 -26.40
CA ALA C 88 -24.82 16.01 -27.76
C ALA C 88 -24.80 17.45 -28.26
N LEU C 89 -25.30 18.36 -27.41
CA LEU C 89 -25.34 19.77 -27.75
C LEU C 89 -23.92 20.29 -27.93
N ARG C 90 -23.10 20.16 -26.88
CA ARG C 90 -21.71 20.63 -26.92
C ARG C 90 -20.99 20.22 -28.19
N TYR C 91 -21.26 19.00 -28.67
CA TYR C 91 -20.63 18.50 -29.87
C TYR C 91 -20.92 19.33 -31.12
N VAL C 92 -22.19 19.53 -31.42
CA VAL C 92 -22.54 20.31 -32.60
C VAL C 92 -22.28 21.80 -32.37
N MET C 93 -22.89 22.37 -31.34
CA MET C 93 -22.72 23.78 -31.03
C MET C 93 -21.26 24.23 -31.01
N HIS C 94 -20.36 23.37 -30.57
CA HIS C 94 -18.95 23.73 -30.52
C HIS C 94 -18.37 23.93 -31.91
N ARG C 95 -18.66 23.00 -32.81
CA ARG C 95 -18.18 23.07 -34.17
C ARG C 95 -18.88 24.18 -34.92
N GLY C 96 -20.10 24.50 -34.47
CA GLY C 96 -20.86 25.57 -35.10
C GLY C 96 -20.31 26.92 -34.66
N LYS C 97 -19.98 27.03 -33.38
CA LYS C 97 -19.44 28.27 -32.83
C LYS C 97 -18.07 28.53 -33.44
N ILE C 98 -17.40 27.47 -33.87
CA ILE C 98 -16.08 27.59 -34.47
C ILE C 98 -16.22 28.39 -35.76
N ALA C 99 -17.24 28.06 -36.55
CA ALA C 99 -17.51 28.72 -37.83
C ALA C 99 -18.10 30.12 -37.62
N TYR C 100 -19.17 30.19 -36.84
CA TYR C 100 -19.82 31.47 -36.56
C TYR C 100 -18.78 32.45 -36.03
N SER C 101 -17.97 31.99 -35.09
CA SER C 101 -16.92 32.83 -34.51
C SER C 101 -16.00 33.23 -35.65
N SER C 102 -15.83 32.34 -36.61
CA SER C 102 -15.00 32.61 -37.77
C SER C 102 -15.83 33.43 -38.75
N GLY C 103 -16.96 33.93 -38.26
CA GLY C 103 -17.86 34.73 -39.06
C GLY C 103 -18.26 34.11 -40.38
N ALA C 104 -17.99 32.82 -40.55
CA ALA C 104 -18.33 32.11 -41.77
C ALA C 104 -19.76 32.46 -42.20
N ASP C 105 -20.03 32.37 -43.50
CA ASP C 105 -21.35 32.69 -44.03
C ASP C 105 -22.38 31.69 -43.50
N LEU C 106 -23.65 32.08 -43.51
CA LEU C 106 -24.74 31.23 -43.03
C LEU C 106 -24.80 29.86 -43.68
N GLU C 107 -24.84 29.82 -45.00
CA GLU C 107 -24.94 28.56 -45.71
C GLU C 107 -23.78 27.60 -45.40
N GLN C 108 -22.66 28.15 -44.92
CA GLN C 108 -21.51 27.33 -44.58
C GLN C 108 -21.67 26.83 -43.13
N LEU C 109 -22.43 27.60 -42.34
CA LEU C 109 -22.68 27.26 -40.94
C LEU C 109 -23.87 26.32 -40.86
N ARG C 110 -24.91 26.62 -41.63
CA ARG C 110 -26.12 25.81 -41.67
C ARG C 110 -25.69 24.37 -41.98
N PHE C 111 -24.62 24.27 -42.76
CA PHE C 111 -24.06 22.99 -43.16
C PHE C 111 -23.31 22.32 -42.01
N VAL C 112 -22.16 22.89 -41.62
CA VAL C 112 -21.33 22.36 -40.54
C VAL C 112 -22.15 21.84 -39.36
N ILE C 113 -23.31 22.46 -39.13
CA ILE C 113 -24.18 22.07 -38.05
C ILE C 113 -24.96 20.80 -38.36
N ILE C 114 -25.74 20.83 -39.44
CA ILE C 114 -26.54 19.66 -39.84
C ILE C 114 -25.63 18.46 -40.02
N ASN C 115 -24.39 18.72 -40.46
CA ASN C 115 -23.41 17.67 -40.69
C ASN C 115 -22.91 17.09 -39.37
N ALA C 116 -22.49 17.98 -38.47
CA ALA C 116 -21.99 17.59 -37.16
C ALA C 116 -23.01 16.73 -36.42
N ALA C 117 -24.28 17.12 -36.51
CA ALA C 117 -25.33 16.40 -35.82
C ALA C 117 -25.45 14.97 -36.37
N LYS C 118 -25.40 14.84 -37.69
CA LYS C 118 -25.52 13.54 -38.33
C LYS C 118 -24.36 12.62 -37.96
N GLU C 119 -23.12 13.10 -38.08
CA GLU C 119 -21.98 12.26 -37.75
C GLU C 119 -22.01 11.85 -36.28
N PHE C 120 -22.52 12.74 -35.43
CA PHE C 120 -22.62 12.45 -34.01
C PHE C 120 -23.66 11.35 -33.86
N ILE C 121 -24.86 11.61 -34.37
CA ILE C 121 -25.94 10.64 -34.30
C ILE C 121 -25.48 9.29 -34.84
N HIS C 122 -24.61 9.30 -35.85
CA HIS C 122 -24.13 8.05 -36.41
C HIS C 122 -23.11 7.41 -35.47
N ASN C 123 -22.14 8.21 -34.99
CA ASN C 123 -21.12 7.70 -34.09
C ASN C 123 -21.78 7.04 -32.88
N SER C 124 -22.98 7.50 -32.54
CA SER C 124 -23.74 6.96 -31.40
C SER C 124 -24.33 5.58 -31.67
N GLU C 125 -25.03 5.45 -32.79
CA GLU C 125 -25.65 4.19 -33.15
C GLU C 125 -24.65 3.03 -33.28
N LYS C 126 -23.39 3.37 -33.53
CA LYS C 126 -22.34 2.36 -33.65
C LYS C 126 -21.45 2.34 -32.42
N ALA C 127 -21.87 3.07 -31.38
CA ALA C 127 -21.08 3.15 -30.15
C ALA C 127 -20.95 1.79 -29.48
N LEU C 128 -22.07 1.22 -29.06
CA LEU C 128 -22.07 -0.08 -28.39
C LEU C 128 -21.32 -1.12 -29.20
N GLU C 129 -21.60 -1.20 -30.50
CA GLU C 129 -20.90 -2.17 -31.32
C GLU C 129 -19.40 -1.94 -31.27
N ARG C 130 -18.97 -0.70 -31.48
CA ARG C 130 -17.55 -0.38 -31.46
C ARG C 130 -16.87 -0.61 -30.10
N ILE C 131 -17.55 -0.25 -29.00
CA ILE C 131 -17.00 -0.46 -27.67
C ILE C 131 -16.79 -1.97 -27.52
N GLY C 132 -17.69 -2.75 -28.11
CA GLY C 132 -17.59 -4.20 -28.04
C GLY C 132 -16.32 -4.71 -28.68
N GLU C 133 -16.04 -4.28 -29.91
CA GLU C 133 -14.85 -4.70 -30.63
C GLU C 133 -13.59 -4.28 -29.88
N PHE C 134 -13.46 -2.99 -29.58
CA PHE C 134 -12.30 -2.50 -28.85
C PHE C 134 -12.08 -3.32 -27.58
N GLY C 135 -13.16 -3.48 -26.81
CA GLY C 135 -13.07 -4.24 -25.57
C GLY C 135 -12.73 -5.70 -25.79
N ALA C 136 -13.31 -6.28 -26.84
CA ALA C 136 -13.07 -7.69 -27.17
C ALA C 136 -11.59 -7.97 -27.38
N LYS C 137 -10.90 -7.05 -28.03
CA LYS C 137 -9.48 -7.23 -28.30
C LYS C 137 -8.70 -7.37 -27.01
N ARG C 138 -9.32 -7.04 -25.90
CA ARG C 138 -8.64 -7.16 -24.62
C ARG C 138 -9.15 -8.32 -23.78
N ILE C 139 -9.96 -9.17 -24.40
CA ILE C 139 -10.48 -10.36 -23.73
C ILE C 139 -9.81 -11.53 -24.44
N GLU C 140 -9.52 -12.60 -23.71
CA GLU C 140 -8.85 -13.75 -24.30
C GLU C 140 -9.43 -15.10 -23.91
N ASP C 141 -9.28 -16.06 -24.81
CA ASP C 141 -9.77 -17.41 -24.59
C ASP C 141 -9.48 -17.88 -23.18
N GLY C 142 -10.51 -18.28 -22.45
CA GLY C 142 -10.31 -18.75 -21.09
C GLY C 142 -10.61 -17.72 -20.01
N ASP C 143 -10.75 -16.46 -20.40
CA ASP C 143 -11.03 -15.40 -19.44
C ASP C 143 -12.32 -15.55 -18.65
N VAL C 144 -12.18 -15.49 -17.32
CA VAL C 144 -13.33 -15.53 -16.43
C VAL C 144 -13.53 -14.04 -16.18
N ILE C 145 -14.73 -13.55 -16.48
CA ILE C 145 -15.03 -12.13 -16.32
C ILE C 145 -16.12 -11.86 -15.31
N MET C 146 -15.88 -10.89 -14.43
CA MET C 146 -16.86 -10.49 -13.43
C MET C 146 -17.45 -9.16 -13.86
N THR C 147 -18.77 -9.00 -13.68
CA THR C 147 -19.43 -7.76 -14.05
C THR C 147 -20.42 -7.30 -12.96
N HIS C 148 -21.04 -6.15 -13.16
CA HIS C 148 -21.98 -5.62 -12.18
C HIS C 148 -23.09 -4.86 -12.89
N CYS C 149 -24.30 -4.93 -12.34
CA CYS C 149 -25.48 -4.27 -12.90
C CYS C 149 -25.81 -4.88 -14.26
N HIS C 150 -26.42 -4.10 -15.15
CA HIS C 150 -26.77 -4.57 -16.47
C HIS C 150 -26.43 -3.52 -17.50
N SER C 151 -25.15 -3.46 -17.84
CA SER C 151 -24.65 -2.48 -18.80
C SER C 151 -24.61 -3.02 -20.22
N LYS C 152 -25.24 -2.29 -21.15
CA LYS C 152 -25.24 -2.68 -22.55
C LYS C 152 -23.80 -2.62 -23.04
N ALA C 153 -23.10 -1.53 -22.72
CA ALA C 153 -21.71 -1.36 -23.13
C ALA C 153 -20.88 -2.52 -22.64
N ALA C 154 -21.02 -2.85 -21.36
CA ALA C 154 -20.26 -3.93 -20.76
C ALA C 154 -20.58 -5.25 -21.46
N ILE C 155 -21.87 -5.59 -21.56
CA ILE C 155 -22.27 -6.83 -22.21
C ILE C 155 -21.78 -6.92 -23.65
N SER C 156 -21.80 -5.81 -24.38
CA SER C 156 -21.33 -5.80 -25.75
C SER C 156 -19.90 -6.34 -25.86
N VAL C 157 -19.06 -5.99 -24.90
CA VAL C 157 -17.67 -6.44 -24.88
C VAL C 157 -17.66 -7.96 -24.70
N MET C 158 -18.44 -8.44 -23.75
CA MET C 158 -18.51 -9.87 -23.45
C MET C 158 -19.05 -10.64 -24.65
N LYS C 159 -20.16 -10.19 -25.20
CA LYS C 159 -20.77 -10.84 -26.35
C LYS C 159 -19.74 -10.95 -27.49
N THR C 160 -19.20 -9.81 -27.92
CA THR C 160 -18.21 -9.77 -29.00
C THR C 160 -17.05 -10.76 -28.84
N ALA C 161 -16.41 -10.76 -27.68
CA ALA C 161 -15.29 -11.67 -27.44
C ALA C 161 -15.75 -13.09 -27.71
N TRP C 162 -16.94 -13.41 -27.20
CA TRP C 162 -17.54 -14.72 -27.36
C TRP C 162 -17.75 -15.11 -28.82
N GLU C 163 -18.15 -14.13 -29.63
CA GLU C 163 -18.39 -14.35 -31.04
C GLU C 163 -17.11 -14.39 -31.87
N GLN C 164 -15.98 -14.15 -31.23
CA GLN C 164 -14.71 -14.21 -31.93
C GLN C 164 -14.10 -15.57 -31.60
N GLY C 165 -14.94 -16.46 -31.08
CA GLY C 165 -14.51 -17.81 -30.75
C GLY C 165 -13.90 -17.92 -29.37
N LYS C 166 -13.87 -16.80 -28.65
CA LYS C 166 -13.29 -16.74 -27.31
C LYS C 166 -14.10 -17.51 -26.28
N ASP C 167 -13.42 -18.44 -25.61
CA ASP C 167 -14.04 -19.26 -24.59
C ASP C 167 -14.00 -18.51 -23.27
N ILE C 168 -15.05 -17.74 -22.98
CA ILE C 168 -15.13 -16.97 -21.75
C ILE C 168 -16.25 -17.47 -20.84
N LYS C 169 -16.17 -17.10 -19.56
CA LYS C 169 -17.17 -17.48 -18.57
C LYS C 169 -17.43 -16.21 -17.76
N VAL C 170 -18.68 -15.88 -17.52
CA VAL C 170 -18.97 -14.65 -16.78
C VAL C 170 -19.57 -14.79 -15.39
N ILE C 171 -18.95 -14.09 -14.42
CA ILE C 171 -19.44 -14.08 -13.06
C ILE C 171 -20.31 -12.83 -12.93
N VAL C 172 -21.61 -13.03 -12.85
CA VAL C 172 -22.57 -11.94 -12.74
C VAL C 172 -22.93 -11.65 -11.29
N THR C 173 -22.78 -10.41 -10.85
CA THR C 173 -23.15 -10.08 -9.48
C THR C 173 -24.62 -9.68 -9.45
N GLU C 174 -25.31 -10.20 -8.44
CA GLU C 174 -26.73 -9.97 -8.22
C GLU C 174 -27.12 -8.52 -8.46
N THR C 175 -26.30 -7.62 -7.92
CA THR C 175 -26.53 -6.18 -8.05
C THR C 175 -27.82 -5.70 -7.39
N ARG C 176 -27.87 -5.77 -6.06
CA ARG C 176 -29.02 -5.28 -5.32
C ARG C 176 -28.96 -3.77 -5.49
N PRO C 177 -30.07 -3.07 -5.19
CA PRO C 177 -31.32 -3.66 -4.70
C PRO C 177 -32.28 -4.13 -5.79
N LYS C 178 -32.19 -3.59 -7.00
CA LYS C 178 -33.11 -3.96 -8.06
C LYS C 178 -32.82 -5.19 -8.92
N TRP C 179 -31.84 -5.99 -8.52
CA TRP C 179 -31.51 -7.23 -9.21
C TRP C 179 -31.10 -7.25 -10.69
N GLN C 180 -30.51 -6.19 -11.20
CA GLN C 180 -30.09 -6.19 -12.61
C GLN C 180 -29.22 -7.41 -12.96
N GLY C 181 -28.77 -8.13 -11.94
CA GLY C 181 -27.95 -9.30 -12.21
C GLY C 181 -28.72 -10.36 -12.96
N LYS C 182 -29.98 -10.57 -12.58
CA LYS C 182 -30.82 -11.57 -13.23
C LYS C 182 -30.98 -11.27 -14.72
N ILE C 183 -31.13 -10.00 -15.06
CA ILE C 183 -31.27 -9.60 -16.45
C ILE C 183 -29.97 -9.93 -17.20
N THR C 184 -28.84 -9.57 -16.62
CA THR C 184 -27.55 -9.81 -17.23
C THR C 184 -27.25 -11.30 -17.33
N ALA C 185 -27.64 -12.05 -16.30
CA ALA C 185 -27.41 -13.48 -16.29
C ALA C 185 -28.21 -14.19 -17.39
N LYS C 186 -29.53 -14.01 -17.40
CA LYS C 186 -30.37 -14.65 -18.41
C LYS C 186 -29.88 -14.29 -19.82
N GLU C 187 -29.79 -12.99 -20.08
CA GLU C 187 -29.37 -12.52 -21.39
C GLU C 187 -28.05 -13.13 -21.85
N LEU C 188 -27.03 -13.13 -20.98
CA LEU C 188 -25.74 -13.69 -21.36
C LEU C 188 -25.82 -15.20 -21.63
N ALA C 189 -26.60 -15.91 -20.82
CA ALA C 189 -26.75 -17.35 -21.00
C ALA C 189 -27.46 -17.62 -22.31
N SER C 190 -28.30 -16.67 -22.71
CA SER C 190 -29.05 -16.77 -23.95
C SER C 190 -28.09 -16.76 -25.14
N TYR C 191 -27.02 -15.98 -25.04
CA TYR C 191 -26.03 -15.92 -26.12
C TYR C 191 -25.23 -17.21 -26.07
N GLY C 192 -25.58 -18.09 -25.14
CA GLY C 192 -24.87 -19.34 -25.01
C GLY C 192 -23.60 -19.23 -24.18
N ILE C 193 -23.48 -18.15 -23.43
CA ILE C 193 -22.29 -17.94 -22.58
C ILE C 193 -22.50 -18.49 -21.17
N PRO C 194 -21.54 -19.29 -20.67
CA PRO C 194 -21.65 -19.84 -19.32
C PRO C 194 -21.59 -18.73 -18.29
N VAL C 195 -22.58 -18.71 -17.40
CA VAL C 195 -22.69 -17.71 -16.37
C VAL C 195 -22.63 -18.29 -14.97
N ILE C 196 -22.06 -17.50 -14.06
CA ILE C 196 -21.98 -17.88 -12.65
C ILE C 196 -22.67 -16.71 -11.96
N TYR C 197 -23.69 -17.00 -11.16
CA TYR C 197 -24.43 -15.97 -10.46
C TYR C 197 -24.09 -15.99 -8.98
N VAL C 198 -23.77 -14.81 -8.44
CA VAL C 198 -23.42 -14.68 -7.03
C VAL C 198 -23.99 -13.40 -6.41
N VAL C 199 -24.06 -13.38 -5.09
CA VAL C 199 -24.54 -12.21 -4.38
C VAL C 199 -23.36 -11.19 -4.43
N ASP C 200 -23.68 -9.90 -4.35
CA ASP C 200 -22.64 -8.87 -4.40
C ASP C 200 -21.52 -9.11 -3.40
N SER C 201 -21.88 -9.63 -2.23
CA SER C 201 -20.89 -9.91 -1.21
C SER C 201 -19.84 -10.93 -1.61
N ALA C 202 -20.10 -11.69 -2.66
CA ALA C 202 -19.15 -12.70 -3.09
C ALA C 202 -18.06 -12.14 -4.01
N ALA C 203 -18.17 -10.87 -4.36
CA ALA C 203 -17.20 -10.23 -5.26
C ALA C 203 -15.72 -10.44 -4.95
N ARG C 204 -15.30 -10.28 -3.69
CA ARG C 204 -13.89 -10.49 -3.35
C ARG C 204 -13.53 -11.97 -3.38
N HIS C 205 -14.39 -12.76 -2.76
CA HIS C 205 -14.22 -14.21 -2.67
C HIS C 205 -13.87 -14.86 -4.00
N TYR C 206 -14.53 -14.44 -5.08
CA TYR C 206 -14.29 -15.02 -6.40
C TYR C 206 -13.37 -14.21 -7.30
N MET C 207 -12.86 -13.10 -6.80
CA MET C 207 -11.95 -12.25 -7.56
C MET C 207 -10.67 -13.07 -7.75
N LYS C 208 -10.42 -13.99 -6.81
CA LYS C 208 -9.24 -14.84 -6.83
C LYS C 208 -9.18 -15.70 -8.08
N MET C 209 -10.31 -15.89 -8.74
CA MET C 209 -10.36 -16.70 -9.95
C MET C 209 -10.94 -15.92 -11.10
N THR C 210 -10.86 -14.60 -11.00
CA THR C 210 -11.35 -13.75 -12.07
C THR C 210 -10.13 -13.27 -12.82
N ASP C 211 -10.27 -13.09 -14.13
CA ASP C 211 -9.17 -12.64 -14.95
C ASP C 211 -9.36 -11.19 -15.36
N LYS C 212 -10.59 -10.86 -15.75
CA LYS C 212 -10.92 -9.51 -16.18
C LYS C 212 -12.21 -9.00 -15.51
N VAL C 213 -12.21 -7.73 -15.12
CA VAL C 213 -13.39 -7.11 -14.54
C VAL C 213 -13.88 -6.11 -15.58
N VAL C 214 -15.08 -6.35 -16.11
CA VAL C 214 -15.63 -5.47 -17.12
C VAL C 214 -16.98 -4.90 -16.66
N MET C 215 -17.03 -3.59 -16.47
CA MET C 215 -18.26 -2.93 -16.05
C MET C 215 -18.55 -1.68 -16.87
N GLY C 216 -19.76 -1.16 -16.70
CA GLY C 216 -20.16 0.02 -17.41
C GLY C 216 -20.01 1.26 -16.56
N ALA C 217 -20.68 2.34 -16.96
CA ALA C 217 -20.62 3.58 -16.21
C ALA C 217 -21.84 4.45 -16.49
N ASP C 218 -22.26 5.17 -15.45
CA ASP C 218 -23.37 6.07 -15.59
C ASP C 218 -22.75 7.35 -16.15
N SER C 219 -21.56 7.66 -15.66
CA SER C 219 -20.81 8.84 -16.08
C SER C 219 -19.33 8.71 -15.71
N ILE C 220 -18.51 9.61 -16.24
CA ILE C 220 -17.07 9.61 -15.99
C ILE C 220 -16.71 11.05 -15.69
N THR C 221 -15.96 11.28 -14.61
CA THR C 221 -15.58 12.66 -14.26
C THR C 221 -14.31 13.10 -14.96
N VAL C 222 -14.07 14.40 -14.95
CA VAL C 222 -12.89 14.98 -15.57
C VAL C 222 -11.59 14.35 -15.06
N ASN C 223 -11.62 13.76 -13.88
CA ASN C 223 -10.44 13.13 -13.31
C ASN C 223 -10.38 11.63 -13.60
N GLY C 224 -11.28 11.15 -14.45
CA GLY C 224 -11.32 9.74 -14.77
C GLY C 224 -12.00 8.89 -13.70
N ALA C 225 -12.71 9.52 -12.77
CA ALA C 225 -13.40 8.75 -11.75
C ALA C 225 -14.65 8.16 -12.42
N VAL C 226 -15.08 6.97 -11.98
CA VAL C 226 -16.24 6.31 -12.57
C VAL C 226 -17.45 6.28 -11.67
N ILE C 227 -18.54 6.88 -12.14
CA ILE C 227 -19.78 6.89 -11.37
C ILE C 227 -20.64 5.78 -11.94
N ASN C 228 -20.94 4.78 -11.12
CA ASN C 228 -21.74 3.65 -11.59
C ASN C 228 -22.57 3.05 -10.46
N LYS C 229 -23.52 2.19 -10.82
CA LYS C 229 -24.37 1.55 -9.83
C LYS C 229 -23.60 1.20 -8.55
N ILE C 230 -24.29 1.33 -7.41
CA ILE C 230 -23.73 1.06 -6.08
C ILE C 230 -23.09 -0.33 -6.05
N GLY C 231 -21.83 -0.38 -5.62
CA GLY C 231 -21.12 -1.66 -5.56
C GLY C 231 -19.94 -1.76 -6.51
N THR C 232 -19.99 -1.01 -7.61
CA THR C 232 -18.93 -0.98 -8.61
C THR C 232 -17.54 -0.70 -8.02
N ALA C 233 -17.45 0.36 -7.22
CA ALA C 233 -16.18 0.74 -6.60
C ALA C 233 -15.64 -0.35 -5.66
N LEU C 234 -16.53 -1.07 -5.00
CA LEU C 234 -16.10 -2.15 -4.10
C LEU C 234 -15.45 -3.25 -4.90
N ILE C 235 -16.02 -3.53 -6.08
CA ILE C 235 -15.47 -4.57 -6.93
C ILE C 235 -14.11 -4.10 -7.46
N ALA C 236 -14.06 -2.91 -8.03
CA ALA C 236 -12.81 -2.37 -8.56
C ALA C 236 -11.75 -2.39 -7.47
N LEU C 237 -12.17 -2.06 -6.25
CA LEU C 237 -11.26 -2.05 -5.11
C LEU C 237 -10.59 -3.41 -4.91
N THR C 238 -11.38 -4.48 -4.84
CA THR C 238 -10.76 -5.79 -4.63
C THR C 238 -10.11 -6.31 -5.92
N ALA C 239 -10.48 -5.76 -7.06
CA ALA C 239 -9.87 -6.14 -8.32
C ALA C 239 -8.43 -5.59 -8.24
N LYS C 240 -8.30 -4.34 -7.81
CA LYS C 240 -6.98 -3.73 -7.66
C LYS C 240 -6.19 -4.56 -6.65
N GLU C 241 -6.83 -4.93 -5.56
CA GLU C 241 -6.16 -5.73 -4.54
C GLU C 241 -5.59 -7.02 -5.17
N HIS C 242 -6.33 -7.59 -6.13
CA HIS C 242 -5.92 -8.83 -6.81
C HIS C 242 -5.26 -8.63 -8.17
N ARG C 243 -4.84 -7.41 -8.46
CA ARG C 243 -4.19 -7.09 -9.74
C ARG C 243 -4.93 -7.71 -10.93
N VAL C 244 -6.24 -7.50 -10.98
CA VAL C 244 -7.07 -8.00 -12.05
C VAL C 244 -7.36 -6.86 -13.00
N TRP C 245 -6.95 -6.99 -14.26
CA TRP C 245 -7.18 -5.94 -15.25
C TRP C 245 -8.66 -5.53 -15.17
N THR C 246 -8.89 -4.22 -15.00
CA THR C 246 -10.25 -3.69 -14.88
C THR C 246 -10.56 -2.64 -15.95
N MET C 247 -11.58 -2.89 -16.76
CA MET C 247 -11.95 -1.98 -17.82
C MET C 247 -13.35 -1.45 -17.62
N ILE C 248 -13.58 -0.18 -17.97
CA ILE C 248 -14.92 0.39 -17.85
C ILE C 248 -15.42 0.81 -19.25
N ALA C 249 -16.46 0.12 -19.73
CA ALA C 249 -17.02 0.42 -21.04
C ALA C 249 -17.95 1.61 -20.96
N ALA C 250 -17.61 2.70 -21.66
CA ALA C 250 -18.41 3.91 -21.63
C ALA C 250 -18.21 4.77 -22.87
N GLU C 251 -19.30 5.40 -23.32
CA GLU C 251 -19.28 6.26 -24.50
C GLU C 251 -18.70 7.64 -24.19
N THR C 252 -18.11 8.27 -25.20
CA THR C 252 -17.52 9.60 -25.03
C THR C 252 -18.49 10.61 -24.44
N TYR C 253 -19.77 10.51 -24.80
CA TYR C 253 -20.75 11.46 -24.26
C TYR C 253 -21.15 11.21 -22.81
N LYS C 254 -20.45 10.30 -22.12
CA LYS C 254 -20.74 10.05 -20.72
C LYS C 254 -19.72 10.79 -19.86
N PHE C 255 -18.70 11.32 -20.51
CA PHE C 255 -17.65 12.08 -19.84
C PHE C 255 -18.20 13.48 -19.61
N HIS C 256 -18.02 14.02 -18.42
CA HIS C 256 -18.50 15.38 -18.14
C HIS C 256 -17.45 16.19 -17.39
N PRO C 257 -17.41 17.51 -17.63
CA PRO C 257 -16.51 18.51 -17.04
C PRO C 257 -16.30 18.51 -15.52
N GLU C 258 -17.31 18.15 -14.75
CA GLU C 258 -17.22 18.19 -13.29
C GLU C 258 -16.43 17.12 -12.51
N THR C 259 -16.30 17.40 -11.21
CA THR C 259 -15.62 16.55 -10.24
C THR C 259 -16.69 15.97 -9.34
N MET C 260 -16.54 14.73 -8.90
CA MET C 260 -17.54 14.14 -8.01
C MET C 260 -16.96 13.48 -6.77
N LEU C 261 -15.63 13.36 -6.73
CA LEU C 261 -14.91 12.76 -5.60
C LEU C 261 -14.77 13.76 -4.45
N GLY C 262 -14.33 13.27 -3.28
CA GLY C 262 -14.17 14.12 -2.12
C GLY C 262 -15.47 14.82 -1.79
N GLN C 263 -16.56 14.08 -1.93
CA GLN C 263 -17.89 14.59 -1.68
C GLN C 263 -18.65 13.62 -0.77
N LEU C 264 -19.45 14.17 0.15
CA LEU C 264 -20.24 13.33 1.05
C LEU C 264 -21.73 13.43 0.76
N VAL C 265 -22.09 14.21 -0.26
CA VAL C 265 -23.48 14.36 -0.67
C VAL C 265 -23.76 13.38 -1.82
N GLU C 266 -24.74 12.50 -1.61
CA GLU C 266 -25.08 11.49 -2.61
C GLU C 266 -25.43 12.02 -3.97
N ILE C 267 -24.97 11.31 -5.00
CA ILE C 267 -25.22 11.69 -6.37
C ILE C 267 -26.70 11.55 -6.67
N GLU C 268 -27.37 10.61 -6.00
CA GLU C 268 -28.79 10.39 -6.25
C GLU C 268 -29.38 9.30 -5.35
N MET C 269 -30.11 9.70 -4.32
CA MET C 269 -30.73 8.74 -3.41
C MET C 269 -32.00 8.25 -4.08
N ARG C 270 -32.22 6.95 -4.05
CA ARG C 270 -33.43 6.41 -4.67
C ARG C 270 -34.42 5.92 -3.63
N ASP C 271 -35.63 5.67 -4.10
CA ASP C 271 -36.73 5.20 -3.27
C ASP C 271 -36.31 4.02 -2.38
N PRO C 272 -36.43 4.17 -1.04
CA PRO C 272 -36.08 3.15 -0.04
C PRO C 272 -36.86 1.84 -0.19
N THR C 273 -38.09 1.92 -0.70
CA THR C 273 -38.90 0.72 -0.85
C THR C 273 -38.30 -0.18 -1.91
N GLU C 274 -37.32 0.35 -2.62
CA GLU C 274 -36.60 -0.38 -3.66
C GLU C 274 -35.80 -1.47 -2.98
N VAL C 275 -35.39 -1.20 -1.73
CA VAL C 275 -34.60 -2.13 -0.94
C VAL C 275 -35.53 -2.93 -0.04
N ILE C 276 -36.39 -2.23 0.68
CA ILE C 276 -37.36 -2.90 1.54
C ILE C 276 -38.75 -2.44 1.03
N PRO C 277 -39.59 -3.39 0.59
CA PRO C 277 -40.94 -3.10 0.09
C PRO C 277 -41.74 -2.21 1.04
N GLU C 278 -42.68 -1.43 0.48
CA GLU C 278 -43.49 -0.55 1.30
C GLU C 278 -44.29 -1.31 2.36
N ASP C 279 -44.95 -2.38 1.94
CA ASP C 279 -45.75 -3.17 2.87
C ASP C 279 -44.87 -3.74 3.99
N GLU C 280 -43.63 -4.06 3.67
CA GLU C 280 -42.72 -4.60 4.68
C GLU C 280 -42.13 -3.46 5.52
N LEU C 281 -41.73 -2.38 4.86
CA LEU C 281 -41.12 -1.24 5.57
C LEU C 281 -42.04 -0.58 6.59
N LYS C 282 -43.33 -0.46 6.28
CA LYS C 282 -44.32 0.14 7.18
C LYS C 282 -44.15 -0.41 8.60
N THR C 283 -43.85 -1.70 8.68
CA THR C 283 -43.65 -2.43 9.94
C THR C 283 -42.49 -1.92 10.80
N TRP C 284 -41.29 -1.97 10.23
CA TRP C 284 -40.06 -1.58 10.89
C TRP C 284 -40.14 -0.38 11.83
N PRO C 285 -39.42 -0.45 12.97
CA PRO C 285 -39.36 0.61 13.98
C PRO C 285 -38.83 1.94 13.44
N LYS C 286 -39.49 3.02 13.87
CA LYS C 286 -39.16 4.37 13.46
C LYS C 286 -37.69 4.78 13.47
N ASN C 287 -36.88 4.21 14.38
CA ASN C 287 -35.47 4.60 14.43
C ASN C 287 -34.54 3.84 13.47
N ILE C 288 -35.10 3.35 12.39
CA ILE C 288 -34.34 2.64 11.36
C ILE C 288 -34.58 3.36 10.02
N GLU C 289 -33.52 3.91 9.44
CA GLU C 289 -33.65 4.55 8.14
C GLU C 289 -33.09 3.63 7.07
N VAL C 290 -33.71 3.62 5.90
CA VAL C 290 -33.20 2.79 4.83
C VAL C 290 -32.64 3.71 3.75
N TRP C 291 -31.33 3.64 3.55
CA TRP C 291 -30.67 4.45 2.54
C TRP C 291 -30.42 3.65 1.27
N ASN C 292 -30.76 4.25 0.14
CA ASN C 292 -30.61 3.57 -1.12
C ASN C 292 -29.87 4.38 -2.18
N PRO C 293 -28.56 4.56 -2.01
CA PRO C 293 -27.78 5.33 -2.98
C PRO C 293 -27.76 4.59 -4.32
N ALA C 294 -27.97 5.32 -5.40
CA ALA C 294 -27.99 4.70 -6.70
C ALA C 294 -26.58 4.30 -7.14
N PHE C 295 -25.63 5.20 -6.94
CA PHE C 295 -24.27 4.94 -7.37
C PHE C 295 -23.25 5.17 -6.27
N ASP C 296 -22.01 4.81 -6.60
CA ASP C 296 -20.86 5.06 -5.76
C ASP C 296 -19.80 5.52 -6.75
N VAL C 297 -18.72 6.11 -6.27
CA VAL C 297 -17.69 6.62 -7.17
C VAL C 297 -16.43 5.78 -7.14
N THR C 298 -15.95 5.36 -8.32
CA THR C 298 -14.73 4.57 -8.38
C THR C 298 -13.54 5.45 -8.78
N PRO C 299 -12.49 5.48 -7.94
CA PRO C 299 -11.29 6.28 -8.20
C PRO C 299 -10.60 5.82 -9.48
N PRO C 300 -10.05 6.75 -10.27
CA PRO C 300 -9.38 6.30 -11.49
C PRO C 300 -8.29 5.27 -11.19
N GLU C 301 -7.63 5.42 -10.06
CA GLU C 301 -6.58 4.50 -9.65
C GLU C 301 -7.04 3.03 -9.61
N TYR C 302 -8.36 2.78 -9.57
CA TYR C 302 -8.85 1.42 -9.52
C TYR C 302 -9.37 0.96 -10.87
N VAL C 303 -9.11 1.77 -11.90
CA VAL C 303 -9.53 1.46 -13.26
C VAL C 303 -8.30 1.51 -14.17
N ASP C 304 -8.05 0.44 -14.91
CA ASP C 304 -6.91 0.41 -15.82
C ASP C 304 -7.15 1.21 -17.09
N VAL C 305 -8.26 0.94 -17.77
CA VAL C 305 -8.58 1.68 -19.00
C VAL C 305 -10.09 1.83 -19.16
N ILE C 306 -10.49 2.80 -19.97
CA ILE C 306 -11.89 3.03 -20.29
C ILE C 306 -12.05 2.73 -21.76
N ILE C 307 -12.96 1.81 -22.08
CA ILE C 307 -13.21 1.44 -23.47
C ILE C 307 -14.29 2.34 -24.05
N THR C 308 -13.90 3.29 -24.90
CA THR C 308 -14.85 4.20 -25.53
C THR C 308 -15.07 3.71 -26.95
N GLU C 309 -16.02 4.31 -27.66
CA GLU C 309 -16.29 3.89 -29.04
C GLU C 309 -15.26 4.49 -30.00
N ARG C 310 -14.24 5.15 -29.44
CA ARG C 310 -13.16 5.76 -30.22
C ARG C 310 -11.86 5.00 -29.96
N GLY C 311 -11.88 4.13 -28.95
CA GLY C 311 -10.70 3.36 -28.61
C GLY C 311 -10.52 3.23 -27.10
N ILE C 312 -9.39 2.66 -26.70
CA ILE C 312 -9.07 2.45 -25.30
C ILE C 312 -8.09 3.47 -24.71
N ILE C 313 -8.54 4.20 -23.70
CA ILE C 313 -7.73 5.23 -23.06
C ILE C 313 -7.62 5.09 -21.55
N PRO C 314 -6.59 5.72 -20.95
CA PRO C 314 -6.39 5.66 -19.50
C PRO C 314 -7.48 6.55 -18.91
N PRO C 315 -7.93 6.25 -17.69
CA PRO C 315 -8.99 7.03 -17.01
C PRO C 315 -8.71 8.53 -17.04
N TYR C 316 -7.50 8.90 -16.66
CA TYR C 316 -7.08 10.29 -16.60
C TYR C 316 -6.99 10.99 -17.96
N ALA C 317 -7.35 10.29 -19.03
CA ALA C 317 -7.31 10.89 -20.35
C ALA C 317 -8.68 11.52 -20.62
N ALA C 318 -9.58 11.32 -19.67
CA ALA C 318 -10.95 11.85 -19.77
C ALA C 318 -10.96 13.32 -20.16
N ILE C 319 -10.05 14.09 -19.58
CA ILE C 319 -9.97 15.51 -19.84
C ILE C 319 -9.62 15.80 -21.30
N ASP C 320 -8.96 14.87 -21.98
CA ASP C 320 -8.62 15.08 -23.38
C ASP C 320 -9.87 14.86 -24.25
N ILE C 321 -10.64 13.83 -23.93
CA ILE C 321 -11.86 13.55 -24.67
C ILE C 321 -12.82 14.72 -24.56
N LEU C 322 -12.92 15.29 -23.36
CA LEU C 322 -13.81 16.43 -23.19
C LEU C 322 -13.38 17.56 -24.12
N ARG C 323 -12.08 17.89 -24.10
CA ARG C 323 -11.56 18.95 -24.95
C ARG C 323 -11.72 18.60 -26.43
N GLU C 324 -11.28 17.42 -26.83
CA GLU C 324 -11.39 17.01 -28.23
C GLU C 324 -12.83 16.85 -28.75
N GLU C 325 -13.58 15.94 -28.15
CA GLU C 325 -14.94 15.64 -28.58
C GLU C 325 -15.96 16.76 -28.35
N PHE C 326 -15.84 17.45 -27.23
CA PHE C 326 -16.84 18.49 -26.91
C PHE C 326 -16.29 19.90 -26.76
N GLY C 327 -15.04 20.09 -27.15
CA GLY C 327 -14.41 21.40 -27.08
C GLY C 327 -14.44 22.05 -25.72
N TRP C 328 -14.11 21.29 -24.68
CA TRP C 328 -14.10 21.80 -23.32
C TRP C 328 -12.81 22.56 -23.03
N ALA C 329 -12.94 23.76 -22.50
CA ALA C 329 -11.79 24.60 -22.14
C ALA C 329 -11.91 24.88 -20.65
N LEU C 330 -10.83 25.31 -20.02
CA LEU C 330 -10.90 25.58 -18.59
C LEU C 330 -11.92 26.67 -18.27
N LYS C 331 -11.66 27.88 -18.76
CA LYS C 331 -12.58 28.99 -18.55
C LYS C 331 -13.72 28.71 -19.50
N TYR C 332 -14.52 27.71 -19.17
CA TYR C 332 -15.62 27.30 -20.04
C TYR C 332 -16.95 28.01 -19.87
N THR C 333 -17.67 28.07 -20.99
CA THR C 333 -19.00 28.65 -21.09
C THR C 333 -19.59 27.88 -22.24
N GLU C 334 -20.75 27.28 -22.01
CA GLU C 334 -21.40 26.50 -23.05
C GLU C 334 -21.44 27.30 -24.35
N PRO C 335 -21.12 26.66 -25.48
CA PRO C 335 -21.12 27.32 -26.77
C PRO C 335 -22.47 27.92 -27.16
N TRP C 336 -23.53 27.49 -26.49
CA TRP C 336 -24.86 27.99 -26.79
C TRP C 336 -25.28 29.14 -25.88
N GLU C 337 -24.36 29.56 -25.01
CA GLU C 337 -24.62 30.67 -24.10
C GLU C 337 -23.56 31.73 -24.36
N ASP C 338 -23.99 32.92 -24.76
CA ASP C 338 -23.07 34.01 -25.06
C ASP C 338 -21.92 33.51 -25.92
N MET D 17 -18.47 -49.18 25.47
CA MET D 17 -18.33 -47.91 26.23
C MET D 17 -18.61 -48.13 27.71
N ALA D 18 -17.99 -47.31 28.56
CA ALA D 18 -18.16 -47.38 30.01
C ALA D 18 -18.48 -45.98 30.55
N VAL D 19 -19.12 -45.17 29.70
CA VAL D 19 -19.50 -43.79 30.03
C VAL D 19 -20.90 -43.71 30.62
N VAL D 20 -21.17 -42.65 31.39
CA VAL D 20 -22.47 -42.45 32.01
C VAL D 20 -23.50 -42.18 30.93
N LYS D 21 -24.79 -42.33 31.26
CA LYS D 21 -25.84 -42.12 30.27
C LYS D 21 -26.13 -40.65 30.00
N GLU D 22 -25.82 -39.79 30.97
CA GLU D 22 -26.05 -38.36 30.82
C GLU D 22 -25.16 -37.83 29.68
N VAL D 23 -23.93 -38.31 29.64
CA VAL D 23 -22.98 -37.91 28.62
C VAL D 23 -23.53 -38.31 27.26
N LEU D 24 -24.03 -39.54 27.18
CA LEU D 24 -24.60 -40.05 25.94
C LEU D 24 -25.78 -39.22 25.45
N GLU D 25 -26.59 -38.72 26.37
CA GLU D 25 -27.74 -37.90 26.01
C GLU D 25 -27.28 -36.57 25.40
N ILE D 26 -26.39 -35.88 26.13
CA ILE D 26 -25.88 -34.60 25.67
C ILE D 26 -25.29 -34.71 24.27
N ALA D 27 -24.59 -35.80 24.01
CA ALA D 27 -23.98 -36.00 22.70
C ALA D 27 -25.05 -36.22 21.64
N GLU D 28 -26.13 -36.92 22.01
CA GLU D 28 -27.21 -37.19 21.07
C GLU D 28 -27.84 -35.86 20.65
N LYS D 29 -28.10 -34.99 21.63
CA LYS D 29 -28.69 -33.69 21.34
C LYS D 29 -27.76 -32.87 20.42
N ILE D 30 -26.45 -33.01 20.64
CA ILE D 30 -25.47 -32.28 19.83
C ILE D 30 -25.39 -32.86 18.42
N LYS D 31 -25.35 -34.18 18.31
CA LYS D 31 -25.26 -34.81 17.00
C LYS D 31 -26.50 -34.57 16.14
N ASN D 32 -27.66 -34.46 16.79
CA ASN D 32 -28.92 -34.21 16.06
C ASN D 32 -29.24 -32.72 16.05
N MET D 33 -28.23 -31.92 16.34
CA MET D 33 -28.34 -30.47 16.36
C MET D 33 -29.52 -29.87 17.13
N GLU D 34 -29.81 -30.41 18.30
CA GLU D 34 -30.89 -29.90 19.15
C GLU D 34 -30.32 -28.69 19.88
N ILE D 35 -28.99 -28.69 20.05
CA ILE D 35 -28.26 -27.61 20.68
C ILE D 35 -27.43 -26.97 19.58
N ARG D 36 -27.75 -25.71 19.27
CA ARG D 36 -27.06 -24.94 18.23
C ARG D 36 -26.30 -23.77 18.86
N GLY D 37 -25.29 -23.28 18.17
CA GLY D 37 -24.51 -22.17 18.70
C GLY D 37 -23.19 -22.56 19.33
N ALA D 38 -22.14 -21.81 19.00
CA ALA D 38 -20.80 -22.06 19.52
C ALA D 38 -20.81 -22.10 21.05
N GLY D 39 -21.45 -21.12 21.67
CA GLY D 39 -21.50 -21.08 23.12
C GLY D 39 -22.22 -22.26 23.76
N LYS D 40 -23.47 -22.50 23.35
CA LYS D 40 -24.25 -23.59 23.92
C LYS D 40 -23.62 -24.95 23.71
N ILE D 41 -23.16 -25.24 22.50
CA ILE D 41 -22.55 -26.53 22.26
C ILE D 41 -21.30 -26.74 23.12
N ALA D 42 -20.42 -25.74 23.17
CA ALA D 42 -19.22 -25.83 23.97
C ALA D 42 -19.58 -26.08 25.43
N ARG D 43 -20.49 -25.28 25.95
CA ARG D 43 -20.91 -25.43 27.34
C ARG D 43 -21.52 -26.80 27.61
N SER D 44 -22.29 -27.31 26.66
CA SER D 44 -22.91 -28.62 26.81
C SER D 44 -21.88 -29.73 26.89
N ALA D 45 -20.85 -29.64 26.07
CA ALA D 45 -19.79 -30.65 26.06
C ALA D 45 -18.97 -30.60 27.35
N ALA D 46 -18.72 -29.41 27.86
CA ALA D 46 -17.94 -29.29 29.08
C ALA D 46 -18.73 -29.86 30.26
N TYR D 47 -20.04 -29.70 30.21
CA TYR D 47 -20.92 -30.16 31.28
C TYR D 47 -21.10 -31.66 31.24
N ALA D 48 -20.89 -32.24 30.07
CA ALA D 48 -21.01 -33.68 29.94
C ALA D 48 -19.82 -34.26 30.67
N LEU D 49 -18.64 -33.69 30.42
CA LEU D 49 -17.42 -34.14 31.08
C LEU D 49 -17.59 -33.96 32.60
N GLN D 50 -18.24 -32.87 33.01
CA GLN D 50 -18.47 -32.61 34.42
C GLN D 50 -19.38 -33.71 35.00
N LEU D 51 -20.44 -34.03 34.28
CA LEU D 51 -21.37 -35.07 34.72
C LEU D 51 -20.65 -36.42 34.79
N GLN D 52 -19.80 -36.69 33.81
CA GLN D 52 -19.06 -37.94 33.78
C GLN D 52 -18.09 -37.99 34.96
N ALA D 53 -17.60 -36.81 35.36
CA ALA D 53 -16.66 -36.72 36.46
C ALA D 53 -17.33 -36.78 37.83
N GLU D 54 -18.58 -36.34 37.91
CA GLU D 54 -19.30 -36.34 39.18
C GLU D 54 -19.94 -37.67 39.51
N LYS D 55 -20.44 -38.35 38.49
CA LYS D 55 -21.11 -39.63 38.65
C LYS D 55 -20.22 -40.84 38.35
N SER D 56 -18.93 -40.62 38.18
CA SER D 56 -18.02 -41.71 37.84
C SER D 56 -18.18 -42.99 38.66
N LYS D 57 -18.00 -44.11 37.97
CA LYS D 57 -18.11 -45.44 38.54
C LYS D 57 -16.76 -45.88 39.11
N ALA D 58 -15.70 -45.37 38.49
CA ALA D 58 -14.32 -45.67 38.85
C ALA D 58 -13.99 -45.63 40.34
N THR D 59 -12.86 -46.24 40.69
CA THR D 59 -12.38 -46.29 42.06
C THR D 59 -10.87 -46.04 42.09
N ASN D 60 -10.29 -45.81 40.90
CA ASN D 60 -8.86 -45.55 40.80
C ASN D 60 -8.56 -44.50 39.71
N VAL D 61 -7.32 -44.03 39.68
CA VAL D 61 -6.87 -43.03 38.72
C VAL D 61 -7.04 -43.40 37.25
N ASP D 62 -6.26 -44.39 36.81
CA ASP D 62 -6.28 -44.83 35.42
C ASP D 62 -7.66 -45.23 34.90
N GLU D 63 -8.56 -45.62 35.79
CA GLU D 63 -9.90 -46.02 35.38
C GLU D 63 -10.76 -44.79 35.13
N PHE D 64 -10.69 -43.83 36.06
CA PHE D 64 -11.45 -42.58 35.96
C PHE D 64 -10.98 -41.75 34.78
N TRP D 65 -9.67 -41.52 34.70
CA TRP D 65 -9.11 -40.74 33.61
C TRP D 65 -9.39 -41.43 32.28
N LYS D 66 -9.29 -42.75 32.27
CA LYS D 66 -9.53 -43.51 31.05
C LYS D 66 -10.97 -43.33 30.57
N GLU D 67 -11.92 -43.38 31.50
CA GLU D 67 -13.31 -43.22 31.10
C GLU D 67 -13.60 -41.76 30.72
N MET D 68 -12.82 -40.83 31.25
CA MET D 68 -12.98 -39.41 30.91
C MET D 68 -12.51 -39.21 29.46
N LYS D 69 -11.54 -40.02 29.03
CA LYS D 69 -11.01 -39.91 27.67
C LYS D 69 -11.99 -40.53 26.69
N GLN D 70 -12.65 -41.60 27.13
CA GLN D 70 -13.64 -42.31 26.30
C GLN D 70 -14.81 -41.38 26.04
N ALA D 71 -15.24 -40.67 27.08
CA ALA D 71 -16.35 -39.74 26.98
C ALA D 71 -16.03 -38.58 26.06
N ALA D 72 -14.82 -38.04 26.19
CA ALA D 72 -14.41 -36.91 25.37
C ALA D 72 -14.29 -37.30 23.90
N LYS D 73 -14.12 -38.60 23.62
CA LYS D 73 -14.00 -39.05 22.24
C LYS D 73 -15.38 -39.13 21.60
N ILE D 74 -16.36 -39.54 22.39
CA ILE D 74 -17.75 -39.66 21.93
C ILE D 74 -18.24 -38.25 21.60
N LEU D 75 -18.28 -37.39 22.62
CA LEU D 75 -18.69 -36.01 22.48
C LEU D 75 -18.03 -35.40 21.26
N PHE D 76 -16.73 -35.60 21.14
CA PHE D 76 -15.95 -35.07 20.03
C PHE D 76 -16.50 -35.44 18.67
N GLU D 77 -16.69 -36.74 18.46
CA GLU D 77 -17.16 -37.24 17.18
C GLU D 77 -18.61 -36.97 16.78
N THR D 78 -19.37 -36.24 17.61
CA THR D 78 -20.77 -35.94 17.26
C THR D 78 -20.80 -34.99 16.06
N ARG D 79 -19.78 -34.15 15.96
CA ARG D 79 -19.65 -33.18 14.87
C ARG D 79 -18.18 -32.82 14.70
N PRO D 80 -17.51 -33.47 13.74
CA PRO D 80 -16.09 -33.26 13.43
C PRO D 80 -15.78 -31.82 13.06
N THR D 81 -16.71 -31.16 12.37
CA THR D 81 -16.53 -29.78 11.93
C THR D 81 -16.59 -28.72 13.03
N ALA D 82 -17.56 -28.85 13.94
CA ALA D 82 -17.73 -27.90 15.04
C ALA D 82 -16.40 -27.43 15.60
N VAL D 83 -16.32 -26.13 15.91
CA VAL D 83 -15.10 -25.54 16.42
C VAL D 83 -15.09 -25.45 17.95
N SER D 84 -16.13 -24.86 18.53
CA SER D 84 -16.17 -24.72 19.98
C SER D 84 -16.24 -26.05 20.73
N LEU D 85 -16.82 -27.08 20.10
CA LEU D 85 -16.93 -28.39 20.75
C LEU D 85 -15.53 -28.91 21.08
N PRO D 86 -14.70 -29.11 20.05
CA PRO D 86 -13.34 -29.60 20.28
C PRO D 86 -12.61 -28.76 21.33
N ASN D 87 -12.81 -27.43 21.33
CA ASN D 87 -12.14 -26.57 22.30
C ASN D 87 -12.61 -26.73 23.73
N ALA D 88 -13.89 -27.00 23.94
CA ALA D 88 -14.38 -27.19 25.30
C ALA D 88 -13.74 -28.48 25.81
N LEU D 89 -13.63 -29.46 24.91
CA LEU D 89 -13.02 -30.72 25.28
C LEU D 89 -11.57 -30.46 25.65
N ARG D 90 -10.79 -29.96 24.69
CA ARG D 90 -9.38 -29.66 24.92
C ARG D 90 -9.16 -28.87 26.23
N TYR D 91 -9.95 -27.83 26.42
CA TYR D 91 -9.81 -27.02 27.62
C TYR D 91 -9.85 -27.85 28.88
N VAL D 92 -10.87 -28.70 28.99
CA VAL D 92 -11.05 -29.55 30.16
C VAL D 92 -10.08 -30.72 30.18
N MET D 93 -9.93 -31.41 29.06
CA MET D 93 -9.04 -32.55 28.99
C MET D 93 -7.56 -32.20 28.95
N HIS D 94 -7.24 -30.92 28.88
CA HIS D 94 -5.83 -30.53 28.86
C HIS D 94 -5.34 -30.36 30.30
N ARG D 95 -6.12 -29.67 31.10
CA ARG D 95 -5.78 -29.44 32.50
C ARG D 95 -5.93 -30.75 33.23
N GLY D 96 -6.71 -31.65 32.64
CA GLY D 96 -6.91 -32.95 33.25
C GLY D 96 -5.72 -33.82 32.93
N LYS D 97 -5.34 -33.84 31.65
CA LYS D 97 -4.20 -34.66 31.24
C LYS D 97 -2.95 -34.21 31.96
N ILE D 98 -2.91 -32.93 32.34
CA ILE D 98 -1.76 -32.39 33.05
C ILE D 98 -1.75 -32.89 34.48
N ALA D 99 -2.87 -32.72 35.18
CA ALA D 99 -2.96 -33.19 36.55
C ALA D 99 -2.60 -34.68 36.52
N TYR D 100 -3.28 -35.42 35.64
CA TYR D 100 -3.04 -36.85 35.50
C TYR D 100 -1.56 -37.20 35.42
N SER D 101 -0.84 -36.60 34.48
CA SER D 101 0.59 -36.86 34.31
C SER D 101 1.43 -36.49 35.54
N SER D 102 0.92 -35.56 36.36
CA SER D 102 1.63 -35.15 37.56
C SER D 102 1.37 -36.19 38.65
N GLY D 103 1.09 -37.42 38.22
CA GLY D 103 0.81 -38.49 39.17
C GLY D 103 -0.40 -38.23 40.04
N ALA D 104 -1.14 -37.17 39.73
CA ALA D 104 -2.34 -36.82 40.50
C ALA D 104 -3.16 -38.08 40.76
N ASP D 105 -3.71 -38.18 41.96
CA ASP D 105 -4.51 -39.34 42.32
C ASP D 105 -5.90 -39.33 41.70
N LEU D 106 -6.68 -40.36 42.00
CA LEU D 106 -8.03 -40.50 41.48
C LEU D 106 -8.98 -39.41 41.96
N GLU D 107 -9.13 -39.33 43.29
CA GLU D 107 -10.03 -38.36 43.90
C GLU D 107 -9.76 -36.90 43.59
N GLN D 108 -8.51 -36.55 43.29
CA GLN D 108 -8.16 -35.16 43.00
C GLN D 108 -8.22 -34.85 41.50
N LEU D 109 -7.95 -35.85 40.66
CA LEU D 109 -8.01 -35.65 39.22
C LEU D 109 -9.45 -35.23 38.93
N ARG D 110 -10.37 -35.86 39.65
CA ARG D 110 -11.78 -35.57 39.50
C ARG D 110 -12.01 -34.10 39.78
N PHE D 111 -11.53 -33.65 40.93
CA PHE D 111 -11.66 -32.27 41.34
C PHE D 111 -11.18 -31.32 40.24
N VAL D 112 -10.09 -31.67 39.58
CA VAL D 112 -9.56 -30.85 38.51
C VAL D 112 -10.57 -30.72 37.37
N ILE D 113 -10.89 -31.84 36.74
CA ILE D 113 -11.83 -31.87 35.63
C ILE D 113 -13.14 -31.15 35.93
N ILE D 114 -13.62 -31.25 37.18
CA ILE D 114 -14.86 -30.58 37.55
C ILE D 114 -14.67 -29.07 37.62
N ASN D 115 -13.56 -28.63 38.20
CA ASN D 115 -13.29 -27.21 38.32
C ASN D 115 -12.94 -26.58 36.97
N ALA D 116 -12.44 -27.40 36.06
CA ALA D 116 -12.08 -26.94 34.72
C ALA D 116 -13.38 -26.73 33.94
N ALA D 117 -14.24 -27.74 33.97
CA ALA D 117 -15.51 -27.69 33.27
C ALA D 117 -16.37 -26.55 33.80
N LYS D 118 -16.55 -26.51 35.12
CA LYS D 118 -17.34 -25.48 35.75
C LYS D 118 -16.82 -24.10 35.38
N GLU D 119 -15.49 -23.97 35.38
CA GLU D 119 -14.82 -22.73 35.04
C GLU D 119 -15.07 -22.38 33.56
N PHE D 120 -15.03 -23.38 32.69
CA PHE D 120 -15.26 -23.17 31.27
C PHE D 120 -16.72 -22.72 31.07
N ILE D 121 -17.62 -23.42 31.74
CA ILE D 121 -19.03 -23.11 31.62
C ILE D 121 -19.29 -21.69 32.08
N HIS D 122 -18.85 -21.35 33.30
CA HIS D 122 -19.06 -19.99 33.80
C HIS D 122 -18.46 -18.95 32.86
N ASN D 123 -17.20 -19.14 32.47
CA ASN D 123 -16.52 -18.23 31.56
C ASN D 123 -17.32 -18.04 30.26
N SER D 124 -17.91 -19.13 29.76
CA SER D 124 -18.71 -19.06 28.54
C SER D 124 -20.05 -18.35 28.75
N GLU D 125 -20.70 -18.60 29.89
CA GLU D 125 -21.98 -17.96 30.17
C GLU D 125 -21.82 -16.44 30.20
N LYS D 126 -20.68 -15.98 30.67
CA LYS D 126 -20.41 -14.56 30.75
C LYS D 126 -19.72 -14.02 29.49
N ALA D 127 -19.32 -14.91 28.58
CA ALA D 127 -18.61 -14.53 27.36
C ALA D 127 -19.18 -13.37 26.55
N LEU D 128 -20.45 -13.46 26.16
CA LEU D 128 -21.05 -12.40 25.37
C LEU D 128 -21.12 -11.09 26.13
N GLU D 129 -21.26 -11.20 27.45
CA GLU D 129 -21.32 -10.02 28.29
C GLU D 129 -19.96 -9.33 28.32
N ARG D 130 -18.94 -10.09 28.70
CA ARG D 130 -17.58 -9.56 28.79
C ARG D 130 -17.09 -9.01 27.46
N ILE D 131 -17.42 -9.68 26.37
CA ILE D 131 -17.00 -9.19 25.06
C ILE D 131 -17.61 -7.81 24.88
N GLY D 132 -18.86 -7.68 25.30
CA GLY D 132 -19.53 -6.40 25.20
C GLY D 132 -18.81 -5.34 26.00
N GLU D 133 -18.29 -5.72 27.16
CA GLU D 133 -17.57 -4.77 28.01
C GLU D 133 -16.25 -4.36 27.37
N PHE D 134 -15.41 -5.34 27.02
CA PHE D 134 -14.12 -5.04 26.41
C PHE D 134 -14.30 -4.20 25.14
N GLY D 135 -15.19 -4.64 24.26
CA GLY D 135 -15.40 -3.91 23.02
C GLY D 135 -15.87 -2.48 23.20
N ALA D 136 -16.74 -2.24 24.18
CA ALA D 136 -17.28 -0.90 24.42
C ALA D 136 -16.23 0.13 24.85
N LYS D 137 -15.11 -0.32 25.40
CA LYS D 137 -14.05 0.60 25.81
C LYS D 137 -13.46 1.22 24.56
N ARG D 138 -13.61 0.52 23.44
CA ARG D 138 -13.08 0.99 22.16
C ARG D 138 -14.12 1.72 21.34
N ILE D 139 -15.31 1.89 21.91
CA ILE D 139 -16.40 2.58 21.25
C ILE D 139 -16.55 3.96 21.88
N GLU D 140 -16.58 4.99 21.04
CA GLU D 140 -16.68 6.36 21.54
C GLU D 140 -17.97 7.08 21.18
N ASP D 141 -18.36 7.99 22.07
CA ASP D 141 -19.55 8.80 21.89
C ASP D 141 -19.51 9.49 20.52
N GLY D 142 -20.55 9.27 19.72
CA GLY D 142 -20.61 9.86 18.39
C GLY D 142 -20.16 8.92 17.29
N ASP D 143 -19.68 7.73 17.67
CA ASP D 143 -19.21 6.77 16.68
C ASP D 143 -20.33 6.24 15.79
N VAL D 144 -20.02 6.15 14.49
CA VAL D 144 -20.91 5.58 13.49
C VAL D 144 -20.26 4.21 13.26
N ILE D 145 -20.99 3.15 13.53
CA ILE D 145 -20.46 1.80 13.40
C ILE D 145 -21.07 0.97 12.29
N MET D 146 -20.23 0.30 11.49
CA MET D 146 -20.74 -0.56 10.43
C MET D 146 -20.56 -2.03 10.85
N THR D 147 -21.56 -2.86 10.52
CA THR D 147 -21.53 -4.28 10.87
C THR D 147 -22.06 -5.15 9.71
N HIS D 148 -21.99 -6.47 9.88
CA HIS D 148 -22.41 -7.42 8.84
C HIS D 148 -22.99 -8.68 9.51
N CYS D 149 -23.91 -9.34 8.82
CA CYS D 149 -24.55 -10.56 9.34
C CYS D 149 -25.32 -10.26 10.63
N HIS D 150 -25.51 -11.27 11.46
CA HIS D 150 -26.23 -11.12 12.73
C HIS D 150 -25.39 -11.75 13.83
N SER D 151 -24.41 -11.01 14.31
CA SER D 151 -23.52 -11.54 15.34
C SER D 151 -23.94 -11.11 16.74
N LYS D 152 -24.12 -12.08 17.63
CA LYS D 152 -24.50 -11.76 19.00
C LYS D 152 -23.36 -11.06 19.72
N ALA D 153 -22.13 -11.45 19.38
CA ALA D 153 -20.96 -10.86 19.99
C ALA D 153 -20.80 -9.41 19.54
N ALA D 154 -20.94 -9.16 18.25
CA ALA D 154 -20.81 -7.81 17.70
C ALA D 154 -21.91 -6.92 18.24
N ILE D 155 -23.13 -7.44 18.27
CA ILE D 155 -24.29 -6.70 18.76
C ILE D 155 -24.14 -6.39 20.24
N SER D 156 -23.42 -7.26 20.95
CA SER D 156 -23.20 -7.04 22.37
C SER D 156 -22.29 -5.84 22.63
N VAL D 157 -21.36 -5.59 21.71
CA VAL D 157 -20.46 -4.45 21.85
C VAL D 157 -21.24 -3.15 21.65
N MET D 158 -22.05 -3.10 20.61
CA MET D 158 -22.84 -1.93 20.28
C MET D 158 -23.87 -1.66 21.37
N LYS D 159 -24.46 -2.73 21.88
CA LYS D 159 -25.47 -2.68 22.93
C LYS D 159 -24.86 -2.07 24.22
N THR D 160 -23.76 -2.64 24.68
CA THR D 160 -23.09 -2.17 25.89
C THR D 160 -22.62 -0.72 25.75
N ALA D 161 -22.15 -0.36 24.56
CA ALA D 161 -21.66 1.00 24.31
C ALA D 161 -22.82 1.98 24.39
N TRP D 162 -24.01 1.53 24.00
CA TRP D 162 -25.18 2.39 24.06
C TRP D 162 -25.64 2.51 25.51
N GLU D 163 -25.61 1.41 26.25
CA GLU D 163 -26.03 1.41 27.65
C GLU D 163 -25.11 2.25 28.53
N GLN D 164 -23.90 2.52 28.04
CA GLN D 164 -22.96 3.33 28.78
C GLN D 164 -23.19 4.80 28.41
N GLY D 165 -24.28 5.04 27.68
CA GLY D 165 -24.62 6.40 27.30
C GLY D 165 -23.89 6.96 26.09
N LYS D 166 -23.05 6.15 25.45
CA LYS D 166 -22.32 6.61 24.27
C LYS D 166 -23.32 6.77 23.12
N ASP D 167 -23.30 7.94 22.49
CA ASP D 167 -24.22 8.23 21.41
C ASP D 167 -23.73 7.64 20.09
N ILE D 168 -24.23 6.45 19.75
CA ILE D 168 -23.80 5.79 18.52
C ILE D 168 -24.90 5.60 17.49
N LYS D 169 -24.49 5.21 16.30
CA LYS D 169 -25.40 4.96 15.20
C LYS D 169 -24.78 3.79 14.44
N VAL D 170 -25.56 2.74 14.21
CA VAL D 170 -25.02 1.58 13.52
C VAL D 170 -25.51 1.46 12.08
N ILE D 171 -24.57 1.27 11.16
CA ILE D 171 -24.89 1.09 9.76
C ILE D 171 -24.98 -0.42 9.57
N VAL D 172 -26.20 -0.91 9.41
CA VAL D 172 -26.44 -2.34 9.22
C VAL D 172 -26.50 -2.77 7.76
N THR D 173 -25.58 -3.66 7.36
CA THR D 173 -25.57 -4.16 5.98
C THR D 173 -26.51 -5.36 5.84
N GLU D 174 -27.32 -5.29 4.78
CA GLU D 174 -28.31 -6.29 4.43
C GLU D 174 -27.88 -7.73 4.66
N THR D 175 -26.74 -8.09 4.09
CA THR D 175 -26.21 -9.42 4.24
C THR D 175 -26.99 -10.49 3.48
N ARG D 176 -26.99 -10.40 2.15
CA ARG D 176 -27.64 -11.41 1.34
C ARG D 176 -26.77 -12.66 1.54
N PRO D 177 -27.29 -13.86 1.24
CA PRO D 177 -28.64 -14.08 0.73
C PRO D 177 -29.74 -14.11 1.80
N LYS D 178 -29.44 -14.67 2.96
CA LYS D 178 -30.43 -14.79 4.04
C LYS D 178 -30.92 -13.55 4.77
N TRP D 179 -30.44 -12.37 4.37
CA TRP D 179 -30.87 -11.11 5.00
C TRP D 179 -30.72 -11.00 6.51
N GLN D 180 -29.65 -11.54 7.10
CA GLN D 180 -29.48 -11.42 8.55
C GLN D 180 -29.49 -9.95 9.02
N GLY D 181 -29.29 -9.02 8.09
CA GLY D 181 -29.32 -7.61 8.45
C GLY D 181 -30.68 -7.14 8.96
N LYS D 182 -31.75 -7.75 8.49
CA LYS D 182 -33.08 -7.35 8.94
C LYS D 182 -33.17 -7.62 10.45
N ILE D 183 -32.69 -8.78 10.87
CA ILE D 183 -32.71 -9.12 12.29
C ILE D 183 -31.87 -8.14 13.09
N THR D 184 -30.66 -7.88 12.61
CA THR D 184 -29.74 -6.96 13.29
C THR D 184 -30.33 -5.56 13.42
N ALA D 185 -30.88 -5.04 12.32
CA ALA D 185 -31.47 -3.69 12.34
C ALA D 185 -32.59 -3.61 13.36
N LYS D 186 -33.55 -4.53 13.25
CA LYS D 186 -34.68 -4.57 14.18
C LYS D 186 -34.19 -4.70 15.61
N GLU D 187 -33.33 -5.67 15.87
CA GLU D 187 -32.82 -5.90 17.22
C GLU D 187 -32.14 -4.65 17.79
N LEU D 188 -31.22 -4.05 17.05
CA LEU D 188 -30.54 -2.84 17.54
C LEU D 188 -31.52 -1.67 17.71
N ALA D 189 -32.43 -1.50 16.76
CA ALA D 189 -33.42 -0.43 16.86
C ALA D 189 -34.24 -0.59 18.14
N SER D 190 -34.52 -1.84 18.50
CA SER D 190 -35.29 -2.12 19.70
C SER D 190 -34.62 -1.55 20.94
N TYR D 191 -33.30 -1.69 21.07
CA TYR D 191 -32.60 -1.15 22.24
C TYR D 191 -32.63 0.39 22.20
N GLY D 192 -33.04 0.93 21.06
CA GLY D 192 -33.12 2.37 20.91
C GLY D 192 -31.97 2.96 20.10
N ILE D 193 -31.12 2.12 19.53
CA ILE D 193 -29.98 2.56 18.73
C ILE D 193 -30.40 2.98 17.32
N PRO D 194 -30.01 4.18 16.89
CA PRO D 194 -30.38 4.63 15.54
C PRO D 194 -29.68 3.71 14.54
N VAL D 195 -30.41 3.28 13.51
CA VAL D 195 -29.85 2.38 12.52
C VAL D 195 -30.04 2.80 11.08
N ILE D 196 -28.99 2.63 10.30
CA ILE D 196 -29.04 2.94 8.89
C ILE D 196 -28.89 1.59 8.19
N TYR D 197 -29.92 1.19 7.45
CA TYR D 197 -29.94 -0.09 6.74
C TYR D 197 -29.53 0.10 5.29
N VAL D 198 -28.51 -0.63 4.84
CA VAL D 198 -28.06 -0.47 3.46
C VAL D 198 -27.76 -1.79 2.75
N VAL D 199 -27.76 -1.74 1.44
CA VAL D 199 -27.47 -2.93 0.65
C VAL D 199 -25.96 -3.22 0.82
N ASP D 200 -25.57 -4.49 0.77
CA ASP D 200 -24.16 -4.90 0.94
C ASP D 200 -23.21 -4.11 0.08
N SER D 201 -23.59 -3.94 -1.18
CA SER D 201 -22.81 -3.20 -2.15
C SER D 201 -22.48 -1.78 -1.74
N ALA D 202 -23.09 -1.31 -0.65
CA ALA D 202 -22.86 0.06 -0.21
C ALA D 202 -21.80 0.18 0.87
N ALA D 203 -21.16 -0.93 1.24
CA ALA D 203 -20.14 -0.89 2.28
C ALA D 203 -19.04 0.16 2.02
N ARG D 204 -18.49 0.23 0.82
CA ARG D 204 -17.45 1.21 0.56
C ARG D 204 -17.98 2.64 0.56
N HIS D 205 -19.06 2.85 -0.17
CA HIS D 205 -19.67 4.17 -0.27
C HIS D 205 -19.87 4.86 1.08
N TYR D 206 -20.15 4.08 2.13
CA TYR D 206 -20.35 4.65 3.45
C TYR D 206 -19.21 4.47 4.44
N MET D 207 -18.14 3.80 4.00
CA MET D 207 -16.98 3.60 4.86
C MET D 207 -16.39 4.98 5.14
N LYS D 208 -16.67 5.89 4.21
CA LYS D 208 -16.22 7.27 4.30
C LYS D 208 -16.76 7.99 5.54
N MET D 209 -17.88 7.51 6.07
CA MET D 209 -18.48 8.13 7.24
C MET D 209 -18.61 7.16 8.41
N THR D 210 -17.80 6.09 8.38
CA THR D 210 -17.82 5.09 9.43
C THR D 210 -16.59 5.26 10.31
N ASP D 211 -16.77 5.18 11.62
CA ASP D 211 -15.67 5.35 12.57
C ASP D 211 -15.12 4.02 13.07
N LYS D 212 -15.98 3.03 13.20
CA LYS D 212 -15.59 1.73 13.71
C LYS D 212 -16.30 0.64 12.93
N VAL D 213 -15.62 -0.49 12.75
CA VAL D 213 -16.22 -1.63 12.09
C VAL D 213 -16.23 -2.73 13.13
N VAL D 214 -17.41 -3.27 13.43
CA VAL D 214 -17.54 -4.33 14.40
C VAL D 214 -18.38 -5.45 13.81
N MET D 215 -17.76 -6.62 13.70
CA MET D 215 -18.43 -7.81 13.17
C MET D 215 -17.98 -8.98 14.01
N GLY D 216 -18.63 -10.12 13.80
CA GLY D 216 -18.29 -11.31 14.54
C GLY D 216 -17.54 -12.27 13.64
N ALA D 217 -17.51 -13.54 14.03
CA ALA D 217 -16.80 -14.55 13.26
C ALA D 217 -17.32 -15.92 13.58
N ASP D 218 -17.37 -16.78 12.57
CA ASP D 218 -17.81 -18.16 12.75
C ASP D 218 -16.63 -18.88 13.40
N SER D 219 -15.41 -18.52 12.99
CA SER D 219 -14.20 -19.12 13.55
C SER D 219 -12.94 -18.32 13.17
N ILE D 220 -11.90 -18.44 13.98
CA ILE D 220 -10.63 -17.74 13.73
C ILE D 220 -9.52 -18.76 13.44
N THR D 221 -8.76 -18.58 12.35
CA THR D 221 -7.68 -19.52 12.03
C THR D 221 -6.41 -19.23 12.84
N VAL D 222 -5.46 -20.15 12.81
CA VAL D 222 -4.20 -19.99 13.57
C VAL D 222 -3.40 -18.77 13.14
N ASN D 223 -3.77 -18.19 12.02
CA ASN D 223 -3.09 -17.02 11.51
C ASN D 223 -3.81 -15.73 11.88
N GLY D 224 -4.99 -15.88 12.49
CA GLY D 224 -5.76 -14.72 12.86
C GLY D 224 -6.71 -14.35 11.73
N ALA D 225 -6.78 -15.19 10.71
CA ALA D 225 -7.70 -14.95 9.59
C ALA D 225 -9.09 -15.15 10.17
N VAL D 226 -10.07 -14.43 9.62
CA VAL D 226 -11.42 -14.54 10.12
C VAL D 226 -12.38 -15.18 9.12
N ILE D 227 -13.01 -16.27 9.55
CA ILE D 227 -14.00 -16.98 8.74
C ILE D 227 -15.35 -16.38 9.17
N ASN D 228 -16.07 -15.77 8.24
CA ASN D 228 -17.32 -15.15 8.58
C ASN D 228 -18.23 -15.08 7.37
N LYS D 229 -19.48 -14.74 7.61
CA LYS D 229 -20.47 -14.65 6.55
C LYS D 229 -19.93 -13.89 5.35
N ILE D 230 -20.12 -14.49 4.19
CA ILE D 230 -19.68 -13.91 2.93
C ILE D 230 -19.89 -12.40 2.92
N GLY D 231 -18.87 -11.67 2.48
CA GLY D 231 -18.97 -10.23 2.41
C GLY D 231 -18.12 -9.55 3.47
N THR D 232 -17.84 -10.27 4.54
CA THR D 232 -17.05 -9.74 5.63
C THR D 232 -15.69 -9.23 5.18
N ALA D 233 -14.99 -10.04 4.38
CA ALA D 233 -13.66 -9.68 3.91
C ALA D 233 -13.71 -8.43 3.04
N LEU D 234 -14.80 -8.28 2.29
CA LEU D 234 -14.96 -7.13 1.42
C LEU D 234 -15.08 -5.86 2.26
N ILE D 235 -15.82 -5.96 3.36
CA ILE D 235 -16.03 -4.82 4.25
C ILE D 235 -14.72 -4.46 4.93
N ALA D 236 -14.05 -5.45 5.48
CA ALA D 236 -12.77 -5.25 6.14
C ALA D 236 -11.76 -4.62 5.16
N LEU D 237 -11.79 -5.06 3.91
CA LEU D 237 -10.89 -4.54 2.88
C LEU D 237 -11.03 -3.02 2.74
N THR D 238 -12.24 -2.55 2.43
CA THR D 238 -12.46 -1.13 2.26
C THR D 238 -12.27 -0.38 3.59
N ALA D 239 -12.41 -1.09 4.71
CA ALA D 239 -12.21 -0.48 6.02
C ALA D 239 -10.74 -0.17 6.15
N LYS D 240 -9.92 -1.13 5.75
CA LYS D 240 -8.48 -1.00 5.76
C LYS D 240 -8.14 0.20 4.88
N GLU D 241 -8.68 0.20 3.67
CA GLU D 241 -8.48 1.28 2.70
C GLU D 241 -8.75 2.66 3.28
N HIS D 242 -9.69 2.74 4.23
CA HIS D 242 -10.09 4.00 4.84
C HIS D 242 -9.54 4.21 6.24
N ARG D 243 -8.62 3.37 6.67
CA ARG D 243 -8.05 3.46 8.00
C ARG D 243 -9.13 3.48 9.07
N VAL D 244 -10.23 2.79 8.81
CA VAL D 244 -11.32 2.69 9.76
C VAL D 244 -11.03 1.49 10.68
N TRP D 245 -10.91 1.77 11.97
CA TRP D 245 -10.62 0.77 12.99
C TRP D 245 -11.62 -0.39 12.94
N THR D 246 -11.08 -1.59 12.74
CA THR D 246 -11.84 -2.81 12.59
C THR D 246 -11.68 -3.83 13.74
N MET D 247 -12.79 -4.15 14.39
CA MET D 247 -12.76 -5.10 15.48
C MET D 247 -13.65 -6.31 15.19
N ILE D 248 -13.17 -7.49 15.55
CA ILE D 248 -13.95 -8.69 15.37
C ILE D 248 -14.22 -9.22 16.79
N ALA D 249 -15.50 -9.30 17.13
CA ALA D 249 -15.89 -9.77 18.45
C ALA D 249 -15.99 -11.29 18.35
N ALA D 250 -15.30 -12.01 19.22
CA ALA D 250 -15.36 -13.46 19.16
C ALA D 250 -14.78 -14.15 20.38
N GLU D 251 -15.41 -15.26 20.78
CA GLU D 251 -14.96 -16.01 21.93
C GLU D 251 -13.68 -16.78 21.63
N THR D 252 -12.93 -17.09 22.69
CA THR D 252 -11.69 -17.84 22.57
C THR D 252 -11.97 -19.23 21.99
N TYR D 253 -13.07 -19.86 22.42
CA TYR D 253 -13.37 -21.18 21.90
C TYR D 253 -13.69 -21.20 20.41
N LYS D 254 -13.60 -20.04 19.77
CA LYS D 254 -13.84 -19.96 18.34
C LYS D 254 -12.54 -19.99 17.53
N PHE D 255 -11.41 -20.13 18.23
CA PHE D 255 -10.10 -20.17 17.59
C PHE D 255 -9.79 -21.58 17.12
N HIS D 256 -9.46 -21.66 15.85
CA HIS D 256 -9.19 -22.91 15.15
C HIS D 256 -7.69 -23.14 14.89
N PRO D 257 -7.19 -24.34 15.22
CA PRO D 257 -5.78 -24.72 15.03
C PRO D 257 -5.24 -24.83 13.59
N GLU D 258 -6.11 -25.03 12.60
CA GLU D 258 -5.62 -25.15 11.23
C GLU D 258 -5.68 -23.88 10.37
N THR D 259 -5.08 -23.97 9.18
CA THR D 259 -5.03 -22.88 8.22
C THR D 259 -6.18 -22.95 7.23
N MET D 260 -6.66 -21.79 6.81
CA MET D 260 -7.76 -21.73 5.85
C MET D 260 -7.39 -20.79 4.71
N LEU D 261 -6.44 -19.90 4.96
CA LEU D 261 -5.98 -18.94 3.96
C LEU D 261 -5.16 -19.62 2.85
N GLY D 262 -5.10 -18.97 1.69
CA GLY D 262 -4.34 -19.51 0.56
C GLY D 262 -4.85 -20.83 0.02
N GLN D 263 -6.15 -20.88 -0.28
CA GLN D 263 -6.78 -22.06 -0.82
C GLN D 263 -8.06 -21.67 -1.56
N LEU D 264 -8.17 -22.10 -2.81
CA LEU D 264 -9.33 -21.81 -3.65
C LEU D 264 -10.55 -22.58 -3.15
N VAL D 265 -10.31 -23.59 -2.33
CA VAL D 265 -11.35 -24.44 -1.76
C VAL D 265 -12.41 -23.62 -1.01
N GLU D 266 -13.67 -24.01 -1.18
CA GLU D 266 -14.78 -23.35 -0.54
C GLU D 266 -14.88 -23.76 0.94
N ILE D 267 -15.30 -22.82 1.79
CA ILE D 267 -15.44 -23.09 3.21
C ILE D 267 -16.65 -23.99 3.43
N GLU D 268 -17.76 -23.64 2.77
CA GLU D 268 -19.02 -24.37 2.85
C GLU D 268 -19.98 -23.79 1.83
N MET D 269 -20.36 -24.58 0.84
CA MET D 269 -21.31 -24.12 -0.19
C MET D 269 -22.73 -24.38 0.28
N ARG D 270 -23.60 -23.40 0.14
CA ARG D 270 -24.97 -23.58 0.58
C ARG D 270 -25.98 -23.64 -0.55
N ASP D 271 -27.19 -24.05 -0.18
CA ASP D 271 -28.32 -24.19 -1.08
C ASP D 271 -28.49 -23.00 -2.01
N PRO D 272 -28.37 -23.22 -3.33
CA PRO D 272 -28.52 -22.15 -4.32
C PRO D 272 -29.86 -21.45 -4.24
N THR D 273 -30.84 -22.14 -3.66
CA THR D 273 -32.19 -21.61 -3.55
C THR D 273 -32.34 -20.54 -2.47
N GLU D 274 -31.28 -20.34 -1.69
CA GLU D 274 -31.28 -19.31 -0.66
C GLU D 274 -31.15 -17.98 -1.44
N VAL D 275 -30.46 -18.05 -2.57
CA VAL D 275 -30.21 -16.91 -3.46
C VAL D 275 -31.34 -16.64 -4.46
N ILE D 276 -31.77 -17.71 -5.14
CA ILE D 276 -32.84 -17.61 -6.13
C ILE D 276 -33.90 -18.63 -5.77
N PRO D 277 -35.11 -18.17 -5.43
CA PRO D 277 -36.22 -19.04 -5.05
C PRO D 277 -36.41 -20.20 -6.03
N GLU D 278 -36.73 -21.38 -5.50
CA GLU D 278 -36.93 -22.57 -6.31
C GLU D 278 -37.85 -22.36 -7.50
N ASP D 279 -39.02 -21.77 -7.26
CA ASP D 279 -39.97 -21.52 -8.35
C ASP D 279 -39.23 -20.87 -9.52
N GLU D 280 -38.40 -19.90 -9.17
CA GLU D 280 -37.63 -19.15 -10.15
C GLU D 280 -36.43 -19.90 -10.71
N LEU D 281 -35.55 -20.39 -9.84
CA LEU D 281 -34.36 -21.08 -10.29
C LEU D 281 -34.63 -22.13 -11.38
N LYS D 282 -35.75 -22.84 -11.26
CA LYS D 282 -36.10 -23.86 -12.24
C LYS D 282 -36.40 -23.27 -13.62
N THR D 283 -36.90 -22.03 -13.64
CA THR D 283 -37.22 -21.35 -14.89
C THR D 283 -35.94 -20.91 -15.60
N TRP D 284 -34.83 -20.90 -14.87
CA TRP D 284 -33.53 -20.48 -15.40
C TRP D 284 -32.79 -21.54 -16.22
N PRO D 285 -31.97 -21.10 -17.19
CA PRO D 285 -31.16 -21.94 -18.10
C PRO D 285 -30.21 -22.85 -17.32
N LYS D 286 -29.67 -23.88 -17.99
CA LYS D 286 -28.76 -24.81 -17.32
C LYS D 286 -27.30 -24.35 -17.37
N ASN D 287 -26.98 -23.42 -18.26
CA ASN D 287 -25.61 -22.95 -18.38
C ASN D 287 -25.31 -21.83 -17.38
N ILE D 288 -26.21 -21.68 -16.40
CA ILE D 288 -26.06 -20.68 -15.34
C ILE D 288 -25.98 -21.45 -14.01
N GLU D 289 -24.84 -21.33 -13.33
CA GLU D 289 -24.65 -21.98 -12.04
C GLU D 289 -24.75 -20.91 -10.95
N VAL D 290 -25.52 -21.18 -9.90
CA VAL D 290 -25.65 -20.24 -8.80
C VAL D 290 -24.84 -20.76 -7.62
N TRP D 291 -23.82 -20.00 -7.23
CA TRP D 291 -22.96 -20.39 -6.12
C TRP D 291 -23.32 -19.59 -4.90
N ASN D 292 -23.50 -20.27 -3.78
CA ASN D 292 -23.84 -19.60 -2.54
C ASN D 292 -22.86 -19.94 -1.45
N PRO D 293 -21.60 -19.46 -1.56
CA PRO D 293 -20.60 -19.75 -0.53
C PRO D 293 -21.01 -19.12 0.80
N ALA D 294 -21.04 -19.93 1.86
CA ALA D 294 -21.45 -19.44 3.17
C ALA D 294 -20.54 -18.36 3.75
N PHE D 295 -19.24 -18.56 3.58
CA PHE D 295 -18.27 -17.61 4.15
C PHE D 295 -17.18 -17.21 3.17
N ASP D 296 -16.33 -16.33 3.67
CA ASP D 296 -15.15 -15.90 2.93
C ASP D 296 -14.11 -15.73 4.05
N VAL D 297 -12.86 -15.52 3.68
CA VAL D 297 -11.83 -15.41 4.68
C VAL D 297 -11.22 -14.03 4.69
N THR D 298 -11.28 -13.37 5.85
CA THR D 298 -10.73 -12.02 6.01
C THR D 298 -9.31 -12.16 6.52
N PRO D 299 -8.33 -11.73 5.71
CA PRO D 299 -6.91 -11.80 6.07
C PRO D 299 -6.65 -11.03 7.37
N PRO D 300 -5.71 -11.52 8.21
CA PRO D 300 -5.37 -10.87 9.48
C PRO D 300 -5.03 -9.39 9.31
N GLU D 301 -4.36 -9.05 8.20
CA GLU D 301 -3.97 -7.67 7.93
C GLU D 301 -5.12 -6.68 7.79
N TYR D 302 -6.35 -7.19 7.69
CA TYR D 302 -7.48 -6.28 7.55
C TYR D 302 -8.22 -6.13 8.87
N VAL D 303 -7.75 -6.82 9.90
CA VAL D 303 -8.39 -6.76 11.22
C VAL D 303 -7.43 -6.20 12.27
N ASP D 304 -7.83 -5.12 12.93
CA ASP D 304 -6.99 -4.49 13.94
C ASP D 304 -6.90 -5.28 15.22
N VAL D 305 -8.04 -5.65 15.79
CA VAL D 305 -8.05 -6.44 17.02
C VAL D 305 -9.23 -7.38 17.07
N ILE D 306 -9.08 -8.41 17.90
CA ILE D 306 -10.12 -9.38 18.10
C ILE D 306 -10.55 -9.18 19.55
N ILE D 307 -11.86 -9.07 19.78
CA ILE D 307 -12.39 -8.87 21.13
C ILE D 307 -12.89 -10.21 21.66
N THR D 308 -12.28 -10.68 22.75
CA THR D 308 -12.63 -11.95 23.37
C THR D 308 -13.14 -11.76 24.81
N GLU D 309 -13.57 -12.84 25.46
CA GLU D 309 -14.05 -12.77 26.84
C GLU D 309 -12.85 -12.54 27.75
N ARG D 310 -11.68 -12.89 27.25
CA ARG D 310 -10.44 -12.74 27.99
C ARG D 310 -9.80 -11.38 27.74
N GLY D 311 -10.29 -10.67 26.73
CA GLY D 311 -9.75 -9.35 26.42
C GLY D 311 -9.53 -9.11 24.94
N ILE D 312 -9.05 -7.91 24.60
CA ILE D 312 -8.79 -7.53 23.22
C ILE D 312 -7.35 -7.87 22.81
N ILE D 313 -7.19 -8.54 21.67
CA ILE D 313 -5.85 -8.92 21.19
C ILE D 313 -5.70 -8.73 19.69
N PRO D 314 -4.45 -8.71 19.22
CA PRO D 314 -4.19 -8.56 17.78
C PRO D 314 -4.51 -9.92 17.15
N PRO D 315 -4.91 -9.95 15.88
CA PRO D 315 -5.25 -11.22 15.21
C PRO D 315 -4.19 -12.31 15.35
N TYR D 316 -2.95 -12.00 14.97
CA TYR D 316 -1.83 -12.94 15.02
C TYR D 316 -1.52 -13.47 16.44
N ALA D 317 -2.30 -13.05 17.42
CA ALA D 317 -2.09 -13.57 18.77
C ALA D 317 -2.96 -14.82 18.91
N ALA D 318 -3.71 -15.11 17.84
CA ALA D 318 -4.61 -16.26 17.81
C ALA D 318 -3.96 -17.56 18.25
N ILE D 319 -2.70 -17.75 17.86
CA ILE D 319 -1.98 -18.95 18.20
C ILE D 319 -1.61 -19.01 19.68
N ASP D 320 -1.48 -17.84 20.31
CA ASP D 320 -1.14 -17.79 21.72
C ASP D 320 -2.36 -18.26 22.50
N ILE D 321 -3.52 -17.83 22.05
CA ILE D 321 -4.75 -18.22 22.69
C ILE D 321 -4.90 -19.74 22.61
N LEU D 322 -4.62 -20.32 21.45
CA LEU D 322 -4.74 -21.77 21.29
C LEU D 322 -3.81 -22.51 22.24
N ARG D 323 -2.67 -21.88 22.54
CA ARG D 323 -1.69 -22.48 23.43
C ARG D 323 -2.10 -22.34 24.90
N GLU D 324 -2.22 -21.10 25.37
CA GLU D 324 -2.57 -20.86 26.77
C GLU D 324 -3.96 -21.35 27.18
N GLU D 325 -4.89 -21.39 26.25
CA GLU D 325 -6.24 -21.83 26.58
C GLU D 325 -6.57 -23.29 26.38
N PHE D 326 -6.33 -23.79 25.17
CA PHE D 326 -6.65 -25.18 24.88
C PHE D 326 -5.44 -26.09 24.74
N GLY D 327 -4.34 -25.68 25.38
CA GLY D 327 -3.10 -26.44 25.36
C GLY D 327 -2.67 -26.98 24.01
N TRP D 328 -2.69 -26.12 23.00
CA TRP D 328 -2.30 -26.54 21.66
C TRP D 328 -0.79 -26.38 21.44
N ALA D 329 -0.26 -27.17 20.51
CA ALA D 329 1.17 -27.15 20.14
C ALA D 329 1.32 -27.95 18.86
N LEU D 330 2.54 -28.07 18.34
CA LEU D 330 2.74 -28.86 17.12
C LEU D 330 2.94 -30.32 17.49
N LYS D 331 3.56 -30.55 18.65
CA LYS D 331 3.78 -31.90 19.16
C LYS D 331 2.44 -32.36 19.73
N TYR D 332 1.39 -31.63 19.37
CA TYR D 332 0.04 -31.86 19.85
C TYR D 332 -0.79 -33.01 19.27
N THR D 333 -1.49 -33.69 20.18
CA THR D 333 -2.41 -34.78 19.88
C THR D 333 -3.52 -34.52 20.89
N GLU D 334 -4.76 -34.76 20.51
CA GLU D 334 -5.88 -34.52 21.41
C GLU D 334 -5.61 -35.05 22.83
N PRO D 335 -6.00 -34.27 23.85
CA PRO D 335 -5.83 -34.62 25.27
C PRO D 335 -6.59 -35.88 25.65
N TRP D 336 -7.58 -36.24 24.84
CA TRP D 336 -8.40 -37.41 25.10
C TRP D 336 -7.87 -38.58 24.28
N GLU D 337 -7.01 -38.26 23.32
CA GLU D 337 -6.41 -39.27 22.48
C GLU D 337 -5.04 -39.61 23.03
N ASP D 338 -4.33 -40.50 22.32
CA ASP D 338 -2.98 -40.91 22.71
C ASP D 338 -2.35 -41.79 21.62
N ALA E 18 3.05 5.68 -57.42
CA ALA E 18 3.81 6.75 -58.10
C ALA E 18 5.00 7.18 -57.25
N VAL E 19 5.38 6.31 -56.31
CA VAL E 19 6.49 6.58 -55.41
C VAL E 19 7.85 6.42 -56.07
N VAL E 20 8.78 7.32 -55.75
CA VAL E 20 10.11 7.28 -56.32
C VAL E 20 10.88 6.02 -55.94
N LYS E 21 11.81 5.66 -56.82
CA LYS E 21 12.65 4.48 -56.65
C LYS E 21 13.36 4.37 -55.29
N GLU E 22 13.88 5.49 -54.78
CA GLU E 22 14.59 5.48 -53.51
C GLU E 22 13.72 5.07 -52.32
N VAL E 23 12.42 5.34 -52.39
CA VAL E 23 11.51 5.00 -51.31
C VAL E 23 11.29 3.48 -51.23
N LEU E 24 11.26 2.84 -52.39
CA LEU E 24 11.07 1.41 -52.45
C LEU E 24 12.36 0.72 -52.03
N GLU E 25 13.48 1.40 -52.23
CA GLU E 25 14.77 0.85 -51.84
C GLU E 25 14.82 0.78 -50.30
N ILE E 26 14.64 1.92 -49.65
CA ILE E 26 14.66 1.96 -48.19
C ILE E 26 13.59 1.04 -47.62
N ALA E 27 12.42 1.05 -48.26
CA ALA E 27 11.31 0.22 -47.81
C ALA E 27 11.67 -1.27 -47.80
N GLU E 28 12.40 -1.71 -48.81
CA GLU E 28 12.78 -3.10 -48.89
C GLU E 28 13.84 -3.46 -47.83
N LYS E 29 14.73 -2.50 -47.54
CA LYS E 29 15.77 -2.74 -46.54
C LYS E 29 15.16 -2.87 -45.14
N ILE E 30 14.08 -2.13 -44.87
CA ILE E 30 13.44 -2.22 -43.57
C ILE E 30 12.68 -3.54 -43.50
N LYS E 31 12.21 -4.01 -44.64
CA LYS E 31 11.47 -5.25 -44.71
C LYS E 31 12.40 -6.46 -44.56
N ASN E 32 13.51 -6.48 -45.32
CA ASN E 32 14.44 -7.60 -45.21
C ASN E 32 15.46 -7.36 -44.09
N MET E 33 15.22 -6.32 -43.32
CA MET E 33 16.04 -5.96 -42.17
C MET E 33 17.51 -5.62 -42.36
N GLU E 34 17.84 -4.94 -43.45
CA GLU E 34 19.21 -4.51 -43.64
C GLU E 34 19.33 -3.30 -42.72
N ILE E 35 18.17 -2.75 -42.38
CA ILE E 35 18.08 -1.61 -41.47
C ILE E 35 17.31 -2.11 -40.26
N ARG E 36 17.94 -2.05 -39.10
CA ARG E 36 17.33 -2.50 -37.85
C ARG E 36 17.60 -1.50 -36.74
N GLY E 37 16.86 -1.63 -35.65
CA GLY E 37 17.05 -0.72 -34.53
C GLY E 37 15.98 0.36 -34.56
N ALA E 38 15.49 0.73 -33.39
CA ALA E 38 14.46 1.75 -33.30
C ALA E 38 14.93 3.05 -33.95
N GLY E 39 16.20 3.38 -33.72
CA GLY E 39 16.75 4.60 -34.27
C GLY E 39 16.94 4.62 -35.77
N LYS E 40 17.66 3.64 -36.31
CA LYS E 40 17.91 3.57 -37.74
C LYS E 40 16.62 3.40 -38.53
N ILE E 41 15.73 2.54 -38.04
CA ILE E 41 14.49 2.32 -38.75
C ILE E 41 13.72 3.63 -38.85
N ALA E 42 13.62 4.35 -37.72
CA ALA E 42 12.91 5.62 -37.68
C ALA E 42 13.49 6.66 -38.63
N ARG E 43 14.79 6.92 -38.50
CA ARG E 43 15.45 7.89 -39.36
C ARG E 43 15.36 7.53 -40.85
N SER E 44 15.49 6.24 -41.18
CA SER E 44 15.39 5.80 -42.59
C SER E 44 13.99 6.01 -43.15
N ALA E 45 12.98 5.70 -42.35
CA ALA E 45 11.59 5.86 -42.77
C ALA E 45 11.31 7.35 -43.01
N ALA E 46 11.86 8.19 -42.14
CA ALA E 46 11.68 9.62 -42.29
C ALA E 46 12.41 10.10 -43.53
N TYR E 47 13.61 9.53 -43.74
CA TYR E 47 14.41 9.91 -44.90
C TYR E 47 13.72 9.51 -46.20
N ALA E 48 12.96 8.43 -46.17
CA ALA E 48 12.25 7.98 -47.35
C ALA E 48 11.20 9.03 -47.73
N LEU E 49 10.49 9.54 -46.74
CA LEU E 49 9.46 10.54 -47.00
C LEU E 49 10.11 11.83 -47.50
N GLN E 50 11.28 12.17 -46.95
CA GLN E 50 11.99 13.36 -47.38
C GLN E 50 12.32 13.24 -48.87
N LEU E 51 12.82 12.07 -49.26
CA LEU E 51 13.20 11.83 -50.64
C LEU E 51 12.00 11.87 -51.58
N GLN E 52 10.86 11.32 -51.14
CA GLN E 52 9.67 11.33 -51.97
C GLN E 52 9.22 12.77 -52.22
N ALA E 53 9.42 13.63 -51.22
CA ALA E 53 9.02 15.02 -51.34
C ALA E 53 10.08 15.82 -52.10
N GLU E 54 11.34 15.41 -51.99
CA GLU E 54 12.40 16.12 -52.69
C GLU E 54 12.47 15.80 -54.18
N LYS E 55 12.09 14.58 -54.56
CA LYS E 55 12.15 14.14 -55.95
C LYS E 55 10.82 14.06 -56.71
N SER E 56 9.70 14.20 -56.00
CA SER E 56 8.40 14.12 -56.66
C SER E 56 8.30 15.01 -57.89
N LYS E 57 7.60 14.51 -58.90
CA LYS E 57 7.42 15.28 -60.14
C LYS E 57 5.99 15.78 -60.24
N ALA E 58 5.27 15.74 -59.12
CA ALA E 58 3.90 16.23 -59.11
C ALA E 58 3.91 17.73 -59.42
N THR E 59 2.81 18.22 -59.97
CA THR E 59 2.68 19.64 -60.31
C THR E 59 1.41 20.18 -59.65
N ASN E 60 0.67 19.29 -59.02
CA ASN E 60 -0.56 19.63 -58.31
C ASN E 60 -0.40 19.26 -56.84
N VAL E 61 -0.89 20.11 -55.94
CA VAL E 61 -0.74 19.84 -54.51
C VAL E 61 -1.44 18.56 -54.05
N ASP E 62 -2.64 18.32 -54.57
CA ASP E 62 -3.39 17.11 -54.20
C ASP E 62 -2.72 15.86 -54.74
N GLU E 63 -2.20 15.94 -55.96
CA GLU E 63 -1.54 14.79 -56.57
C GLU E 63 -0.32 14.43 -55.71
N PHE E 64 0.37 15.45 -55.24
CA PHE E 64 1.55 15.29 -54.40
C PHE E 64 1.20 14.61 -53.09
N TRP E 65 0.22 15.16 -52.39
CA TRP E 65 -0.21 14.61 -51.12
C TRP E 65 -0.56 13.15 -51.28
N LYS E 66 -1.16 12.80 -52.42
CA LYS E 66 -1.53 11.42 -52.72
C LYS E 66 -0.28 10.55 -52.74
N GLU E 67 0.77 11.06 -53.39
CA GLU E 67 2.03 10.35 -53.46
C GLU E 67 2.58 10.13 -52.06
N MET E 68 2.66 11.19 -51.26
CA MET E 68 3.16 11.09 -49.90
C MET E 68 2.40 10.01 -49.12
N LYS E 69 1.08 10.00 -49.24
CA LYS E 69 0.30 9.01 -48.53
C LYS E 69 0.60 7.59 -49.02
N GLN E 70 0.81 7.45 -50.32
CA GLN E 70 1.10 6.14 -50.87
C GLN E 70 2.47 5.64 -50.41
N ALA E 71 3.46 6.53 -50.37
CA ALA E 71 4.80 6.19 -49.93
C ALA E 71 4.80 5.79 -48.45
N ALA E 72 4.04 6.51 -47.64
CA ALA E 72 3.96 6.23 -46.21
C ALA E 72 3.38 4.84 -45.99
N LYS E 73 2.27 4.55 -46.67
CA LYS E 73 1.61 3.26 -46.51
C LYS E 73 2.54 2.10 -46.87
N ILE E 74 3.44 2.32 -47.83
CA ILE E 74 4.39 1.28 -48.23
C ILE E 74 5.47 1.09 -47.19
N LEU E 75 5.93 2.19 -46.61
CA LEU E 75 6.96 2.15 -45.57
C LEU E 75 6.38 1.51 -44.31
N PHE E 76 5.12 1.83 -44.02
CA PHE E 76 4.42 1.33 -42.85
C PHE E 76 4.14 -0.17 -42.89
N GLU E 77 3.89 -0.70 -44.08
CA GLU E 77 3.57 -2.11 -44.20
C GLU E 77 4.76 -3.08 -44.24
N THR E 78 5.97 -2.54 -44.28
CA THR E 78 7.13 -3.41 -44.31
C THR E 78 7.30 -4.17 -42.98
N ARG E 79 7.21 -3.43 -41.88
CA ARG E 79 7.34 -4.00 -40.54
C ARG E 79 6.22 -3.47 -39.66
N PRO E 80 4.98 -3.87 -39.97
CA PRO E 80 3.77 -3.45 -39.25
C PRO E 80 3.95 -3.33 -37.74
N THR E 81 4.55 -4.36 -37.13
CA THR E 81 4.74 -4.40 -35.69
C THR E 81 5.96 -3.67 -35.12
N ALA E 82 6.64 -2.88 -35.94
CA ALA E 82 7.79 -2.11 -35.45
C ALA E 82 7.20 -0.86 -34.79
N VAL E 83 7.81 -0.39 -33.71
CA VAL E 83 7.27 0.78 -33.01
C VAL E 83 7.73 2.12 -33.56
N SER E 84 9.04 2.30 -33.69
CA SER E 84 9.57 3.58 -34.18
C SER E 84 9.15 3.89 -35.62
N LEU E 85 8.84 2.86 -36.38
CA LEU E 85 8.44 3.06 -37.77
C LEU E 85 7.17 3.90 -37.93
N PRO E 86 6.01 3.42 -37.43
CA PRO E 86 4.80 4.24 -37.58
C PRO E 86 4.97 5.66 -37.07
N ASN E 87 5.71 5.83 -35.98
CA ASN E 87 5.89 7.16 -35.42
C ASN E 87 6.73 8.07 -36.28
N ALA E 88 7.66 7.51 -37.04
CA ALA E 88 8.47 8.32 -37.91
C ALA E 88 7.51 8.86 -38.97
N LEU E 89 6.69 7.97 -39.51
CA LEU E 89 5.70 8.34 -40.52
C LEU E 89 4.68 9.32 -39.95
N ARG E 90 4.22 9.05 -38.73
CA ARG E 90 3.25 9.92 -38.08
C ARG E 90 3.80 11.31 -37.87
N TYR E 91 5.02 11.39 -37.38
CA TYR E 91 5.65 12.69 -37.15
C TYR E 91 5.54 13.55 -38.40
N VAL E 92 6.16 13.07 -39.48
CA VAL E 92 6.20 13.77 -40.75
C VAL E 92 4.83 13.95 -41.39
N MET E 93 4.09 12.86 -41.54
CA MET E 93 2.78 12.91 -42.16
C MET E 93 1.72 13.70 -41.40
N HIS E 94 1.91 13.84 -40.09
CA HIS E 94 0.97 14.61 -39.28
C HIS E 94 1.15 16.07 -39.65
N ARG E 95 2.39 16.55 -39.57
CA ARG E 95 2.69 17.93 -39.92
C ARG E 95 2.38 18.21 -41.38
N GLY E 96 2.38 17.14 -42.18
CA GLY E 96 2.08 17.30 -43.59
C GLY E 96 0.59 17.40 -43.83
N LYS E 97 -0.19 16.57 -43.15
CA LYS E 97 -1.63 16.59 -43.32
C LYS E 97 -2.22 17.89 -42.79
N ILE E 98 -1.49 18.56 -41.92
CA ILE E 98 -1.95 19.83 -41.36
C ILE E 98 -1.76 20.92 -42.43
N ALA E 99 -0.55 21.05 -42.95
CA ALA E 99 -0.26 22.04 -43.99
C ALA E 99 -1.27 21.85 -45.11
N TYR E 100 -1.46 20.59 -45.51
CA TYR E 100 -2.39 20.26 -46.58
C TYR E 100 -3.83 20.68 -46.31
N SER E 101 -4.45 20.09 -45.30
CA SER E 101 -5.83 20.41 -44.94
C SER E 101 -6.09 21.90 -44.74
N SER E 102 -5.03 22.68 -44.57
CA SER E 102 -5.18 24.11 -44.37
C SER E 102 -4.96 24.89 -45.67
N GLY E 103 -5.02 24.19 -46.80
CA GLY E 103 -4.85 24.82 -48.10
C GLY E 103 -3.50 25.42 -48.48
N ALA E 104 -2.42 24.75 -48.10
CA ALA E 104 -1.08 25.25 -48.45
C ALA E 104 -0.80 24.85 -49.91
N ASP E 105 0.09 25.58 -50.58
CA ASP E 105 0.39 25.24 -51.97
C ASP E 105 1.45 24.13 -52.08
N LEU E 106 1.74 23.68 -53.29
CA LEU E 106 2.70 22.61 -53.48
C LEU E 106 4.06 22.93 -52.88
N GLU E 107 4.56 24.14 -53.13
CA GLU E 107 5.86 24.54 -52.60
C GLU E 107 5.90 24.44 -51.08
N GLN E 108 4.83 24.91 -50.43
CA GLN E 108 4.73 24.90 -48.98
C GLN E 108 4.61 23.51 -48.41
N LEU E 109 3.72 22.71 -48.97
CA LEU E 109 3.53 21.35 -48.48
C LEU E 109 4.83 20.55 -48.58
N ARG E 110 5.60 20.76 -49.65
CA ARG E 110 6.85 20.05 -49.80
C ARG E 110 7.87 20.52 -48.77
N PHE E 111 7.87 21.82 -48.49
CA PHE E 111 8.76 22.41 -47.50
C PHE E 111 8.44 21.82 -46.11
N VAL E 112 7.16 21.78 -45.77
CA VAL E 112 6.71 21.26 -44.49
C VAL E 112 7.14 19.81 -44.30
N ILE E 113 6.90 18.99 -45.32
CA ILE E 113 7.29 17.60 -45.24
C ILE E 113 8.81 17.50 -45.17
N ILE E 114 9.49 18.00 -46.19
CA ILE E 114 10.94 17.97 -46.21
C ILE E 114 11.57 18.50 -44.92
N ASN E 115 11.01 19.57 -44.37
CA ASN E 115 11.53 20.16 -43.13
C ASN E 115 11.24 19.29 -41.91
N ALA E 116 10.05 18.70 -41.87
CA ALA E 116 9.64 17.82 -40.76
C ALA E 116 10.47 16.53 -40.71
N ALA E 117 10.88 16.02 -41.86
CA ALA E 117 11.68 14.79 -41.91
C ALA E 117 13.07 15.11 -41.39
N LYS E 118 13.62 16.23 -41.84
CA LYS E 118 14.94 16.68 -41.42
C LYS E 118 15.01 16.88 -39.92
N GLU E 119 14.01 17.56 -39.35
CA GLU E 119 13.98 17.80 -37.91
C GLU E 119 13.93 16.48 -37.13
N PHE E 120 13.07 15.56 -37.58
CA PHE E 120 12.94 14.26 -36.93
C PHE E 120 14.23 13.46 -37.04
N ILE E 121 14.89 13.51 -38.20
CA ILE E 121 16.13 12.77 -38.39
C ILE E 121 17.27 13.38 -37.60
N HIS E 122 17.35 14.70 -37.55
CA HIS E 122 18.40 15.37 -36.78
C HIS E 122 18.13 15.08 -35.30
N ASN E 123 16.87 15.19 -34.90
CA ASN E 123 16.50 14.95 -33.51
C ASN E 123 16.77 13.52 -33.06
N SER E 124 16.56 12.57 -33.96
CA SER E 124 16.80 11.17 -33.64
C SER E 124 18.29 10.89 -33.54
N GLU E 125 19.09 11.67 -34.25
CA GLU E 125 20.54 11.48 -34.21
C GLU E 125 21.14 12.03 -32.93
N LYS E 126 20.40 12.91 -32.27
CA LYS E 126 20.85 13.53 -31.03
C LYS E 126 20.14 12.93 -29.82
N ALA E 127 19.10 12.14 -30.09
CA ALA E 127 18.29 11.51 -29.04
C ALA E 127 19.07 10.93 -27.86
N LEU E 128 19.89 9.91 -28.10
CA LEU E 128 20.67 9.29 -27.03
C LEU E 128 21.54 10.30 -26.26
N GLU E 129 22.17 11.21 -26.99
CA GLU E 129 23.00 12.24 -26.37
C GLU E 129 22.17 13.13 -25.45
N ARG E 130 20.98 13.54 -25.90
CA ARG E 130 20.11 14.38 -25.10
C ARG E 130 19.61 13.63 -23.88
N ILE E 131 19.10 12.42 -24.11
CA ILE E 131 18.62 11.58 -23.03
C ILE E 131 19.72 11.49 -21.98
N GLY E 132 20.96 11.36 -22.46
CA GLY E 132 22.09 11.26 -21.57
C GLY E 132 22.16 12.44 -20.62
N GLU E 133 22.04 13.66 -21.18
CA GLU E 133 22.08 14.89 -20.40
C GLU E 133 20.92 14.96 -19.40
N PHE E 134 19.70 14.76 -19.91
CA PHE E 134 18.51 14.79 -19.07
C PHE E 134 18.57 13.81 -17.91
N GLY E 135 18.97 12.57 -18.19
CA GLY E 135 19.07 11.58 -17.14
C GLY E 135 20.11 11.98 -16.10
N ALA E 136 21.24 12.49 -16.59
CA ALA E 136 22.34 12.90 -15.73
C ALA E 136 21.95 13.91 -14.65
N LYS E 137 21.02 14.81 -14.96
CA LYS E 137 20.57 15.82 -14.01
C LYS E 137 20.16 15.21 -12.67
N ARG E 138 19.58 14.02 -12.70
CA ARG E 138 19.17 13.39 -11.47
C ARG E 138 20.33 12.72 -10.72
N ILE E 139 21.22 12.08 -11.46
CA ILE E 139 22.36 11.40 -10.85
C ILE E 139 23.24 12.37 -10.05
N GLU E 140 23.43 12.06 -8.77
CA GLU E 140 24.24 12.90 -7.91
C GLU E 140 25.56 12.23 -7.66
N ASP E 141 26.56 13.04 -7.33
CA ASP E 141 27.89 12.54 -7.04
C ASP E 141 27.80 11.55 -5.88
N GLY E 142 28.36 10.36 -6.09
CA GLY E 142 28.34 9.34 -5.05
C GLY E 142 27.18 8.36 -5.17
N ASP E 143 26.39 8.49 -6.22
CA ASP E 143 25.25 7.60 -6.44
C ASP E 143 25.66 6.21 -6.92
N VAL E 144 24.95 5.21 -6.42
CA VAL E 144 25.16 3.82 -6.81
C VAL E 144 23.97 3.56 -7.73
N ILE E 145 24.27 3.20 -8.98
CA ILE E 145 23.24 2.97 -9.99
C ILE E 145 23.14 1.52 -10.44
N MET E 146 21.92 0.96 -10.40
CA MET E 146 21.73 -0.40 -10.85
C MET E 146 21.14 -0.35 -12.26
N THR E 147 21.60 -1.25 -13.13
CA THR E 147 21.10 -1.31 -14.49
C THR E 147 20.77 -2.73 -14.91
N HIS E 148 20.16 -2.87 -16.08
CA HIS E 148 19.78 -4.19 -16.60
C HIS E 148 19.98 -4.19 -18.12
N CYS E 149 20.25 -5.37 -18.67
CA CYS E 149 20.48 -5.55 -20.10
C CYS E 149 21.58 -4.62 -20.60
N HIS E 150 21.53 -4.27 -21.89
CA HIS E 150 22.54 -3.38 -22.45
C HIS E 150 21.86 -2.29 -23.25
N SER E 151 21.18 -1.41 -22.52
CA SER E 151 20.48 -0.30 -23.14
C SER E 151 21.44 0.84 -23.45
N LYS E 152 21.42 1.28 -24.70
CA LYS E 152 22.28 2.35 -25.15
C LYS E 152 21.86 3.65 -24.45
N ALA E 153 20.56 3.85 -24.33
CA ALA E 153 20.03 5.03 -23.66
C ALA E 153 20.50 5.05 -22.21
N ALA E 154 20.21 3.98 -21.48
CA ALA E 154 20.62 3.89 -20.07
C ALA E 154 22.11 4.18 -19.90
N ILE E 155 22.94 3.48 -20.66
CA ILE E 155 24.38 3.69 -20.55
C ILE E 155 24.73 5.14 -20.85
N SER E 156 23.95 5.75 -21.74
CA SER E 156 24.22 7.14 -22.08
C SER E 156 24.08 8.04 -20.84
N VAL E 157 23.06 7.76 -20.03
CA VAL E 157 22.82 8.55 -18.81
C VAL E 157 23.94 8.39 -17.81
N MET E 158 24.45 7.18 -17.67
CA MET E 158 25.55 6.91 -16.75
C MET E 158 26.87 7.49 -17.26
N LYS E 159 27.15 7.28 -18.54
CA LYS E 159 28.39 7.81 -19.10
C LYS E 159 28.40 9.33 -19.07
N THR E 160 27.23 9.94 -19.16
CA THR E 160 27.13 11.39 -19.15
C THR E 160 27.43 11.93 -17.77
N ALA E 161 26.78 11.36 -16.75
CA ALA E 161 26.99 11.80 -15.38
C ALA E 161 28.47 11.67 -15.02
N TRP E 162 29.08 10.58 -15.47
CA TRP E 162 30.50 10.32 -15.23
C TRP E 162 31.34 11.42 -15.86
N GLU E 163 30.95 11.86 -17.05
CA GLU E 163 31.66 12.90 -17.77
C GLU E 163 31.43 14.28 -17.17
N GLN E 164 30.49 14.39 -16.24
CA GLN E 164 30.20 15.67 -15.60
C GLN E 164 31.05 15.82 -14.36
N GLY E 165 31.75 14.75 -13.99
CA GLY E 165 32.61 14.79 -12.82
C GLY E 165 32.03 14.08 -11.61
N LYS E 166 30.95 13.33 -11.81
CA LYS E 166 30.29 12.63 -10.72
C LYS E 166 30.83 11.22 -10.46
N ASP E 167 31.38 11.01 -9.26
CA ASP E 167 31.90 9.72 -8.88
C ASP E 167 30.66 8.84 -8.67
N ILE E 168 30.47 7.85 -9.53
CA ILE E 168 29.34 6.95 -9.42
C ILE E 168 29.80 5.51 -9.57
N LYS E 169 29.01 4.59 -9.03
CA LYS E 169 29.30 3.16 -9.11
C LYS E 169 28.10 2.53 -9.79
N VAL E 170 28.34 1.56 -10.67
CA VAL E 170 27.23 0.94 -11.37
C VAL E 170 27.15 -0.56 -11.09
N ILE E 171 25.98 -0.98 -10.62
CA ILE E 171 25.76 -2.40 -10.36
C ILE E 171 25.12 -2.88 -11.65
N VAL E 172 25.79 -3.84 -12.30
CA VAL E 172 25.32 -4.40 -13.56
C VAL E 172 24.75 -5.81 -13.38
N THR E 173 23.47 -5.98 -13.65
CA THR E 173 22.89 -7.31 -13.53
C THR E 173 23.22 -8.10 -14.79
N GLU E 174 23.62 -9.36 -14.56
CA GLU E 174 23.99 -10.32 -15.58
C GLU E 174 23.09 -10.27 -16.82
N THR E 175 21.79 -10.37 -16.57
CA THR E 175 20.80 -10.35 -17.63
C THR E 175 20.85 -11.63 -18.46
N ARG E 176 20.26 -12.68 -17.93
CA ARG E 176 20.21 -13.93 -18.66
C ARG E 176 19.04 -13.76 -19.62
N PRO E 177 18.93 -14.61 -20.64
CA PRO E 177 19.85 -15.71 -20.94
C PRO E 177 21.09 -15.35 -21.75
N LYS E 178 21.02 -14.24 -22.50
CA LYS E 178 22.12 -13.83 -23.36
C LYS E 178 23.30 -13.07 -22.78
N TRP E 179 23.37 -12.95 -21.45
CA TRP E 179 24.49 -12.26 -20.78
C TRP E 179 24.80 -10.84 -21.20
N GLN E 180 23.81 -10.08 -21.67
CA GLN E 180 24.10 -8.71 -22.10
C GLN E 180 24.79 -7.88 -21.03
N GLY E 181 24.78 -8.36 -19.79
CA GLY E 181 25.40 -7.62 -18.71
C GLY E 181 26.90 -7.53 -18.82
N LYS E 182 27.51 -8.57 -19.39
CA LYS E 182 28.96 -8.63 -19.57
C LYS E 182 29.41 -7.52 -20.50
N ILE E 183 28.56 -7.19 -21.47
CA ILE E 183 28.86 -6.13 -22.42
C ILE E 183 28.83 -4.79 -21.68
N THR E 184 27.75 -4.58 -20.94
CA THR E 184 27.57 -3.34 -20.19
C THR E 184 28.71 -3.11 -19.20
N ALA E 185 29.15 -4.18 -18.53
CA ALA E 185 30.22 -4.09 -17.57
C ALA E 185 31.53 -3.60 -18.20
N LYS E 186 32.02 -4.36 -19.19
CA LYS E 186 33.26 -4.01 -19.88
C LYS E 186 33.19 -2.59 -20.40
N GLU E 187 32.10 -2.29 -21.11
CA GLU E 187 31.91 -0.97 -21.70
C GLU E 187 32.02 0.13 -20.64
N LEU E 188 31.28 -0.02 -19.54
CA LEU E 188 31.31 0.98 -18.49
C LEU E 188 32.70 1.08 -17.90
N ALA E 189 33.30 -0.07 -17.59
CA ALA E 189 34.64 -0.12 -17.04
C ALA E 189 35.56 0.63 -18.00
N SER E 190 35.34 0.41 -19.29
CA SER E 190 36.12 1.06 -20.35
C SER E 190 36.26 2.56 -20.08
N TYR E 191 35.15 3.22 -19.76
CA TYR E 191 35.19 4.66 -19.50
C TYR E 191 35.87 4.93 -18.16
N GLY E 192 36.05 3.88 -17.37
CA GLY E 192 36.69 4.02 -16.07
C GLY E 192 35.68 4.16 -14.95
N ILE E 193 34.49 3.59 -15.17
CA ILE E 193 33.41 3.64 -14.18
C ILE E 193 33.41 2.37 -13.33
N PRO E 194 33.59 2.51 -12.01
CA PRO E 194 33.60 1.35 -11.12
C PRO E 194 32.34 0.52 -11.36
N VAL E 195 32.53 -0.76 -11.67
CA VAL E 195 31.40 -1.63 -11.93
C VAL E 195 31.32 -2.80 -10.98
N ILE E 196 30.12 -3.09 -10.50
CA ILE E 196 29.90 -4.24 -9.62
C ILE E 196 28.99 -5.14 -10.44
N TYR E 197 29.52 -6.31 -10.81
CA TYR E 197 28.77 -7.28 -11.61
C TYR E 197 28.15 -8.32 -10.71
N VAL E 198 26.85 -8.55 -10.86
CA VAL E 198 26.18 -9.57 -10.04
C VAL E 198 25.17 -10.31 -10.90
N VAL E 199 24.63 -11.40 -10.38
CA VAL E 199 23.66 -12.16 -11.14
C VAL E 199 22.29 -11.47 -11.01
N ASP E 200 21.34 -11.86 -11.84
CA ASP E 200 20.02 -11.26 -11.80
C ASP E 200 19.37 -11.39 -10.44
N SER E 201 19.41 -12.60 -9.91
CA SER E 201 18.81 -12.92 -8.62
C SER E 201 19.26 -12.05 -7.45
N ALA E 202 20.35 -11.33 -7.60
CA ALA E 202 20.85 -10.49 -6.53
C ALA E 202 20.14 -9.11 -6.46
N ALA E 203 19.31 -8.81 -7.45
CA ALA E 203 18.59 -7.53 -7.54
C ALA E 203 18.09 -6.94 -6.22
N ARG E 204 17.18 -7.64 -5.54
CA ARG E 204 16.64 -7.15 -4.27
C ARG E 204 17.71 -7.04 -3.17
N HIS E 205 18.57 -8.05 -3.07
CA HIS E 205 19.63 -8.07 -2.08
C HIS E 205 20.49 -6.82 -2.12
N TYR E 206 20.81 -6.34 -3.32
CA TYR E 206 21.64 -5.14 -3.43
C TYR E 206 20.87 -3.85 -3.66
N MET E 207 19.55 -3.93 -3.68
CA MET E 207 18.73 -2.74 -3.88
C MET E 207 19.00 -1.79 -2.72
N LYS E 208 19.03 -2.35 -1.51
CA LYS E 208 19.25 -1.56 -0.30
C LYS E 208 20.44 -0.61 -0.40
N MET E 209 21.38 -0.91 -1.29
CA MET E 209 22.54 -0.04 -1.41
C MET E 209 22.55 0.74 -2.73
N THR E 210 21.40 0.74 -3.41
CA THR E 210 21.30 1.42 -4.68
C THR E 210 20.57 2.76 -4.58
N ASP E 211 21.22 3.81 -5.10
CA ASP E 211 20.64 5.15 -5.07
C ASP E 211 19.68 5.39 -6.23
N LYS E 212 20.04 4.90 -7.42
CA LYS E 212 19.19 5.08 -8.60
C LYS E 212 19.13 3.84 -9.48
N VAL E 213 18.01 3.66 -10.17
CA VAL E 213 17.82 2.53 -11.08
C VAL E 213 17.66 3.08 -12.49
N VAL E 214 18.61 2.77 -13.36
CA VAL E 214 18.56 3.24 -14.74
C VAL E 214 18.54 2.10 -15.75
N MET E 215 17.43 1.97 -16.46
CA MET E 215 17.27 0.94 -17.48
C MET E 215 16.66 1.51 -18.73
N GLY E 216 16.88 0.82 -19.86
CA GLY E 216 16.33 1.28 -21.12
C GLY E 216 14.93 0.73 -21.33
N ALA E 217 14.42 0.85 -22.56
CA ALA E 217 13.10 0.35 -22.87
C ALA E 217 13.01 -0.02 -24.34
N ASP E 218 12.30 -1.12 -24.61
CA ASP E 218 12.11 -1.55 -25.99
C ASP E 218 10.97 -0.71 -26.54
N SER E 219 9.97 -0.46 -25.70
CA SER E 219 8.82 0.36 -26.07
C SER E 219 8.02 0.76 -24.84
N ILE E 220 7.30 1.87 -24.93
CA ILE E 220 6.46 2.34 -23.82
C ILE E 220 5.01 2.22 -24.26
N THR E 221 4.11 1.78 -23.38
CA THR E 221 2.70 1.66 -23.74
C THR E 221 1.97 2.99 -23.51
N VAL E 222 0.72 3.06 -23.99
CA VAL E 222 -0.09 4.26 -23.85
C VAL E 222 -0.32 4.67 -22.39
N ASN E 223 -0.13 3.74 -21.47
CA ASN E 223 -0.32 4.01 -20.03
C ASN E 223 1.00 4.26 -19.31
N GLY E 224 2.10 4.25 -20.03
CA GLY E 224 3.38 4.46 -19.38
C GLY E 224 3.99 3.14 -18.93
N ALA E 225 3.37 2.03 -19.31
CA ALA E 225 3.88 0.71 -18.97
C ALA E 225 5.13 0.52 -19.84
N VAL E 226 6.14 -0.17 -19.31
CA VAL E 226 7.38 -0.35 -20.07
C VAL E 226 7.72 -1.79 -20.46
N ILE E 227 7.96 -1.98 -21.76
CA ILE E 227 8.31 -3.28 -22.30
C ILE E 227 9.83 -3.31 -22.40
N ASN E 228 10.45 -4.29 -21.73
CA ASN E 228 11.91 -4.38 -21.77
C ASN E 228 12.33 -5.81 -21.48
N LYS E 229 13.64 -6.09 -21.58
CA LYS E 229 14.15 -7.44 -21.36
C LYS E 229 13.64 -8.07 -20.06
N ILE E 230 13.21 -9.33 -20.17
CA ILE E 230 12.69 -10.08 -19.04
C ILE E 230 13.48 -9.78 -17.75
N GLY E 231 12.77 -9.60 -16.64
CA GLY E 231 13.45 -9.29 -15.39
C GLY E 231 13.38 -7.82 -15.01
N THR E 232 13.19 -6.96 -16.00
CA THR E 232 13.11 -5.52 -15.76
C THR E 232 12.04 -5.16 -14.73
N ALA E 233 10.85 -5.75 -14.86
CA ALA E 233 9.77 -5.47 -13.92
C ALA E 233 10.09 -5.99 -12.51
N LEU E 234 10.91 -7.03 -12.39
CA LEU E 234 11.26 -7.55 -11.07
C LEU E 234 12.11 -6.52 -10.37
N ILE E 235 13.10 -6.01 -11.08
CA ILE E 235 14.00 -5.01 -10.53
C ILE E 235 13.18 -3.77 -10.12
N ALA E 236 12.39 -3.25 -11.06
CA ALA E 236 11.56 -2.08 -10.79
C ALA E 236 10.65 -2.31 -9.59
N LEU E 237 10.11 -3.52 -9.47
CA LEU E 237 9.22 -3.87 -8.36
C LEU E 237 9.96 -3.78 -7.02
N THR E 238 11.19 -4.29 -6.96
CA THR E 238 11.92 -4.24 -5.70
C THR E 238 12.50 -2.87 -5.46
N ALA E 239 12.66 -2.11 -6.53
CA ALA E 239 13.19 -0.75 -6.41
C ALA E 239 12.13 0.15 -5.77
N LYS E 240 10.86 -0.12 -6.09
CA LYS E 240 9.74 0.64 -5.54
C LYS E 240 9.58 0.24 -4.09
N GLU E 241 9.85 -1.03 -3.80
CA GLU E 241 9.77 -1.57 -2.44
C GLU E 241 10.71 -0.78 -1.54
N HIS E 242 11.88 -0.45 -2.07
CA HIS E 242 12.91 0.29 -1.34
C HIS E 242 12.80 1.79 -1.65
N ARG E 243 11.74 2.17 -2.35
CA ARG E 243 11.51 3.55 -2.76
C ARG E 243 12.73 4.19 -3.44
N VAL E 244 13.44 3.43 -4.27
CA VAL E 244 14.61 3.96 -4.98
C VAL E 244 14.16 4.64 -6.28
N TRP E 245 14.78 5.77 -6.60
CA TRP E 245 14.46 6.53 -7.81
C TRP E 245 14.68 5.63 -9.03
N THR E 246 13.62 5.42 -9.81
CA THR E 246 13.66 4.56 -10.99
C THR E 246 13.38 5.28 -12.32
N MET E 247 14.43 5.43 -13.13
CA MET E 247 14.31 6.12 -14.41
C MET E 247 14.39 5.17 -15.61
N ILE E 248 13.51 5.34 -16.58
CA ILE E 248 13.55 4.53 -17.79
C ILE E 248 13.91 5.42 -18.99
N ALA E 249 15.11 5.21 -19.51
CA ALA E 249 15.61 5.98 -20.64
C ALA E 249 15.03 5.42 -21.93
N ALA E 250 14.30 6.25 -22.67
CA ALA E 250 13.69 5.81 -23.92
C ALA E 250 13.32 6.97 -24.84
N GLU E 251 13.63 6.81 -26.12
CA GLU E 251 13.32 7.81 -27.13
C GLU E 251 11.80 7.94 -27.32
N THR E 252 11.36 9.12 -27.74
CA THR E 252 9.94 9.39 -27.95
C THR E 252 9.29 8.44 -28.97
N TYR E 253 10.05 8.03 -29.98
CA TYR E 253 9.49 7.15 -30.99
C TYR E 253 9.34 5.70 -30.58
N LYS E 254 9.60 5.41 -29.31
CA LYS E 254 9.41 4.06 -28.79
C LYS E 254 8.06 3.97 -28.09
N PHE E 255 7.36 5.10 -28.03
CA PHE E 255 6.04 5.18 -27.40
C PHE E 255 5.01 4.80 -28.44
N HIS E 256 4.04 3.98 -28.07
CA HIS E 256 2.99 3.61 -29.02
C HIS E 256 1.60 3.60 -28.38
N PRO E 257 0.56 3.85 -29.18
CA PRO E 257 -0.86 3.91 -28.82
C PRO E 257 -1.52 2.72 -28.11
N GLU E 258 -1.09 1.51 -28.44
CA GLU E 258 -1.70 0.34 -27.82
C GLU E 258 -1.41 0.10 -26.34
N THR E 259 -2.19 -0.80 -25.76
CA THR E 259 -2.07 -1.20 -24.37
C THR E 259 -1.47 -2.60 -24.39
N MET E 260 -0.45 -2.82 -23.57
CA MET E 260 0.23 -4.12 -23.55
C MET E 260 0.15 -4.83 -22.20
N LEU E 261 -0.35 -4.12 -21.20
CA LEU E 261 -0.45 -4.65 -19.85
C LEU E 261 -1.84 -5.21 -19.54
N GLY E 262 -1.91 -6.27 -18.73
CA GLY E 262 -3.19 -6.86 -18.38
C GLY E 262 -3.49 -8.27 -18.86
N GLN E 263 -2.87 -8.67 -19.97
CA GLN E 263 -3.08 -9.99 -20.55
C GLN E 263 -1.98 -11.04 -20.28
N LEU E 264 -2.18 -12.24 -20.84
CA LEU E 264 -1.24 -13.35 -20.70
C LEU E 264 -0.25 -13.40 -21.87
N VAL E 265 -0.80 -13.41 -23.09
CA VAL E 265 -0.02 -13.46 -24.33
C VAL E 265 1.40 -12.93 -24.21
N GLU E 266 2.37 -13.74 -24.61
CA GLU E 266 3.79 -13.38 -24.55
C GLU E 266 4.13 -12.33 -25.61
N ILE E 267 4.90 -11.33 -25.22
CA ILE E 267 5.28 -10.29 -26.17
C ILE E 267 6.10 -10.92 -27.30
N GLU E 268 7.11 -11.72 -26.93
CA GLU E 268 7.97 -12.36 -27.91
C GLU E 268 8.71 -13.57 -27.30
N MET E 269 8.33 -14.77 -27.71
CA MET E 269 8.96 -15.98 -27.20
C MET E 269 10.18 -16.32 -28.04
N ARG E 270 11.36 -16.27 -27.41
CA ARG E 270 12.60 -16.57 -28.10
C ARG E 270 13.05 -18.03 -27.94
N ASP E 271 13.85 -18.49 -28.90
CA ASP E 271 14.36 -19.87 -28.92
C ASP E 271 14.91 -20.35 -27.58
N PRO E 272 14.49 -21.54 -27.13
CA PRO E 272 14.92 -22.12 -25.85
C PRO E 272 16.42 -22.35 -25.69
N THR E 273 17.12 -22.61 -26.80
CA THR E 273 18.55 -22.87 -26.71
C THR E 273 19.36 -21.66 -26.28
N GLU E 274 18.71 -20.52 -26.09
CA GLU E 274 19.43 -19.33 -25.63
C GLU E 274 19.73 -19.60 -24.16
N VAL E 275 18.79 -20.27 -23.50
CA VAL E 275 18.91 -20.64 -22.10
C VAL E 275 19.77 -21.91 -22.05
N ILE E 276 19.14 -23.04 -22.40
CA ILE E 276 19.82 -24.33 -22.41
C ILE E 276 20.36 -24.62 -23.80
N PRO E 277 21.69 -24.58 -23.97
CA PRO E 277 22.31 -24.85 -25.28
C PRO E 277 21.71 -26.09 -25.95
N GLU E 278 21.69 -26.08 -27.28
CA GLU E 278 21.15 -27.20 -28.04
C GLU E 278 21.83 -28.52 -27.68
N ASP E 279 23.15 -28.46 -27.51
CA ASP E 279 23.94 -29.63 -27.17
C ASP E 279 23.47 -30.32 -25.89
N GLU E 280 22.69 -29.62 -25.09
CA GLU E 280 22.20 -30.19 -23.83
C GLU E 280 20.69 -30.40 -23.78
N LEU E 281 19.93 -29.43 -24.29
CA LEU E 281 18.48 -29.55 -24.27
C LEU E 281 18.02 -30.89 -24.85
N LYS E 282 18.89 -31.52 -25.64
CA LYS E 282 18.59 -32.82 -26.26
C LYS E 282 18.49 -33.89 -25.17
N THR E 283 19.37 -33.78 -24.18
CA THR E 283 19.43 -34.71 -23.05
C THR E 283 18.12 -34.82 -22.26
N TRP E 284 17.73 -33.69 -21.67
CA TRP E 284 16.53 -33.60 -20.84
C TRP E 284 15.27 -34.33 -21.30
N PRO E 285 14.46 -34.78 -20.33
CA PRO E 285 13.21 -35.51 -20.57
C PRO E 285 12.23 -34.63 -21.36
N LYS E 286 11.29 -35.27 -22.02
CA LYS E 286 10.30 -34.56 -22.82
C LYS E 286 9.34 -33.70 -22.00
N ASN E 287 9.11 -34.06 -20.74
CA ASN E 287 8.17 -33.30 -19.92
C ASN E 287 8.73 -32.04 -19.22
N ILE E 288 9.81 -31.49 -19.77
CA ILE E 288 10.42 -30.26 -19.28
C ILE E 288 10.36 -29.22 -20.41
N GLU E 289 9.56 -28.18 -20.25
CA GLU E 289 9.47 -27.14 -21.29
C GLU E 289 10.34 -25.96 -20.90
N VAL E 290 11.21 -25.53 -21.81
CA VAL E 290 12.08 -24.38 -21.55
C VAL E 290 11.52 -23.12 -22.22
N TRP E 291 10.89 -22.26 -21.41
CA TRP E 291 10.34 -21.00 -21.91
C TRP E 291 11.37 -19.90 -21.81
N ASN E 292 11.46 -19.08 -22.86
CA ASN E 292 12.43 -17.99 -22.89
C ASN E 292 11.80 -16.69 -23.38
N PRO E 293 11.00 -16.03 -22.51
CA PRO E 293 10.34 -14.77 -22.88
C PRO E 293 11.42 -13.73 -23.11
N ALA E 294 11.20 -12.84 -24.08
CA ALA E 294 12.18 -11.80 -24.37
C ALA E 294 11.98 -10.59 -23.45
N PHE E 295 10.72 -10.29 -23.16
CA PHE E 295 10.39 -9.14 -22.35
C PHE E 295 9.31 -9.43 -21.34
N ASP E 296 9.16 -8.51 -20.39
CA ASP E 296 8.11 -8.58 -19.40
C ASP E 296 7.58 -7.14 -19.37
N VAL E 297 6.44 -6.92 -18.72
CA VAL E 297 5.84 -5.59 -18.67
C VAL E 297 5.92 -4.92 -17.29
N THR E 298 6.68 -3.84 -17.21
CA THR E 298 6.83 -3.10 -15.96
C THR E 298 5.70 -2.09 -15.86
N PRO E 299 4.88 -2.18 -14.80
CA PRO E 299 3.74 -1.26 -14.58
C PRO E 299 4.22 0.18 -14.40
N PRO E 300 3.47 1.15 -14.92
CA PRO E 300 3.89 2.56 -14.78
C PRO E 300 4.16 2.94 -13.31
N GLU E 301 3.41 2.36 -12.39
CA GLU E 301 3.57 2.62 -10.97
C GLU E 301 4.98 2.33 -10.44
N TYR E 302 5.75 1.50 -11.13
CA TYR E 302 7.10 1.19 -10.67
C TYR E 302 8.18 2.01 -11.36
N VAL E 303 7.77 3.03 -12.09
CA VAL E 303 8.73 3.91 -12.76
C VAL E 303 8.45 5.33 -12.33
N ASP E 304 9.48 6.06 -11.93
CA ASP E 304 9.31 7.45 -11.50
C ASP E 304 9.26 8.38 -12.70
N VAL E 305 10.23 8.25 -13.60
CA VAL E 305 10.26 9.08 -14.78
C VAL E 305 10.82 8.35 -15.98
N ILE E 306 10.49 8.86 -17.16
CA ILE E 306 11.00 8.31 -18.39
C ILE E 306 11.90 9.41 -18.94
N ILE E 307 13.14 9.06 -19.23
CA ILE E 307 14.08 10.04 -19.76
C ILE E 307 14.00 10.09 -21.28
N THR E 308 13.28 11.08 -21.78
CA THR E 308 13.12 11.26 -23.21
C THR E 308 14.14 12.24 -23.78
N GLU E 309 14.33 12.23 -25.09
CA GLU E 309 15.27 13.16 -25.71
C GLU E 309 14.70 14.58 -25.74
N ARG E 310 13.45 14.74 -25.29
CA ARG E 310 12.86 16.07 -25.23
C ARG E 310 12.60 16.49 -23.78
N GLY E 311 13.02 15.65 -22.83
CA GLY E 311 12.82 15.99 -21.44
C GLY E 311 12.35 14.84 -20.56
N ILE E 312 12.44 15.03 -19.25
CA ILE E 312 12.04 14.03 -18.27
C ILE E 312 10.52 14.07 -18.11
N ILE E 313 9.88 12.92 -17.96
CA ILE E 313 8.44 12.92 -17.83
C ILE E 313 7.90 11.81 -16.96
N PRO E 314 6.68 11.99 -16.44
CA PRO E 314 6.03 10.99 -15.60
C PRO E 314 5.53 9.91 -16.54
N PRO E 315 5.62 8.63 -16.15
CA PRO E 315 5.12 7.60 -17.05
C PRO E 315 3.72 7.91 -17.55
N TYR E 316 2.89 8.54 -16.70
CA TYR E 316 1.52 8.85 -17.11
C TYR E 316 1.45 9.90 -18.22
N ALA E 317 2.56 10.59 -18.45
CA ALA E 317 2.64 11.65 -19.46
C ALA E 317 3.01 11.12 -20.84
N ALA E 318 2.96 9.81 -21.00
CA ALA E 318 3.29 9.16 -22.26
C ALA E 318 2.25 9.45 -23.35
N ILE E 319 0.99 9.62 -22.95
CA ILE E 319 -0.05 9.89 -23.92
C ILE E 319 0.13 11.31 -24.49
N ASP E 320 0.74 12.19 -23.71
CA ASP E 320 0.97 13.57 -24.16
C ASP E 320 2.00 13.60 -25.26
N ILE E 321 3.02 12.78 -25.09
CA ILE E 321 4.09 12.68 -26.07
C ILE E 321 3.51 12.16 -27.38
N LEU E 322 2.63 11.18 -27.31
CA LEU E 322 2.04 10.64 -28.52
C LEU E 322 1.20 11.71 -29.22
N ARG E 323 0.80 12.73 -28.46
CA ARG E 323 0.00 13.82 -29.01
C ARG E 323 0.87 14.94 -29.57
N GLU E 324 1.68 15.53 -28.71
CA GLU E 324 2.57 16.62 -29.08
C GLU E 324 3.59 16.26 -30.14
N GLU E 325 4.09 15.03 -30.08
CA GLU E 325 5.11 14.57 -31.01
C GLU E 325 4.63 13.91 -32.29
N PHE E 326 3.70 12.96 -32.19
CA PHE E 326 3.24 12.25 -33.38
C PHE E 326 1.80 12.50 -33.79
N GLY E 327 1.19 13.53 -33.20
CA GLY E 327 -0.18 13.89 -33.53
C GLY E 327 -1.23 12.84 -33.26
N TRP E 328 -0.96 11.93 -32.33
CA TRP E 328 -1.92 10.87 -32.02
C TRP E 328 -3.13 11.44 -31.30
N ALA E 329 -4.25 10.77 -31.48
CA ALA E 329 -5.51 11.14 -30.87
C ALA E 329 -6.51 10.07 -31.27
N LEU E 330 -7.53 9.86 -30.45
CA LEU E 330 -8.53 8.84 -30.75
C LEU E 330 -9.31 9.16 -32.01
N LYS E 331 -8.66 8.86 -33.14
CA LYS E 331 -9.20 9.06 -34.49
C LYS E 331 -8.73 7.85 -35.30
N TYR E 332 -9.65 6.95 -35.61
CA TYR E 332 -9.34 5.74 -36.37
C TYR E 332 -8.39 5.98 -37.55
N THR E 333 -8.30 7.23 -37.99
CA THR E 333 -7.46 7.60 -39.13
C THR E 333 -6.01 7.97 -38.83
N GLU E 334 -5.11 7.46 -39.65
CA GLU E 334 -3.68 7.73 -39.54
C GLU E 334 -3.40 8.86 -40.54
N PRO E 335 -2.43 9.74 -40.23
CA PRO E 335 -2.14 10.84 -41.14
C PRO E 335 -1.98 10.47 -42.63
N TRP E 336 -1.71 9.21 -42.92
CA TRP E 336 -1.55 8.78 -44.31
C TRP E 336 -2.73 7.93 -44.80
N GLU E 337 -3.71 7.71 -43.94
CA GLU E 337 -4.90 6.95 -44.31
C GLU E 337 -5.99 7.95 -44.68
N ASP E 338 -6.49 7.85 -45.90
CA ASP E 338 -7.54 8.77 -46.34
C ASP E 338 -8.70 8.80 -45.34
N MET F 17 37.43 -34.25 32.31
CA MET F 17 37.98 -34.60 30.96
C MET F 17 37.91 -36.10 30.70
N ALA F 18 36.69 -36.64 30.69
CA ALA F 18 36.48 -38.09 30.46
C ALA F 18 35.40 -38.33 29.40
N VAL F 19 35.63 -37.82 28.20
CA VAL F 19 34.69 -37.97 27.09
C VAL F 19 34.94 -39.24 26.27
N VAL F 20 33.90 -40.06 26.16
CA VAL F 20 33.97 -41.29 25.39
C VAL F 20 34.65 -41.04 24.05
N LYS F 21 35.23 -42.08 23.47
CA LYS F 21 35.93 -41.97 22.20
C LYS F 21 34.97 -41.60 21.07
N GLU F 22 33.91 -42.39 20.93
CA GLU F 22 32.90 -42.20 19.88
C GLU F 22 32.49 -40.74 19.74
N VAL F 23 32.47 -40.02 20.86
CA VAL F 23 32.09 -38.62 20.88
C VAL F 23 33.13 -37.75 20.18
N LEU F 24 34.39 -37.89 20.57
CA LEU F 24 35.49 -37.14 19.97
C LEU F 24 35.62 -37.59 18.52
N GLU F 25 35.26 -38.85 18.30
CA GLU F 25 35.31 -39.47 16.98
C GLU F 25 34.40 -38.70 16.03
N ILE F 26 33.13 -38.61 16.40
CA ILE F 26 32.14 -37.91 15.58
C ILE F 26 32.39 -36.40 15.55
N ALA F 27 32.91 -35.87 16.65
CA ALA F 27 33.21 -34.45 16.71
C ALA F 27 34.29 -34.12 15.68
N GLU F 28 35.02 -35.15 15.26
CA GLU F 28 36.10 -35.02 14.27
C GLU F 28 35.50 -34.95 12.87
N LYS F 29 34.62 -35.91 12.58
CA LYS F 29 33.95 -35.96 11.29
C LYS F 29 33.17 -34.67 11.05
N ILE F 30 32.73 -34.03 12.13
CA ILE F 30 31.97 -32.79 12.05
C ILE F 30 32.86 -31.56 11.82
N LYS F 31 33.95 -31.45 12.56
CA LYS F 31 34.86 -30.32 12.43
C LYS F 31 35.71 -30.40 11.16
N ASN F 32 35.86 -31.59 10.62
CA ASN F 32 36.65 -31.78 9.41
C ASN F 32 35.83 -31.71 8.14
N MET F 33 34.50 -31.65 8.29
CA MET F 33 33.59 -31.56 7.15
C MET F 33 33.24 -32.90 6.52
N GLU F 34 33.73 -34.00 7.09
CA GLU F 34 33.41 -35.32 6.54
C GLU F 34 31.89 -35.45 6.44
N ILE F 35 31.22 -35.20 7.57
CA ILE F 35 29.76 -35.25 7.65
C ILE F 35 29.22 -33.88 7.26
N ARG F 36 28.36 -33.83 6.26
CA ARG F 36 27.79 -32.56 5.79
C ARG F 36 26.28 -32.52 5.71
N GLY F 37 25.71 -31.35 5.99
CA GLY F 37 24.27 -31.17 5.93
C GLY F 37 23.58 -30.98 7.26
N ALA F 38 22.44 -30.31 7.24
CA ALA F 38 21.66 -30.05 8.45
C ALA F 38 21.16 -31.33 9.09
N GLY F 39 20.64 -32.24 8.26
CA GLY F 39 20.14 -33.49 8.80
C GLY F 39 21.25 -34.31 9.45
N LYS F 40 22.11 -34.86 8.61
CA LYS F 40 23.21 -35.69 9.08
C LYS F 40 24.06 -35.10 10.21
N ILE F 41 24.52 -33.86 10.07
CA ILE F 41 25.34 -33.27 11.13
C ILE F 41 24.60 -33.24 12.45
N ALA F 42 23.30 -33.00 12.39
CA ALA F 42 22.50 -32.95 13.60
C ALA F 42 22.34 -34.34 14.18
N ARG F 43 21.91 -35.29 13.37
CA ARG F 43 21.74 -36.65 13.85
C ARG F 43 23.02 -37.26 14.39
N SER F 44 24.16 -36.92 13.81
CA SER F 44 25.42 -37.48 14.28
C SER F 44 25.79 -36.85 15.61
N ALA F 45 25.36 -35.61 15.81
CA ALA F 45 25.63 -34.89 17.06
C ALA F 45 24.81 -35.51 18.19
N ALA F 46 23.54 -35.79 17.88
CA ALA F 46 22.64 -36.40 18.84
C ALA F 46 23.20 -37.76 19.21
N TYR F 47 23.59 -38.52 18.19
CA TYR F 47 24.13 -39.85 18.43
C TYR F 47 25.34 -39.77 19.36
N ALA F 48 26.18 -38.77 19.13
CA ALA F 48 27.36 -38.58 19.95
C ALA F 48 26.94 -38.53 21.42
N LEU F 49 25.92 -37.73 21.70
CA LEU F 49 25.43 -37.61 23.07
C LEU F 49 24.86 -38.94 23.55
N GLN F 50 24.17 -39.65 22.66
CA GLN F 50 23.58 -40.94 23.00
C GLN F 50 24.65 -41.95 23.42
N LEU F 51 25.73 -42.05 22.64
CA LEU F 51 26.80 -42.99 22.98
C LEU F 51 27.43 -42.60 24.30
N GLN F 52 27.69 -41.31 24.49
CA GLN F 52 28.28 -40.84 25.73
C GLN F 52 27.42 -41.27 26.92
N ALA F 53 26.12 -41.35 26.70
CA ALA F 53 25.19 -41.73 27.75
C ALA F 53 25.11 -43.24 27.93
N GLU F 54 25.14 -43.96 26.82
CA GLU F 54 25.06 -45.41 26.83
C GLU F 54 26.33 -46.07 27.30
N LYS F 55 27.47 -45.44 27.02
CA LYS F 55 28.76 -46.00 27.36
C LYS F 55 29.53 -45.21 28.43
N SER F 56 28.79 -44.53 29.29
CA SER F 56 29.42 -43.74 30.35
C SER F 56 29.79 -44.62 31.53
N LYS F 57 30.73 -44.13 32.34
CA LYS F 57 31.20 -44.86 33.52
C LYS F 57 31.24 -43.97 34.76
N ALA F 58 30.16 -43.20 34.97
CA ALA F 58 30.08 -42.32 36.12
C ALA F 58 29.39 -43.09 37.23
N THR F 59 29.68 -42.76 38.48
CA THR F 59 29.06 -43.48 39.60
C THR F 59 27.82 -42.80 40.17
N ASN F 60 27.64 -41.52 39.88
CA ASN F 60 26.48 -40.79 40.35
C ASN F 60 25.99 -39.82 39.28
N VAL F 61 24.75 -39.37 39.40
CA VAL F 61 24.18 -38.46 38.41
C VAL F 61 25.00 -37.18 38.20
N ASP F 62 25.37 -36.50 39.30
CA ASP F 62 26.15 -35.25 39.20
C ASP F 62 27.42 -35.34 38.36
N GLU F 63 28.17 -36.43 38.50
CA GLU F 63 29.41 -36.58 37.74
C GLU F 63 29.05 -36.87 36.29
N PHE F 64 27.98 -37.61 36.10
CA PHE F 64 27.50 -38.00 34.77
C PHE F 64 27.09 -36.77 33.95
N TRP F 65 26.30 -35.88 34.56
CA TRP F 65 25.86 -34.66 33.88
C TRP F 65 27.08 -33.92 33.35
N LYS F 66 28.17 -33.95 34.10
CA LYS F 66 29.40 -33.29 33.68
C LYS F 66 29.89 -33.85 32.36
N GLU F 67 29.92 -35.17 32.25
CA GLU F 67 30.37 -35.80 31.02
C GLU F 67 29.44 -35.38 29.87
N MET F 68 28.14 -35.37 30.14
CA MET F 68 27.19 -34.97 29.12
C MET F 68 27.45 -33.52 28.69
N LYS F 69 27.55 -32.64 29.68
CA LYS F 69 27.80 -31.22 29.41
C LYS F 69 29.15 -31.02 28.72
N GLN F 70 30.09 -31.93 28.96
CA GLN F 70 31.41 -31.84 28.36
C GLN F 70 31.37 -32.31 26.90
N ALA F 71 30.68 -33.40 26.63
CA ALA F 71 30.59 -33.92 25.27
C ALA F 71 29.76 -32.98 24.40
N ALA F 72 28.81 -32.29 25.02
CA ALA F 72 27.94 -31.35 24.32
C ALA F 72 28.75 -30.13 23.89
N LYS F 73 29.56 -29.61 24.82
CA LYS F 73 30.39 -28.44 24.53
C LYS F 73 31.46 -28.80 23.48
N ILE F 74 31.96 -30.02 23.53
CA ILE F 74 32.97 -30.45 22.57
C ILE F 74 32.43 -30.47 21.14
N LEU F 75 31.18 -30.89 20.99
CA LEU F 75 30.55 -30.96 19.67
C LEU F 75 30.18 -29.56 19.18
N PHE F 76 29.75 -28.72 20.11
CA PHE F 76 29.36 -27.35 19.79
C PHE F 76 30.52 -26.49 19.32
N GLU F 77 31.68 -26.64 19.96
CA GLU F 77 32.86 -25.86 19.62
C GLU F 77 33.47 -26.15 18.26
N THR F 78 32.98 -27.18 17.58
CA THR F 78 33.51 -27.53 16.27
C THR F 78 33.05 -26.52 15.22
N ARG F 79 31.83 -26.02 15.38
CA ARG F 79 31.26 -25.04 14.45
C ARG F 79 30.15 -24.30 15.20
N PRO F 80 30.52 -23.47 16.19
CA PRO F 80 29.61 -22.68 17.03
C PRO F 80 28.60 -21.82 16.27
N THR F 81 28.91 -21.53 15.01
CA THR F 81 28.04 -20.70 14.17
C THR F 81 27.01 -21.51 13.36
N ALA F 82 27.17 -22.83 13.34
CA ALA F 82 26.25 -23.70 12.60
C ALA F 82 24.83 -23.56 13.17
N VAL F 83 23.85 -24.15 12.50
CA VAL F 83 22.48 -24.05 12.96
C VAL F 83 21.84 -25.38 13.39
N SER F 84 21.92 -26.40 12.53
CA SER F 84 21.34 -27.71 12.86
C SER F 84 22.04 -28.38 14.04
N LEU F 85 23.36 -28.21 14.12
CA LEU F 85 24.14 -28.79 15.19
C LEU F 85 23.69 -28.33 16.58
N PRO F 86 23.69 -27.00 16.83
CA PRO F 86 23.26 -26.51 18.14
C PRO F 86 21.86 -26.98 18.53
N ASN F 87 20.98 -27.09 17.54
CA ASN F 87 19.61 -27.52 17.84
C ASN F 87 19.54 -28.98 18.24
N ALA F 88 20.43 -29.79 17.68
CA ALA F 88 20.49 -31.20 18.04
C ALA F 88 20.88 -31.32 19.52
N LEU F 89 21.93 -30.60 19.91
CA LEU F 89 22.43 -30.61 21.28
C LEU F 89 21.38 -30.06 22.24
N ARG F 90 20.76 -28.95 21.88
CA ARG F 90 19.74 -28.37 22.72
C ARG F 90 18.62 -29.37 22.96
N TYR F 91 18.16 -30.02 21.90
CA TYR F 91 17.07 -31.00 22.02
C TYR F 91 17.36 -32.00 23.13
N VAL F 92 18.51 -32.66 23.06
CA VAL F 92 18.92 -33.65 24.05
C VAL F 92 19.24 -33.03 25.41
N MET F 93 20.19 -32.09 25.43
CA MET F 93 20.62 -31.45 26.66
C MET F 93 19.53 -30.70 27.40
N HIS F 94 18.64 -30.06 26.66
CA HIS F 94 17.55 -29.34 27.31
C HIS F 94 16.73 -30.30 28.15
N ARG F 95 16.29 -31.40 27.54
CA ARG F 95 15.49 -32.38 28.26
C ARG F 95 16.30 -33.05 29.36
N GLY F 96 17.61 -33.09 29.18
CA GLY F 96 18.49 -33.70 30.18
C GLY F 96 18.59 -32.80 31.42
N LYS F 97 18.75 -31.50 31.20
CA LYS F 97 18.86 -30.55 32.29
C LYS F 97 17.56 -30.53 33.10
N ILE F 98 16.43 -30.57 32.42
CA ILE F 98 15.14 -30.56 33.09
C ILE F 98 15.11 -31.71 34.10
N ALA F 99 15.38 -32.92 33.61
CA ALA F 99 15.40 -34.12 34.45
C ALA F 99 16.36 -33.92 35.60
N TYR F 100 17.62 -33.61 35.27
CA TYR F 100 18.65 -33.40 36.26
C TYR F 100 18.22 -32.38 37.33
N SER F 101 18.02 -31.13 36.92
CA SER F 101 17.59 -30.09 37.84
C SER F 101 16.36 -30.52 38.61
N SER F 102 15.58 -31.42 38.02
CA SER F 102 14.35 -31.91 38.64
C SER F 102 14.62 -33.00 39.70
N GLY F 103 15.90 -33.33 39.91
CA GLY F 103 16.27 -34.33 40.91
C GLY F 103 16.49 -35.76 40.47
N ALA F 104 16.35 -36.03 39.18
CA ALA F 104 16.52 -37.38 38.64
C ALA F 104 17.87 -38.01 39.02
N ASP F 105 17.90 -39.34 39.13
CA ASP F 105 19.11 -40.06 39.48
C ASP F 105 19.88 -40.50 38.22
N LEU F 106 21.10 -40.97 38.43
CA LEU F 106 21.97 -41.42 37.34
C LEU F 106 21.29 -42.25 36.26
N GLU F 107 20.63 -43.34 36.62
CA GLU F 107 19.98 -44.17 35.61
C GLU F 107 18.77 -43.51 34.99
N GLN F 108 18.16 -42.57 35.71
CA GLN F 108 17.00 -41.86 35.19
C GLN F 108 17.47 -40.86 34.14
N LEU F 109 18.46 -40.06 34.51
CA LEU F 109 19.00 -39.07 33.60
C LEU F 109 19.55 -39.72 32.34
N ARG F 110 20.27 -40.83 32.51
CA ARG F 110 20.83 -41.54 31.36
C ARG F 110 19.69 -41.88 30.41
N PHE F 111 18.62 -42.45 30.99
CA PHE F 111 17.45 -42.84 30.22
C PHE F 111 16.89 -41.66 29.41
N VAL F 112 16.68 -40.52 30.07
CA VAL F 112 16.16 -39.33 29.42
C VAL F 112 17.04 -38.89 28.26
N ILE F 113 18.34 -38.85 28.50
CA ILE F 113 19.29 -38.45 27.49
C ILE F 113 19.30 -39.37 26.29
N ILE F 114 19.38 -40.67 26.54
CA ILE F 114 19.40 -41.65 25.46
C ILE F 114 18.11 -41.64 24.65
N ASN F 115 16.97 -41.59 25.34
CA ASN F 115 15.69 -41.59 24.66
C ASN F 115 15.39 -40.25 24.01
N ALA F 116 16.11 -39.22 24.42
CA ALA F 116 15.93 -37.90 23.84
C ALA F 116 16.68 -37.84 22.52
N ALA F 117 17.85 -38.48 22.49
CA ALA F 117 18.65 -38.50 21.29
C ALA F 117 17.98 -39.34 20.22
N LYS F 118 17.59 -40.56 20.57
CA LYS F 118 16.93 -41.47 19.65
C LYS F 118 15.70 -40.83 19.04
N GLU F 119 14.93 -40.19 19.90
CA GLU F 119 13.71 -39.50 19.51
C GLU F 119 14.05 -38.48 18.43
N PHE F 120 15.09 -37.70 18.70
CA PHE F 120 15.53 -36.67 17.75
C PHE F 120 16.00 -37.25 16.43
N ILE F 121 16.84 -38.27 16.51
CA ILE F 121 17.41 -38.92 15.34
C ILE F 121 16.31 -39.50 14.46
N HIS F 122 15.32 -40.15 15.07
CA HIS F 122 14.22 -40.73 14.34
C HIS F 122 13.44 -39.62 13.64
N ASN F 123 13.03 -38.61 14.40
CA ASN F 123 12.29 -37.46 13.89
C ASN F 123 12.99 -36.86 12.68
N SER F 124 14.31 -36.72 12.77
CA SER F 124 15.10 -36.15 11.69
C SER F 124 15.19 -37.02 10.44
N GLU F 125 15.33 -38.33 10.61
CA GLU F 125 15.43 -39.24 9.46
C GLU F 125 14.12 -39.30 8.68
N LYS F 126 13.04 -38.93 9.35
CA LYS F 126 11.72 -38.97 8.73
C LYS F 126 11.21 -37.55 8.47
N ALA F 127 12.10 -36.58 8.66
CA ALA F 127 11.75 -35.17 8.48
C ALA F 127 11.20 -34.84 7.09
N LEU F 128 11.99 -35.13 6.05
CA LEU F 128 11.56 -34.84 4.70
C LEU F 128 10.22 -35.47 4.34
N GLU F 129 10.02 -36.72 4.73
CA GLU F 129 8.76 -37.39 4.44
C GLU F 129 7.60 -36.69 5.12
N ARG F 130 7.78 -36.30 6.37
CA ARG F 130 6.74 -35.62 7.11
C ARG F 130 6.45 -34.24 6.52
N ILE F 131 7.50 -33.53 6.13
CA ILE F 131 7.33 -32.21 5.54
C ILE F 131 6.48 -32.31 4.28
N GLY F 132 6.71 -33.36 3.49
CA GLY F 132 5.93 -33.57 2.28
C GLY F 132 4.46 -33.78 2.58
N GLU F 133 4.17 -34.52 3.65
CA GLU F 133 2.77 -34.79 4.03
C GLU F 133 2.02 -33.50 4.39
N PHE F 134 2.66 -32.63 5.18
CA PHE F 134 2.02 -31.38 5.59
C PHE F 134 1.90 -30.41 4.44
N GLY F 135 2.96 -30.28 3.65
CA GLY F 135 2.93 -29.38 2.51
C GLY F 135 1.95 -29.81 1.43
N ALA F 136 1.85 -31.11 1.20
CA ALA F 136 0.94 -31.64 0.19
C ALA F 136 -0.50 -31.36 0.56
N LYS F 137 -0.77 -31.14 1.85
CA LYS F 137 -2.12 -30.84 2.33
C LYS F 137 -2.57 -29.47 1.86
N ARG F 138 -1.62 -28.56 1.63
CA ARG F 138 -1.97 -27.21 1.19
C ARG F 138 -1.76 -26.98 -0.31
N ILE F 139 -1.52 -28.06 -1.05
CA ILE F 139 -1.35 -28.02 -2.49
C ILE F 139 -2.60 -28.61 -3.11
N GLU F 140 -3.28 -27.86 -3.97
CA GLU F 140 -4.50 -28.35 -4.60
C GLU F 140 -4.26 -28.91 -6.00
N ASP F 141 -5.28 -29.60 -6.51
CA ASP F 141 -5.22 -30.20 -7.85
C ASP F 141 -5.30 -29.11 -8.91
N GLY F 142 -4.37 -29.16 -9.87
CA GLY F 142 -4.35 -28.17 -10.93
C GLY F 142 -3.42 -27.02 -10.62
N ASP F 143 -2.83 -27.06 -9.42
CA ASP F 143 -1.92 -26.01 -8.98
C ASP F 143 -0.58 -25.93 -9.73
N VAL F 144 -0.21 -24.72 -10.10
CA VAL F 144 1.05 -24.46 -10.76
C VAL F 144 1.94 -23.94 -9.62
N ILE F 145 3.03 -24.64 -9.37
CA ILE F 145 3.95 -24.29 -8.30
C ILE F 145 5.30 -23.79 -8.81
N MET F 146 5.81 -22.72 -8.20
CA MET F 146 7.11 -22.17 -8.58
C MET F 146 8.08 -22.39 -7.40
N THR F 147 9.30 -22.82 -7.71
CA THR F 147 10.30 -23.05 -6.69
C THR F 147 11.62 -22.44 -7.12
N HIS F 148 12.61 -22.46 -6.23
CA HIS F 148 13.92 -21.86 -6.51
C HIS F 148 14.97 -22.83 -5.98
N CYS F 149 16.19 -22.74 -6.52
CA CYS F 149 17.30 -23.61 -6.14
C CYS F 149 16.90 -25.08 -6.14
N HIS F 150 17.62 -25.92 -5.39
CA HIS F 150 17.31 -27.33 -5.32
C HIS F 150 17.14 -27.70 -3.86
N SER F 151 15.89 -27.72 -3.41
CA SER F 151 15.58 -28.03 -2.01
C SER F 151 14.85 -29.35 -1.87
N LYS F 152 15.45 -30.27 -1.14
CA LYS F 152 14.86 -31.58 -0.92
C LYS F 152 13.54 -31.42 -0.21
N ALA F 153 13.50 -30.54 0.77
CA ALA F 153 12.29 -30.29 1.53
C ALA F 153 11.21 -29.78 0.59
N ALA F 154 11.55 -28.77 -0.21
CA ALA F 154 10.62 -28.20 -1.17
C ALA F 154 10.14 -29.30 -2.10
N ILE F 155 11.10 -29.97 -2.74
CA ILE F 155 10.80 -31.06 -3.66
C ILE F 155 9.94 -32.16 -3.03
N SER F 156 10.18 -32.46 -1.76
CA SER F 156 9.39 -33.48 -1.08
C SER F 156 7.90 -33.17 -1.10
N VAL F 157 7.55 -31.90 -0.92
CA VAL F 157 6.15 -31.47 -0.92
C VAL F 157 5.50 -31.70 -2.29
N MET F 158 6.23 -31.34 -3.34
CA MET F 158 5.77 -31.50 -4.71
C MET F 158 5.54 -32.97 -5.06
N LYS F 159 6.53 -33.82 -4.82
CA LYS F 159 6.38 -35.25 -5.11
C LYS F 159 5.18 -35.82 -4.39
N THR F 160 5.08 -35.52 -3.10
CA THR F 160 3.99 -36.01 -2.28
C THR F 160 2.62 -35.62 -2.83
N ALA F 161 2.51 -34.40 -3.33
CA ALA F 161 1.26 -33.90 -3.91
C ALA F 161 1.02 -34.62 -5.23
N TRP F 162 2.07 -34.67 -6.05
CA TRP F 162 1.98 -35.36 -7.33
C TRP F 162 1.54 -36.80 -7.08
N GLU F 163 2.24 -37.49 -6.19
CA GLU F 163 1.92 -38.88 -5.86
C GLU F 163 0.60 -39.04 -5.13
N GLN F 164 -0.09 -37.94 -4.87
CA GLN F 164 -1.40 -37.97 -4.20
C GLN F 164 -2.48 -38.07 -5.28
N GLY F 165 -2.06 -37.93 -6.53
CA GLY F 165 -3.00 -37.98 -7.64
C GLY F 165 -3.37 -36.57 -8.05
N LYS F 166 -2.84 -35.59 -7.32
CA LYS F 166 -3.11 -34.19 -7.60
C LYS F 166 -2.30 -33.74 -8.81
N ASP F 167 -3.02 -33.36 -9.85
CA ASP F 167 -2.41 -32.89 -11.09
C ASP F 167 -1.74 -31.54 -10.85
N ILE F 168 -0.43 -31.48 -11.02
CA ILE F 168 0.29 -30.23 -10.81
C ILE F 168 1.43 -30.03 -11.81
N LYS F 169 1.72 -28.78 -12.12
CA LYS F 169 2.82 -28.47 -13.01
C LYS F 169 3.73 -27.58 -12.17
N VAL F 170 5.04 -27.62 -12.42
CA VAL F 170 5.98 -26.84 -11.63
C VAL F 170 6.95 -25.99 -12.43
N ILE F 171 6.98 -24.69 -12.14
CA ILE F 171 7.87 -23.77 -12.82
C ILE F 171 9.17 -23.75 -12.02
N VAL F 172 10.26 -24.20 -12.64
CA VAL F 172 11.53 -24.25 -11.97
C VAL F 172 12.43 -23.08 -12.33
N THR F 173 12.82 -22.31 -11.34
CA THR F 173 13.69 -21.18 -11.60
C THR F 173 15.13 -21.68 -11.73
N GLU F 174 15.78 -21.29 -12.82
CA GLU F 174 17.15 -21.66 -13.13
C GLU F 174 18.05 -21.65 -11.90
N THR F 175 18.05 -20.52 -11.19
CA THR F 175 18.85 -20.36 -9.99
C THR F 175 20.33 -20.21 -10.27
N ARG F 176 20.73 -19.14 -10.95
CA ARG F 176 22.14 -18.88 -11.20
C ARG F 176 22.69 -18.62 -9.80
N PRO F 177 24.01 -18.67 -9.62
CA PRO F 177 25.04 -18.96 -10.63
C PRO F 177 25.37 -20.44 -10.82
N LYS F 178 24.83 -21.30 -9.95
CA LYS F 178 25.11 -22.74 -10.01
C LYS F 178 24.05 -23.63 -10.66
N TRP F 179 23.06 -23.02 -11.30
CA TRP F 179 22.00 -23.76 -11.99
C TRP F 179 21.31 -24.91 -11.26
N GLN F 180 21.14 -24.81 -9.93
CA GLN F 180 20.47 -25.87 -9.19
C GLN F 180 19.10 -26.19 -9.80
N GLY F 181 18.60 -25.25 -10.60
CA GLY F 181 17.31 -25.45 -11.24
C GLY F 181 17.32 -26.65 -12.17
N LYS F 182 18.42 -26.87 -12.88
CA LYS F 182 18.53 -28.02 -13.78
C LYS F 182 18.26 -29.30 -13.00
N ILE F 183 18.94 -29.46 -11.87
CA ILE F 183 18.78 -30.62 -11.01
C ILE F 183 17.32 -30.82 -10.61
N THR F 184 16.68 -29.73 -10.21
CA THR F 184 15.29 -29.78 -9.80
C THR F 184 14.43 -30.14 -11.00
N ALA F 185 14.69 -29.46 -12.13
CA ALA F 185 13.94 -29.71 -13.36
C ALA F 185 13.99 -31.20 -13.74
N LYS F 186 15.20 -31.75 -13.91
CA LYS F 186 15.35 -33.16 -14.25
C LYS F 186 14.74 -34.07 -13.19
N GLU F 187 15.06 -33.82 -11.91
CA GLU F 187 14.55 -34.63 -10.84
C GLU F 187 13.02 -34.68 -10.82
N LEU F 188 12.37 -33.52 -10.80
CA LEU F 188 10.91 -33.47 -10.80
C LEU F 188 10.38 -34.14 -12.07
N ALA F 189 11.13 -33.99 -13.15
CA ALA F 189 10.76 -34.58 -14.43
C ALA F 189 10.60 -36.09 -14.20
N SER F 190 11.67 -36.71 -13.72
CA SER F 190 11.68 -38.14 -13.44
C SER F 190 10.39 -38.65 -12.80
N TYR F 191 9.97 -38.03 -11.71
CA TYR F 191 8.76 -38.45 -11.01
C TYR F 191 7.52 -38.33 -11.88
N GLY F 192 7.69 -37.80 -13.09
CA GLY F 192 6.58 -37.65 -14.01
C GLY F 192 5.90 -36.31 -13.94
N ILE F 193 6.45 -35.41 -13.14
CA ILE F 193 5.88 -34.08 -12.97
C ILE F 193 6.26 -33.13 -14.10
N PRO F 194 5.25 -32.60 -14.82
CA PRO F 194 5.54 -31.68 -15.91
C PRO F 194 6.25 -30.43 -15.39
N VAL F 195 7.44 -30.18 -15.92
CA VAL F 195 8.27 -29.05 -15.52
C VAL F 195 8.39 -27.97 -16.60
N ILE F 196 8.44 -26.71 -16.15
CA ILE F 196 8.62 -25.56 -17.05
C ILE F 196 9.87 -24.85 -16.54
N TYR F 197 10.95 -24.87 -17.30
CA TYR F 197 12.20 -24.24 -16.92
C TYR F 197 12.25 -22.77 -17.35
N VAL F 198 12.55 -21.87 -16.43
CA VAL F 198 12.60 -20.45 -16.76
C VAL F 198 13.78 -19.79 -16.05
N VAL F 199 14.33 -18.73 -16.64
CA VAL F 199 15.45 -18.04 -16.05
C VAL F 199 14.97 -17.31 -14.79
N ASP F 200 15.89 -16.91 -13.90
CA ASP F 200 15.48 -16.25 -12.65
C ASP F 200 14.70 -14.96 -12.86
N SER F 201 15.10 -14.21 -13.88
CA SER F 201 14.48 -12.93 -14.22
C SER F 201 13.01 -12.97 -14.61
N ALA F 202 12.48 -14.16 -14.84
CA ALA F 202 11.09 -14.31 -15.26
C ALA F 202 10.13 -14.62 -14.12
N ALA F 203 10.63 -14.56 -12.91
CA ALA F 203 9.80 -14.85 -11.75
C ALA F 203 8.50 -14.05 -11.75
N ARG F 204 8.60 -12.74 -11.89
CA ARG F 204 7.38 -11.93 -11.87
C ARG F 204 6.49 -12.24 -13.06
N HIS F 205 7.09 -12.21 -14.25
CA HIS F 205 6.36 -12.48 -15.48
C HIS F 205 5.48 -13.72 -15.36
N TYR F 206 5.98 -14.78 -14.72
CA TYR F 206 5.19 -15.98 -14.58
C TYR F 206 4.40 -16.14 -13.28
N MET F 207 4.65 -15.27 -12.31
CA MET F 207 3.93 -15.32 -11.04
C MET F 207 2.44 -15.13 -11.31
N LYS F 208 2.15 -14.51 -12.46
CA LYS F 208 0.76 -14.25 -12.85
C LYS F 208 0.01 -15.54 -13.02
N MET F 209 0.73 -16.60 -13.40
CA MET F 209 0.12 -17.90 -13.63
C MET F 209 0.53 -18.95 -12.60
N THR F 210 0.99 -18.48 -11.44
CA THR F 210 1.41 -19.38 -10.37
C THR F 210 0.37 -19.44 -9.27
N ASP F 211 0.10 -20.64 -8.78
CA ASP F 211 -0.90 -20.83 -7.72
C ASP F 211 -0.26 -20.96 -6.35
N LYS F 212 0.98 -21.44 -6.32
CA LYS F 212 1.69 -21.65 -5.07
C LYS F 212 3.20 -21.56 -5.24
N VAL F 213 3.85 -20.88 -4.31
CA VAL F 213 5.30 -20.79 -4.31
C VAL F 213 5.75 -21.72 -3.18
N VAL F 214 6.73 -22.57 -3.46
CA VAL F 214 7.25 -23.49 -2.45
C VAL F 214 8.75 -23.55 -2.57
N MET F 215 9.44 -23.08 -1.54
CA MET F 215 10.90 -23.07 -1.55
C MET F 215 11.46 -23.65 -0.24
N GLY F 216 12.79 -23.76 -0.17
CA GLY F 216 13.43 -24.30 1.01
C GLY F 216 14.14 -23.23 1.82
N ALA F 217 14.80 -23.63 2.90
CA ALA F 217 15.50 -22.64 3.72
C ALA F 217 16.84 -23.13 4.22
N ASP F 218 17.85 -22.29 4.11
CA ASP F 218 19.15 -22.68 4.65
C ASP F 218 19.11 -22.48 6.17
N SER F 219 18.14 -21.68 6.62
CA SER F 219 17.94 -21.38 8.05
C SER F 219 16.79 -20.38 8.21
N ILE F 220 16.21 -20.36 9.41
CA ILE F 220 15.11 -19.46 9.72
C ILE F 220 15.51 -18.67 10.98
N THR F 221 15.25 -17.37 11.00
CA THR F 221 15.60 -16.55 12.16
C THR F 221 14.54 -16.58 13.25
N VAL F 222 14.85 -15.97 14.40
CA VAL F 222 13.93 -15.92 15.54
C VAL F 222 12.62 -15.22 15.17
N ASN F 223 12.67 -14.36 14.16
CA ASN F 223 11.49 -13.63 13.72
C ASN F 223 10.82 -14.24 12.52
N GLY F 224 11.29 -15.41 12.10
CA GLY F 224 10.69 -16.06 10.95
C GLY F 224 11.23 -15.62 9.60
N ALA F 225 12.34 -14.89 9.58
CA ALA F 225 12.91 -14.48 8.30
C ALA F 225 13.60 -15.72 7.74
N VAL F 226 13.48 -15.90 6.43
CA VAL F 226 14.06 -17.06 5.74
C VAL F 226 15.35 -16.79 5.00
N ILE F 227 16.43 -17.43 5.43
CA ILE F 227 17.73 -17.28 4.77
C ILE F 227 17.86 -18.41 3.77
N ASN F 228 17.70 -18.11 2.49
CA ASN F 228 17.77 -19.11 1.45
C ASN F 228 18.58 -18.61 0.27
N LYS F 229 18.76 -19.47 -0.74
CA LYS F 229 19.56 -19.10 -1.91
C LYS F 229 19.21 -17.77 -2.57
N ILE F 230 20.25 -17.01 -2.94
CA ILE F 230 20.10 -15.72 -3.59
C ILE F 230 18.96 -15.73 -4.63
N GLY F 231 18.06 -14.76 -4.51
CA GLY F 231 16.94 -14.66 -5.42
C GLY F 231 15.65 -15.10 -4.78
N THR F 232 15.74 -15.76 -3.63
CA THR F 232 14.56 -16.26 -2.94
C THR F 232 13.66 -15.10 -2.47
N ALA F 233 14.28 -14.02 -2.00
CA ALA F 233 13.53 -12.88 -1.53
C ALA F 233 12.76 -12.24 -2.70
N LEU F 234 13.39 -12.18 -3.87
CA LEU F 234 12.74 -11.62 -5.06
C LEU F 234 11.43 -12.32 -5.40
N ILE F 235 11.45 -13.64 -5.32
CA ILE F 235 10.27 -14.42 -5.66
C ILE F 235 9.12 -14.24 -4.67
N ALA F 236 9.45 -14.24 -3.37
CA ALA F 236 8.44 -14.07 -2.33
C ALA F 236 7.85 -12.67 -2.49
N LEU F 237 8.72 -11.71 -2.87
CA LEU F 237 8.31 -10.34 -3.08
C LEU F 237 7.17 -10.31 -4.11
N THR F 238 7.44 -10.81 -5.32
CA THR F 238 6.43 -10.82 -6.38
C THR F 238 5.25 -11.72 -6.01
N ALA F 239 5.51 -12.73 -5.19
CA ALA F 239 4.42 -13.61 -4.79
C ALA F 239 3.53 -12.81 -3.83
N LYS F 240 4.13 -11.92 -3.05
CA LYS F 240 3.35 -11.11 -2.12
C LYS F 240 2.55 -10.14 -2.98
N GLU F 241 3.21 -9.60 -4.00
CA GLU F 241 2.61 -8.66 -4.94
C GLU F 241 1.35 -9.23 -5.57
N HIS F 242 1.39 -10.51 -5.96
CA HIS F 242 0.27 -11.20 -6.61
C HIS F 242 -0.62 -12.02 -5.68
N ARG F 243 -0.45 -11.86 -4.37
CA ARG F 243 -1.24 -12.61 -3.39
C ARG F 243 -1.16 -14.13 -3.61
N VAL F 244 -0.02 -14.61 -4.09
CA VAL F 244 0.19 -16.04 -4.31
C VAL F 244 0.72 -16.66 -3.03
N TRP F 245 -0.05 -17.60 -2.48
CA TRP F 245 0.30 -18.32 -1.25
C TRP F 245 1.74 -18.85 -1.29
N THR F 246 2.59 -18.35 -0.41
CA THR F 246 4.00 -18.76 -0.36
C THR F 246 4.37 -19.63 0.84
N MET F 247 4.92 -20.81 0.58
CA MET F 247 5.33 -21.72 1.65
C MET F 247 6.82 -22.03 1.61
N ILE F 248 7.42 -22.15 2.78
CA ILE F 248 8.83 -22.47 2.90
C ILE F 248 8.90 -23.79 3.63
N ALA F 249 9.51 -24.80 3.00
CA ALA F 249 9.64 -26.11 3.61
C ALA F 249 10.97 -26.11 4.36
N ALA F 250 10.91 -26.33 5.67
CA ALA F 250 12.12 -26.32 6.46
C ALA F 250 11.98 -27.10 7.75
N GLU F 251 13.02 -27.86 8.08
CA GLU F 251 13.03 -28.65 9.31
C GLU F 251 13.17 -27.76 10.55
N THR F 252 12.57 -28.20 11.66
CA THR F 252 12.61 -27.47 12.92
C THR F 252 14.03 -27.12 13.35
N TYR F 253 14.97 -28.05 13.17
CA TYR F 253 16.34 -27.76 13.56
C TYR F 253 17.04 -26.75 12.66
N LYS F 254 16.30 -26.12 11.75
CA LYS F 254 16.89 -25.11 10.88
C LYS F 254 16.63 -23.72 11.44
N PHE F 255 15.78 -23.64 12.46
CA PHE F 255 15.44 -22.39 13.11
C PHE F 255 16.62 -21.96 13.96
N HIS F 256 16.99 -20.70 13.80
CA HIS F 256 18.16 -20.12 14.46
C HIS F 256 17.79 -19.01 15.46
N PRO F 257 18.33 -19.05 16.68
CA PRO F 257 18.03 -18.03 17.69
C PRO F 257 18.66 -16.67 17.43
N GLU F 258 18.97 -16.37 16.18
CA GLU F 258 19.60 -15.09 15.83
C GLU F 258 18.63 -14.19 15.05
N THR F 259 18.80 -12.88 15.21
CA THR F 259 17.96 -11.93 14.52
C THR F 259 18.71 -11.22 13.39
N MET F 260 18.01 -10.90 12.31
CA MET F 260 18.62 -10.22 11.15
C MET F 260 18.20 -8.77 11.08
N LEU F 261 17.43 -8.33 12.05
CA LEU F 261 16.99 -6.94 12.04
C LEU F 261 18.20 -6.01 12.21
N GLY F 262 19.01 -6.26 13.24
CA GLY F 262 20.15 -5.40 13.53
C GLY F 262 21.54 -5.47 12.90
N GLN F 263 21.99 -6.62 12.41
CA GLN F 263 23.34 -6.77 11.83
C GLN F 263 23.84 -5.94 10.61
N LEU F 264 23.09 -5.95 9.50
CA LEU F 264 23.46 -5.19 8.29
C LEU F 264 24.58 -5.76 7.40
N VAL F 265 25.27 -6.81 7.83
CA VAL F 265 26.36 -7.35 7.01
C VAL F 265 25.99 -8.61 6.22
N GLU F 266 26.89 -9.01 5.32
CA GLU F 266 26.70 -10.17 4.46
C GLU F 266 26.62 -11.50 5.22
N ILE F 267 25.83 -12.42 4.70
CA ILE F 267 25.67 -13.74 5.30
C ILE F 267 26.87 -14.62 4.89
N GLU F 268 27.05 -14.78 3.58
CA GLU F 268 28.14 -15.59 3.05
C GLU F 268 28.49 -15.17 1.62
N MET F 269 29.72 -14.69 1.44
CA MET F 269 30.19 -14.28 0.13
C MET F 269 30.89 -15.47 -0.53
N ARG F 270 30.56 -15.77 -1.79
CA ARG F 270 31.20 -16.90 -2.45
C ARG F 270 32.15 -16.56 -3.60
N ASP F 271 32.94 -17.55 -4.00
CA ASP F 271 33.92 -17.43 -5.08
C ASP F 271 33.31 -16.76 -6.31
N PRO F 272 33.92 -15.66 -6.77
CA PRO F 272 33.44 -14.94 -7.96
C PRO F 272 33.40 -15.79 -9.22
N THR F 273 34.25 -16.81 -9.25
CA THR F 273 34.35 -17.70 -10.41
C THR F 273 33.11 -18.55 -10.67
N GLU F 274 32.18 -18.62 -9.71
CA GLU F 274 30.96 -19.40 -9.92
C GLU F 274 30.07 -18.61 -10.88
N VAL F 275 30.31 -17.29 -10.90
CA VAL F 275 29.57 -16.36 -11.75
C VAL F 275 30.26 -16.22 -13.09
N ILE F 276 31.46 -15.64 -13.07
CA ILE F 276 32.26 -15.44 -14.27
C ILE F 276 33.53 -16.28 -14.14
N PRO F 277 33.60 -17.39 -14.89
CA PRO F 277 34.75 -18.31 -14.89
C PRO F 277 36.12 -17.63 -14.80
N GLU F 278 37.07 -18.32 -14.17
CA GLU F 278 38.42 -17.80 -14.00
C GLU F 278 39.05 -17.45 -15.34
N ASP F 279 38.89 -18.35 -16.31
CA ASP F 279 39.41 -18.16 -17.65
C ASP F 279 38.91 -16.87 -18.30
N GLU F 280 37.61 -16.62 -18.18
CA GLU F 280 37.00 -15.42 -18.75
C GLU F 280 37.25 -14.19 -17.87
N LEU F 281 37.08 -14.35 -16.56
CA LEU F 281 37.27 -13.25 -15.61
C LEU F 281 38.67 -12.63 -15.58
N LYS F 282 39.68 -13.48 -15.70
CA LYS F 282 41.06 -13.04 -15.69
C LYS F 282 41.31 -11.95 -16.73
N THR F 283 40.34 -11.74 -17.61
CA THR F 283 40.48 -10.72 -18.65
C THR F 283 39.56 -9.51 -18.51
N TRP F 284 39.16 -9.20 -17.27
CA TRP F 284 38.30 -8.04 -17.00
C TRP F 284 39.07 -6.99 -16.20
N PRO F 285 38.85 -5.71 -16.51
CA PRO F 285 39.50 -4.58 -15.83
C PRO F 285 39.38 -4.58 -14.31
N LYS F 286 40.16 -3.70 -13.66
CA LYS F 286 40.13 -3.59 -12.21
C LYS F 286 38.90 -2.81 -11.82
N ASN F 287 38.22 -2.23 -12.82
CA ASN F 287 37.01 -1.47 -12.58
C ASN F 287 35.89 -2.43 -12.26
N ILE F 288 35.94 -3.60 -12.88
CA ILE F 288 34.91 -4.60 -12.67
C ILE F 288 35.23 -5.49 -11.48
N GLU F 289 34.22 -5.68 -10.65
CA GLU F 289 34.32 -6.48 -9.46
C GLU F 289 33.07 -7.35 -9.44
N VAL F 290 33.23 -8.63 -9.12
CA VAL F 290 32.09 -9.53 -9.09
C VAL F 290 31.71 -9.87 -7.66
N TRP F 291 30.40 -9.85 -7.41
CA TRP F 291 29.87 -10.15 -6.09
C TRP F 291 28.90 -11.31 -6.21
N ASN F 292 29.20 -12.36 -5.47
CA ASN F 292 28.38 -13.54 -5.51
C ASN F 292 27.86 -13.94 -4.13
N PRO F 293 26.81 -13.24 -3.63
CA PRO F 293 26.26 -13.57 -2.32
C PRO F 293 25.62 -14.95 -2.43
N ALA F 294 25.81 -15.78 -1.43
CA ALA F 294 25.23 -17.11 -1.47
C ALA F 294 23.73 -17.06 -1.21
N PHE F 295 23.33 -16.26 -0.22
CA PHE F 295 21.92 -16.15 0.14
C PHE F 295 21.43 -14.71 0.23
N ASP F 296 20.14 -14.56 0.47
CA ASP F 296 19.52 -13.26 0.66
C ASP F 296 18.46 -13.49 1.72
N VAL F 297 18.03 -12.43 2.37
CA VAL F 297 17.06 -12.58 3.44
C VAL F 297 15.63 -12.28 3.07
N THR F 298 14.76 -13.28 3.18
CA THR F 298 13.36 -13.07 2.91
C THR F 298 12.61 -12.70 4.19
N PRO F 299 12.01 -11.49 4.21
CA PRO F 299 11.26 -10.97 5.36
C PRO F 299 10.12 -11.92 5.68
N PRO F 300 9.72 -12.00 6.96
CA PRO F 300 8.61 -12.91 7.29
C PRO F 300 7.27 -12.45 6.70
N GLU F 301 7.16 -11.18 6.34
CA GLU F 301 5.90 -10.69 5.78
C GLU F 301 5.60 -11.31 4.43
N TYR F 302 6.64 -11.70 3.68
CA TYR F 302 6.45 -12.32 2.36
C TYR F 302 6.40 -13.84 2.41
N VAL F 303 6.03 -14.39 3.57
CA VAL F 303 5.93 -15.84 3.76
C VAL F 303 4.66 -16.17 4.54
N ASP F 304 3.77 -16.97 3.94
CA ASP F 304 2.53 -17.31 4.62
C ASP F 304 2.69 -18.41 5.68
N VAL F 305 3.43 -19.46 5.35
CA VAL F 305 3.62 -20.55 6.30
C VAL F 305 4.95 -21.26 6.12
N ILE F 306 5.47 -21.80 7.21
CA ILE F 306 6.70 -22.57 7.18
C ILE F 306 6.27 -23.99 7.49
N ILE F 307 6.63 -24.92 6.60
CA ILE F 307 6.27 -26.33 6.78
C ILE F 307 7.42 -27.07 7.46
N THR F 308 7.13 -27.64 8.62
CA THR F 308 8.12 -28.40 9.40
C THR F 308 7.67 -29.85 9.54
N GLU F 309 8.46 -30.68 10.22
CA GLU F 309 8.11 -32.08 10.43
C GLU F 309 6.93 -32.23 11.36
N ARG F 310 6.75 -31.25 12.24
CA ARG F 310 5.64 -31.28 13.19
C ARG F 310 4.40 -30.61 12.67
N GLY F 311 4.55 -29.88 11.57
CA GLY F 311 3.39 -29.21 11.00
C GLY F 311 3.63 -27.83 10.44
N ILE F 312 2.52 -27.18 10.12
CA ILE F 312 2.51 -25.85 9.53
C ILE F 312 2.39 -24.74 10.57
N ILE F 313 3.23 -23.71 10.45
CA ILE F 313 3.20 -22.57 11.37
C ILE F 313 3.47 -21.22 10.69
N PRO F 314 2.98 -20.14 11.29
CA PRO F 314 3.24 -18.83 10.69
C PRO F 314 4.69 -18.47 11.02
N PRO F 315 5.37 -17.72 10.12
CA PRO F 315 6.77 -17.34 10.34
C PRO F 315 7.10 -16.79 11.74
N TYR F 316 6.21 -15.96 12.28
CA TYR F 316 6.41 -15.36 13.58
C TYR F 316 6.26 -16.32 14.75
N ALA F 317 6.00 -17.58 14.43
CA ALA F 317 5.87 -18.59 15.48
C ALA F 317 7.22 -19.31 15.60
N ALA F 318 8.20 -18.86 14.82
CA ALA F 318 9.54 -19.43 14.82
C ALA F 318 10.11 -19.53 16.23
N ILE F 319 9.93 -18.48 17.01
CA ILE F 319 10.45 -18.46 18.35
C ILE F 319 9.78 -19.49 19.25
N ASP F 320 8.55 -19.87 18.93
CA ASP F 320 7.84 -20.87 19.73
C ASP F 320 8.43 -22.26 19.48
N ILE F 321 8.93 -22.49 18.27
CA ILE F 321 9.55 -23.76 17.93
C ILE F 321 10.85 -23.88 18.72
N LEU F 322 11.66 -22.81 18.67
CA LEU F 322 12.91 -22.78 19.39
C LEU F 322 12.69 -23.03 20.89
N ARG F 323 11.60 -22.47 21.42
CA ARG F 323 11.29 -22.64 22.84
C ARG F 323 10.77 -24.04 23.13
N GLU F 324 9.71 -24.44 22.44
CA GLU F 324 9.11 -25.75 22.65
C GLU F 324 9.95 -26.95 22.22
N GLU F 325 10.60 -26.85 21.06
CA GLU F 325 11.43 -27.96 20.61
C GLU F 325 12.76 -28.01 21.34
N PHE F 326 13.55 -26.96 21.17
CA PHE F 326 14.88 -26.89 21.73
C PHE F 326 15.08 -26.29 23.12
N GLY F 327 13.99 -25.83 23.72
CA GLY F 327 14.07 -25.26 25.06
C GLY F 327 14.84 -23.95 25.17
N TRP F 328 15.11 -23.32 24.04
CA TRP F 328 15.85 -22.08 24.04
C TRP F 328 15.08 -20.91 24.65
N ALA F 329 15.82 -20.00 25.26
CA ALA F 329 15.27 -18.81 25.86
C ALA F 329 16.38 -17.79 25.89
N LEU F 330 16.05 -16.55 25.55
CA LEU F 330 17.04 -15.47 25.53
C LEU F 330 17.66 -15.27 26.91
N LYS F 331 16.81 -15.26 27.94
CA LYS F 331 17.27 -15.05 29.31
C LYS F 331 17.96 -16.26 29.93
N TYR F 332 18.03 -17.37 29.19
CA TYR F 332 18.68 -18.58 29.70
C TYR F 332 19.99 -18.88 28.98
N THR F 333 20.82 -19.70 29.62
CA THR F 333 22.11 -20.12 29.08
C THR F 333 21.86 -21.38 28.26
N GLU F 334 22.81 -21.78 27.41
CA GLU F 334 22.62 -23.00 26.64
C GLU F 334 22.57 -24.13 27.67
N PRO F 335 21.75 -25.16 27.42
CA PRO F 335 21.64 -26.27 28.37
C PRO F 335 22.92 -27.02 28.78
N TRP F 336 24.05 -26.72 28.15
CA TRP F 336 25.29 -27.39 28.50
C TRP F 336 26.34 -26.44 29.10
N GLU F 337 25.90 -25.24 29.48
CA GLU F 337 26.79 -24.25 30.06
C GLU F 337 26.76 -24.32 31.59
N ASP F 338 27.74 -23.69 32.21
CA ASP F 338 27.86 -23.65 33.67
C ASP F 338 28.10 -25.03 34.29
#